data_3JST
# 
_entry.id   3JST 
# 
_audit_conform.dict_name       mmcif_pdbx.dic 
_audit_conform.dict_version    5.378 
_audit_conform.dict_location   http://mmcif.pdb.org/dictionaries/ascii/mmcif_pdbx.dic 
# 
loop_
_database_2.database_id 
_database_2.database_code 
_database_2.pdbx_database_accession 
_database_2.pdbx_DOI 
PDB   3JST         pdb_00003jst 10.2210/pdb3jst/pdb 
RCSB  RCSB055114   ?            ?                   
WWPDB D_1000055114 ?            ?                   
# 
_pdbx_database_related.db_name        TargetDB 
_pdbx_database_related.db_id          brabA.00012.a 
_pdbx_database_related.details        . 
_pdbx_database_related.content_type   unspecified 
# 
_pdbx_database_status.status_code                     REL 
_pdbx_database_status.entry_id                        3JST 
_pdbx_database_status.recvd_initial_deposition_date   2009-09-10 
_pdbx_database_status.deposit_site                    RCSB 
_pdbx_database_status.process_site                    RCSB 
_pdbx_database_status.status_code_sf                  REL 
_pdbx_database_status.status_code_mr                  ? 
_pdbx_database_status.SG_entry                        Y 
_pdbx_database_status.pdb_format_compatible           Y 
_pdbx_database_status.status_code_cs                  ? 
_pdbx_database_status.status_code_nmr_data            ? 
_pdbx_database_status.methods_development_category    ? 
# 
_audit_author.name           'Seattle Structural Genomics Center for Infectious Disease (SSGCID)' 
_audit_author.pdbx_ordinal   1 
# 
_citation.id                        primary 
_citation.title                     'Crystal structure of transcriptional coactivator/pterin dehydratase from Brucella Melitensis' 
_citation.journal_abbrev            'To be Published' 
_citation.journal_volume            ? 
_citation.page_first                ? 
_citation.page_last                 ? 
_citation.year                      ? 
_citation.journal_id_ASTM           ? 
_citation.country                   ? 
_citation.journal_id_ISSN           ? 
_citation.journal_id_CSD            0353 
_citation.book_publisher            ? 
_citation.pdbx_database_id_PubMed   ? 
_citation.pdbx_database_id_DOI      ? 
# 
_citation_author.citation_id        primary 
_citation_author.name               'Seattle Structural Genomics Center for Infectious Disease (SSGCID)' 
_citation_author.ordinal            1 
_citation_author.identifier_ORCID   ? 
# 
_cell.entry_id           3JST 
_cell.length_a           53.759 
_cell.length_b           85.498 
_cell.length_c           50.680 
_cell.angle_alpha        90.00 
_cell.angle_beta         90.00 
_cell.angle_gamma        90.00 
_cell.Z_PDB              8 
_cell.pdbx_unique_axis   ? 
_cell.length_a_esd       ? 
_cell.length_b_esd       ? 
_cell.length_c_esd       ? 
_cell.angle_alpha_esd    ? 
_cell.angle_beta_esd     ? 
_cell.angle_gamma_esd    ? 
# 
_symmetry.entry_id                         3JST 
_symmetry.space_group_name_H-M             'P 21 21 2' 
_symmetry.pdbx_full_space_group_name_H-M   ? 
_symmetry.cell_setting                     ? 
_symmetry.Int_Tables_number                18 
_symmetry.space_group_name_Hall            ? 
# 
loop_
_entity.id 
_entity.type 
_entity.src_method 
_entity.pdbx_description 
_entity.formula_weight 
_entity.pdbx_number_of_molecules 
_entity.pdbx_ec 
_entity.pdbx_mutation 
_entity.pdbx_fragment 
_entity.details 
1 polymer     man 'Putative pterin-4-alpha-carbinolamine dehydratase' 11070.489 2   4.2.1.96 ? ? ? 
2 non-polymer syn 1,2-ETHANEDIOL                                      62.068    2   ?        ? ? ? 
3 water       nat water                                               18.015    196 ?        ? ? ? 
# 
_entity_name_com.entity_id   1 
_entity_name_com.name        'PHS, 4-alpha-hydroxy-tetrahydropterin dehydratase, Pterin carbinolamine dehydratase, PCD' 
# 
_entity_poly.entity_id                      1 
_entity_poly.type                           'polypeptide(L)' 
_entity_poly.nstd_linkage                   no 
_entity_poly.nstd_monomer                   no 
_entity_poly.pdbx_seq_one_letter_code       
;MARNRLTESEMNEALRALDGWQKVDGREAITRSFKFKDFSTAFGFMAQAALYAEKLDHHPEWFNAYNRVDVTLATHSENG
VTELDIKMARKMNAIAG
;
_entity_poly.pdbx_seq_one_letter_code_can   
;MARNRLTESEMNEALRALDGWQKVDGREAITRSFKFKDFSTAFGFMAQAALYAEKLDHHPEWFNAYNRVDVTLATHSENG
VTELDIKMARKMNAIAG
;
_entity_poly.pdbx_strand_id                 A,B 
_entity_poly.pdbx_target_identifier         brabA.00012.a 
# 
loop_
_entity_poly_seq.entity_id 
_entity_poly_seq.num 
_entity_poly_seq.mon_id 
_entity_poly_seq.hetero 
1 1  MET n 
1 2  ALA n 
1 3  ARG n 
1 4  ASN n 
1 5  ARG n 
1 6  LEU n 
1 7  THR n 
1 8  GLU n 
1 9  SER n 
1 10 GLU n 
1 11 MET n 
1 12 ASN n 
1 13 GLU n 
1 14 ALA n 
1 15 LEU n 
1 16 ARG n 
1 17 ALA n 
1 18 LEU n 
1 19 ASP n 
1 20 GLY n 
1 21 TRP n 
1 22 GLN n 
1 23 LYS n 
1 24 VAL n 
1 25 ASP n 
1 26 GLY n 
1 27 ARG n 
1 28 GLU n 
1 29 ALA n 
1 30 ILE n 
1 31 THR n 
1 32 ARG n 
1 33 SER n 
1 34 PHE n 
1 35 LYS n 
1 36 PHE n 
1 37 LYS n 
1 38 ASP n 
1 39 PHE n 
1 40 SER n 
1 41 THR n 
1 42 ALA n 
1 43 PHE n 
1 44 GLY n 
1 45 PHE n 
1 46 MET n 
1 47 ALA n 
1 48 GLN n 
1 49 ALA n 
1 50 ALA n 
1 51 LEU n 
1 52 TYR n 
1 53 ALA n 
1 54 GLU n 
1 55 LYS n 
1 56 LEU n 
1 57 ASP n 
1 58 HIS n 
1 59 HIS n 
1 60 PRO n 
1 61 GLU n 
1 62 TRP n 
1 63 PHE n 
1 64 ASN n 
1 65 ALA n 
1 66 TYR n 
1 67 ASN n 
1 68 ARG n 
1 69 VAL n 
1 70 ASP n 
1 71 VAL n 
1 72 THR n 
1 73 LEU n 
1 74 ALA n 
1 75 THR n 
1 76 HIS n 
1 77 SER n 
1 78 GLU n 
1 79 ASN n 
1 80 GLY n 
1 81 VAL n 
1 82 THR n 
1 83 GLU n 
1 84 LEU n 
1 85 ASP n 
1 86 ILE n 
1 87 LYS n 
1 88 MET n 
1 89 ALA n 
1 90 ARG n 
1 91 LYS n 
1 92 MET n 
1 93 ASN n 
1 94 ALA n 
1 95 ILE n 
1 96 ALA n 
1 97 GLY n 
# 
_entity_src_gen.entity_id                          1 
_entity_src_gen.pdbx_src_id                        1 
_entity_src_gen.pdbx_alt_source_flag               sample 
_entity_src_gen.pdbx_seq_type                      ? 
_entity_src_gen.pdbx_beg_seq_num                   ? 
_entity_src_gen.pdbx_end_seq_num                   ? 
_entity_src_gen.gene_src_common_name               ? 
_entity_src_gen.gene_src_genus                     ? 
_entity_src_gen.pdbx_gene_src_gene                 'phhB, BMEI1864' 
_entity_src_gen.gene_src_species                   ? 
_entity_src_gen.gene_src_strain                    ? 
_entity_src_gen.gene_src_tissue                    ? 
_entity_src_gen.gene_src_tissue_fraction           ? 
_entity_src_gen.gene_src_details                   'SMT3 Fusion' 
_entity_src_gen.pdbx_gene_src_fragment             ? 
_entity_src_gen.pdbx_gene_src_scientific_name      'Brucella melitensis' 
_entity_src_gen.pdbx_gene_src_ncbi_taxonomy_id     29459 
_entity_src_gen.pdbx_gene_src_variant              ? 
_entity_src_gen.pdbx_gene_src_cell_line            ? 
_entity_src_gen.pdbx_gene_src_atcc                 ? 
_entity_src_gen.pdbx_gene_src_organ                ? 
_entity_src_gen.pdbx_gene_src_organelle            ? 
_entity_src_gen.pdbx_gene_src_cell                 ? 
_entity_src_gen.pdbx_gene_src_cellular_location    ? 
_entity_src_gen.host_org_common_name               ? 
_entity_src_gen.pdbx_host_org_scientific_name      'Escherichia coli' 
_entity_src_gen.pdbx_host_org_ncbi_taxonomy_id     562 
_entity_src_gen.host_org_genus                     ? 
_entity_src_gen.pdbx_host_org_gene                 ? 
_entity_src_gen.pdbx_host_org_organ                ? 
_entity_src_gen.host_org_species                   ? 
_entity_src_gen.pdbx_host_org_tissue               ? 
_entity_src_gen.pdbx_host_org_tissue_fraction      ? 
_entity_src_gen.pdbx_host_org_strain               'BL21(DE3)' 
_entity_src_gen.pdbx_host_org_variant              ? 
_entity_src_gen.pdbx_host_org_cell_line            ? 
_entity_src_gen.pdbx_host_org_atcc                 ? 
_entity_src_gen.pdbx_host_org_culture_collection   ? 
_entity_src_gen.pdbx_host_org_cell                 ? 
_entity_src_gen.pdbx_host_org_organelle            ? 
_entity_src_gen.pdbx_host_org_cellular_location    ? 
_entity_src_gen.pdbx_host_org_vector_type          PLASMID 
_entity_src_gen.pdbx_host_org_vector               ? 
_entity_src_gen.host_org_details                   ? 
_entity_src_gen.expression_system_id               ? 
_entity_src_gen.plasmid_name                       PET28-SMT 
_entity_src_gen.plasmid_details                    ? 
_entity_src_gen.pdbx_description                   ? 
# 
_struct_ref.id                         1 
_struct_ref.db_name                    UNP 
_struct_ref.db_code                    PHS_BRUME 
_struct_ref.pdbx_db_accession          P65722 
_struct_ref.entity_id                  1 
_struct_ref.pdbx_seq_one_letter_code   
;MARNRLTESEMNEALRALDGWQKVDGREAITRSFKFKDFSTAFGFMAQAALYAEKLDHHPEWFNAYNRVDVTLATHSENG
VTELDIKMARKMNAIAG
;
_struct_ref.pdbx_align_begin           1 
_struct_ref.pdbx_db_isoform            ? 
# 
loop_
_struct_ref_seq.align_id 
_struct_ref_seq.ref_id 
_struct_ref_seq.pdbx_PDB_id_code 
_struct_ref_seq.pdbx_strand_id 
_struct_ref_seq.seq_align_beg 
_struct_ref_seq.pdbx_seq_align_beg_ins_code 
_struct_ref_seq.seq_align_end 
_struct_ref_seq.pdbx_seq_align_end_ins_code 
_struct_ref_seq.pdbx_db_accession 
_struct_ref_seq.db_align_beg 
_struct_ref_seq.pdbx_db_align_beg_ins_code 
_struct_ref_seq.db_align_end 
_struct_ref_seq.pdbx_db_align_end_ins_code 
_struct_ref_seq.pdbx_auth_seq_align_beg 
_struct_ref_seq.pdbx_auth_seq_align_end 
1 1 3JST A 1 ? 97 ? P65722 1 ? 97 ? 1 97 
2 1 3JST B 1 ? 97 ? P65722 1 ? 97 ? 1 97 
# 
loop_
_chem_comp.id 
_chem_comp.type 
_chem_comp.mon_nstd_flag 
_chem_comp.name 
_chem_comp.pdbx_synonyms 
_chem_comp.formula 
_chem_comp.formula_weight 
ALA 'L-peptide linking' y ALANINE         ?                 'C3 H7 N O2'     89.093  
ARG 'L-peptide linking' y ARGININE        ?                 'C6 H15 N4 O2 1' 175.209 
ASN 'L-peptide linking' y ASPARAGINE      ?                 'C4 H8 N2 O3'    132.118 
ASP 'L-peptide linking' y 'ASPARTIC ACID' ?                 'C4 H7 N O4'     133.103 
EDO non-polymer         . 1,2-ETHANEDIOL  'ETHYLENE GLYCOL' 'C2 H6 O2'       62.068  
GLN 'L-peptide linking' y GLUTAMINE       ?                 'C5 H10 N2 O3'   146.144 
GLU 'L-peptide linking' y 'GLUTAMIC ACID' ?                 'C5 H9 N O4'     147.129 
GLY 'peptide linking'   y GLYCINE         ?                 'C2 H5 N O2'     75.067  
HIS 'L-peptide linking' y HISTIDINE       ?                 'C6 H10 N3 O2 1' 156.162 
HOH non-polymer         . WATER           ?                 'H2 O'           18.015  
ILE 'L-peptide linking' y ISOLEUCINE      ?                 'C6 H13 N O2'    131.173 
LEU 'L-peptide linking' y LEUCINE         ?                 'C6 H13 N O2'    131.173 
LYS 'L-peptide linking' y LYSINE          ?                 'C6 H15 N2 O2 1' 147.195 
MET 'L-peptide linking' y METHIONINE      ?                 'C5 H11 N O2 S'  149.211 
PHE 'L-peptide linking' y PHENYLALANINE   ?                 'C9 H11 N O2'    165.189 
PRO 'L-peptide linking' y PROLINE         ?                 'C5 H9 N O2'     115.130 
SER 'L-peptide linking' y SERINE          ?                 'C3 H7 N O3'     105.093 
THR 'L-peptide linking' y THREONINE       ?                 'C4 H9 N O3'     119.119 
TRP 'L-peptide linking' y TRYPTOPHAN      ?                 'C11 H12 N2 O2'  204.225 
TYR 'L-peptide linking' y TYROSINE        ?                 'C9 H11 N O3'    181.189 
VAL 'L-peptide linking' y VALINE          ?                 'C5 H11 N O2'    117.146 
# 
_exptl.entry_id          3JST 
_exptl.method            'X-RAY DIFFRACTION' 
_exptl.crystals_number   1 
# 
_exptl_crystal.id                    1 
_exptl_crystal.density_meas          ? 
_exptl_crystal.density_Matthews      2.63 
_exptl_crystal.density_percent_sol   53.23 
_exptl_crystal.description           ? 
_exptl_crystal.F_000                 ? 
_exptl_crystal.preparation           ? 
# 
_exptl_crystal_grow.crystal_id      1 
_exptl_crystal_grow.method          'VAPOR DIFFUSION, SITTING DROP' 
_exptl_crystal_grow.temp            293 
_exptl_crystal_grow.temp_details    ? 
_exptl_crystal_grow.pH              ? 
_exptl_crystal_grow.pdbx_details    
;HAMPTON CRYSTAL SCREEN HT CONDITION G6. 100 MM HEPES PH 7.5, 10% PEG 6000, 5% MPD. PROTEIN CONCENTRATION 23 MG/ML, VAPOR DIFFUSION, SITTING DROP, temperature 293K
;
_exptl_crystal_grow.pdbx_pH_range   ? 
# 
_diffrn.id                     1 
_diffrn.ambient_temp           100.0 
_diffrn.ambient_temp_details   ? 
_diffrn.crystal_id             1 
# 
_diffrn_detector.diffrn_id              1 
_diffrn_detector.detector               CCD 
_diffrn_detector.type                   'RIGAKU SATURN 944+' 
_diffrn_detector.pdbx_collection_date   2009-08-31 
_diffrn_detector.details                MIRRORS 
# 
_diffrn_radiation.diffrn_id                        1 
_diffrn_radiation.wavelength_id                    1 
_diffrn_radiation.pdbx_monochromatic_or_laue_m_l   M 
_diffrn_radiation.monochromator                    ? 
_diffrn_radiation.pdbx_diffrn_protocol             'SINGLE WAVELENGTH' 
_diffrn_radiation.pdbx_scattering_type             x-ray 
# 
_diffrn_radiation_wavelength.id           1 
_diffrn_radiation_wavelength.wavelength   1.54178 
_diffrn_radiation_wavelength.wt           1.0 
# 
_diffrn_source.diffrn_id                   1 
_diffrn_source.source                      'ROTATING ANODE' 
_diffrn_source.type                        'RIGAKU FR-E SUPERBRIGHT' 
_diffrn_source.pdbx_synchrotron_site       ? 
_diffrn_source.pdbx_synchrotron_beamline   ? 
_diffrn_source.pdbx_wavelength             1.54178 
_diffrn_source.pdbx_wavelength_list        ? 
# 
_reflns.entry_id                     3JST 
_reflns.observed_criterion_sigma_I   ? 
_reflns.observed_criterion_sigma_F   ? 
_reflns.d_resolution_low             85.50 
_reflns.d_resolution_high            2.100 
_reflns.number_obs                   14045 
_reflns.number_all                   ? 
_reflns.percent_possible_obs         99.1 
_reflns.pdbx_Rmerge_I_obs            0.08500 
_reflns.pdbx_Rsym_value              ? 
_reflns.pdbx_netI_over_sigmaI        9.4000 
_reflns.B_iso_Wilson_estimate        ? 
_reflns.pdbx_redundancy              6.900 
_reflns.R_free_details               ? 
_reflns.limit_h_max                  ? 
_reflns.limit_h_min                  ? 
_reflns.limit_k_max                  ? 
_reflns.limit_k_min                  ? 
_reflns.limit_l_max                  ? 
_reflns.limit_l_min                  ? 
_reflns.observed_criterion_F_max     ? 
_reflns.observed_criterion_F_min     ? 
_reflns.pdbx_chi_squared             ? 
_reflns.pdbx_scaling_rejects         ? 
_reflns.pdbx_ordinal                 1 
_reflns.pdbx_diffrn_id               1 
# 
_reflns_shell.d_res_high             2.10 
_reflns_shell.d_res_low              2.14 
_reflns_shell.percent_possible_all   85.7 
_reflns_shell.Rmerge_I_obs           0.23300 
_reflns_shell.pdbx_Rsym_value        ? 
_reflns_shell.meanI_over_sigI_obs    ? 
_reflns_shell.pdbx_redundancy        5.60 
_reflns_shell.percent_possible_obs   ? 
_reflns_shell.number_unique_all      ? 
_reflns_shell.number_measured_all    ? 
_reflns_shell.number_measured_obs    ? 
_reflns_shell.number_unique_obs      ? 
_reflns_shell.pdbx_chi_squared       ? 
_reflns_shell.pdbx_ordinal           1 
_reflns_shell.pdbx_diffrn_id         1 
# 
_refine.entry_id                                 3JST 
_refine.ls_number_reflns_obs                     13998 
_refine.ls_number_reflns_all                     ? 
_refine.pdbx_ls_sigma_I                          ? 
_refine.pdbx_ls_sigma_F                          0.000 
_refine.pdbx_data_cutoff_high_absF               ? 
_refine.pdbx_data_cutoff_low_absF                ? 
_refine.pdbx_data_cutoff_high_rms_absF           ? 
_refine.ls_d_res_low                             50 
_refine.ls_d_res_high                            2.10 
_refine.ls_percent_reflns_obs                    ? 
_refine.ls_R_factor_obs                          0.182 
_refine.ls_R_factor_all                          ? 
_refine.ls_R_factor_R_work                       0.180 
_refine.ls_R_factor_R_free                       0.218 
_refine.ls_R_factor_R_free_error                 ? 
_refine.ls_R_factor_R_free_error_details         ? 
_refine.ls_percent_reflns_R_free                 5.000 
_refine.ls_number_reflns_R_free                  703 
_refine.ls_number_parameters                     ? 
_refine.ls_number_restraints                     ? 
_refine.occupancy_min                            ? 
_refine.occupancy_max                            ? 
_refine.correlation_coeff_Fo_to_Fc               0.945 
_refine.correlation_coeff_Fo_to_Fc_free          0.924 
_refine.B_iso_mean                               10.04 
_refine.aniso_B[1][1]                            -0.31000 
_refine.aniso_B[2][2]                            -0.57000 
_refine.aniso_B[3][3]                            0.87000 
_refine.aniso_B[1][2]                            0.00000 
_refine.aniso_B[1][3]                            0.00000 
_refine.aniso_B[2][3]                            0.00000 
_refine.solvent_model_details                    MASK 
_refine.solvent_model_param_ksol                 ? 
_refine.solvent_model_param_bsol                 ? 
_refine.pdbx_solvent_vdw_probe_radii             1.40 
_refine.pdbx_solvent_ion_probe_radii             0.80 
_refine.pdbx_solvent_shrinkage_radii             0.80 
_refine.pdbx_ls_cross_valid_method               THROUGHOUT 
_refine.details                                  'HYDROGENS HAVE BEEN ADDED IN THE' 
_refine.pdbx_starting_model                      'pdb entry 1DCH' 
_refine.pdbx_method_to_determine_struct          'MOLECULAR REPLACEMENT' 
_refine.pdbx_isotropic_thermal_model             ? 
_refine.pdbx_stereochemistry_target_values       'MAXIMUM LIKELIHOOD' 
_refine.pdbx_stereochem_target_val_spec_case     ? 
_refine.pdbx_R_Free_selection_details            RANDOM 
_refine.pdbx_overall_ESU_R                       0.201 
_refine.pdbx_overall_ESU_R_Free                  0.169 
_refine.overall_SU_ML                            0.107 
_refine.overall_SU_B                             8.804 
_refine.ls_redundancy_reflns_obs                 ? 
_refine.B_iso_min                                ? 
_refine.B_iso_max                                ? 
_refine.overall_SU_R_Cruickshank_DPI             ? 
_refine.overall_SU_R_free                        ? 
_refine.ls_wR_factor_R_free                      ? 
_refine.ls_wR_factor_R_work                      ? 
_refine.overall_FOM_free_R_set                   ? 
_refine.overall_FOM_work_R_set                   ? 
_refine.pdbx_overall_phase_error                 ? 
_refine.pdbx_refine_id                           'X-RAY DIFFRACTION' 
_refine.pdbx_TLS_residual_ADP_flag               'LIKELY RESIDUAL' 
_refine.pdbx_diffrn_id                           1 
_refine.pdbx_overall_SU_R_free_Cruickshank_DPI   ? 
_refine.pdbx_overall_SU_R_Blow_DPI               ? 
_refine.pdbx_overall_SU_R_free_Blow_DPI          ? 
# 
_refine_hist.pdbx_refine_id                   'X-RAY DIFFRACTION' 
_refine_hist.cycle_id                         LAST 
_refine_hist.pdbx_number_atoms_protein        1524 
_refine_hist.pdbx_number_atoms_nucleic_acid   0 
_refine_hist.pdbx_number_atoms_ligand         8 
_refine_hist.number_atoms_solvent             196 
_refine_hist.number_atoms_total               1728 
_refine_hist.d_res_high                       2.10 
_refine_hist.d_res_low                        50 
# 
loop_
_refine_ls_restr.type 
_refine_ls_restr.dev_ideal 
_refine_ls_restr.dev_ideal_target 
_refine_ls_restr.weight 
_refine_ls_restr.number 
_refine_ls_restr.pdbx_refine_id 
_refine_ls_restr.pdbx_restraint_function 
r_bond_refined_d             0.006  0.021  ? 1560 'X-RAY DIFFRACTION' ? 
r_bond_other_d               0.001  0.020  ? 1062 'X-RAY DIFFRACTION' ? 
r_angle_refined_deg          0.879  1.924  ? 2096 'X-RAY DIFFRACTION' ? 
r_angle_other_deg            0.739  3.000  ? 2559 'X-RAY DIFFRACTION' ? 
r_dihedral_angle_1_deg       5.264  5.000  ? 189  'X-RAY DIFFRACTION' ? 
r_dihedral_angle_2_deg       33.823 23.902 ? 82   'X-RAY DIFFRACTION' ? 
r_dihedral_angle_3_deg       10.877 15.000 ? 269  'X-RAY DIFFRACTION' ? 
r_dihedral_angle_4_deg       18.615 15.000 ? 12   'X-RAY DIFFRACTION' ? 
r_chiral_restr               0.058  0.200  ? 221  'X-RAY DIFFRACTION' ? 
r_gen_planes_refined         0.002  0.020  ? 1761 'X-RAY DIFFRACTION' ? 
r_gen_planes_other           0.001  0.020  ? 343  'X-RAY DIFFRACTION' ? 
r_nbd_refined                ?      ?      ? ?    'X-RAY DIFFRACTION' ? 
r_nbd_other                  ?      ?      ? ?    'X-RAY DIFFRACTION' ? 
r_nbtor_refined              ?      ?      ? ?    'X-RAY DIFFRACTION' ? 
r_nbtor_other                ?      ?      ? ?    'X-RAY DIFFRACTION' ? 
r_xyhbond_nbd_refined        ?      ?      ? ?    'X-RAY DIFFRACTION' ? 
r_xyhbond_nbd_other          ?      ?      ? ?    'X-RAY DIFFRACTION' ? 
r_metal_ion_refined          ?      ?      ? ?    'X-RAY DIFFRACTION' ? 
r_metal_ion_other            ?      ?      ? ?    'X-RAY DIFFRACTION' ? 
r_symmetry_vdw_refined       ?      ?      ? ?    'X-RAY DIFFRACTION' ? 
r_symmetry_vdw_other         ?      ?      ? ?    'X-RAY DIFFRACTION' ? 
r_symmetry_hbond_refined     ?      ?      ? ?    'X-RAY DIFFRACTION' ? 
r_symmetry_hbond_other       ?      ?      ? ?    'X-RAY DIFFRACTION' ? 
r_symmetry_metal_ion_refined ?      ?      ? ?    'X-RAY DIFFRACTION' ? 
r_symmetry_metal_ion_other   ?      ?      ? ?    'X-RAY DIFFRACTION' ? 
r_mcbond_it                  0.339  1.500  ? 947  'X-RAY DIFFRACTION' ? 
r_mcbond_other               0.055  1.500  ? 388  'X-RAY DIFFRACTION' ? 
r_mcangle_it                 0.690  2.000  ? 1500 'X-RAY DIFFRACTION' ? 
r_scbond_it                  1.199  3.000  ? 613  'X-RAY DIFFRACTION' ? 
r_scangle_it                 2.044  4.500  ? 596  'X-RAY DIFFRACTION' ? 
r_rigid_bond_restr           ?      ?      ? ?    'X-RAY DIFFRACTION' ? 
r_sphericity_free            ?      ?      ? ?    'X-RAY DIFFRACTION' ? 
r_sphericity_bonded          ?      ?      ? ?    'X-RAY DIFFRACTION' ? 
# 
_refine_ls_shell.pdbx_total_number_of_bins_used   20 
_refine_ls_shell.d_res_high                       2.10 
_refine_ls_shell.d_res_low                        2.16 
_refine_ls_shell.number_reflns_R_work             849 
_refine_ls_shell.R_factor_R_work                  0.1820 
_refine_ls_shell.percent_reflns_obs               87.95 
_refine_ls_shell.R_factor_R_free                  0.2510 
_refine_ls_shell.R_factor_R_free_error            ? 
_refine_ls_shell.percent_reflns_R_free            ? 
_refine_ls_shell.number_reflns_R_free             49 
_refine_ls_shell.number_reflns_all                ? 
_refine_ls_shell.R_factor_all                     ? 
_refine_ls_shell.number_reflns_obs                ? 
_refine_ls_shell.redundancy_reflns_obs            ? 
_refine_ls_shell.pdbx_refine_id                   'X-RAY DIFFRACTION' 
# 
_struct.entry_id                  3JST 
_struct.title                     'Crystal structure of transcriptional coactivator/pterin dehydratase from Brucella Melitensis' 
_struct.pdbx_model_details        ? 
_struct.pdbx_CASP_flag            ? 
_struct.pdbx_model_type_details   ? 
# 
_struct_keywords.entry_id        3JST 
_struct_keywords.pdbx_keywords   LYASE 
_struct_keywords.text            'Lyase, Structural Genomics, Seattle Structural Genomics Center for Infectious Disease, SSGCID' 
# 
loop_
_struct_asym.id 
_struct_asym.pdbx_blank_PDB_chainid_flag 
_struct_asym.pdbx_modified 
_struct_asym.entity_id 
_struct_asym.details 
A N N 1 ? 
B N N 1 ? 
C N N 2 ? 
D N N 2 ? 
E N N 3 ? 
F N N 3 ? 
# 
_struct_biol.id        1 
_struct_biol.details   ? 
# 
loop_
_struct_conf.conf_type_id 
_struct_conf.id 
_struct_conf.pdbx_PDB_helix_id 
_struct_conf.beg_label_comp_id 
_struct_conf.beg_label_asym_id 
_struct_conf.beg_label_seq_id 
_struct_conf.pdbx_beg_PDB_ins_code 
_struct_conf.end_label_comp_id 
_struct_conf.end_label_asym_id 
_struct_conf.end_label_seq_id 
_struct_conf.pdbx_end_PDB_ins_code 
_struct_conf.beg_auth_comp_id 
_struct_conf.beg_auth_asym_id 
_struct_conf.beg_auth_seq_id 
_struct_conf.end_auth_comp_id 
_struct_conf.end_auth_asym_id 
_struct_conf.end_auth_seq_id 
_struct_conf.pdbx_PDB_helix_class 
_struct_conf.details 
_struct_conf.pdbx_PDB_helix_length 
HELX_P HELX_P1 1 THR A 7  ? ALA A 17 ? THR A 7  ALA A 17 1 ? 11 
HELX_P HELX_P2 2 ASP A 38 ? ASP A 57 ? ASP A 38 ASP A 57 1 ? 20 
HELX_P HELX_P3 3 THR A 82 ? GLY A 97 ? THR A 82 GLY A 97 1 ? 16 
HELX_P HELX_P4 4 THR B 7  ? ALA B 17 ? THR B 7  ALA B 17 1 ? 11 
HELX_P HELX_P5 5 ASP B 38 ? ASP B 57 ? ASP B 38 ASP B 57 1 ? 20 
HELX_P HELX_P6 6 THR B 82 ? GLY B 97 ? THR B 82 GLY B 97 1 ? 16 
# 
_struct_conf_type.id          HELX_P 
_struct_conf_type.criteria    ? 
_struct_conf_type.reference   ? 
# 
loop_
_struct_sheet.id 
_struct_sheet.type 
_struct_sheet.number_strands 
_struct_sheet.details 
A ? 4 ? 
B ? 4 ? 
# 
loop_
_struct_sheet_order.sheet_id 
_struct_sheet_order.range_id_1 
_struct_sheet_order.range_id_2 
_struct_sheet_order.offset 
_struct_sheet_order.sense 
A 1 2 ? anti-parallel 
A 2 3 ? anti-parallel 
A 3 4 ? anti-parallel 
B 1 2 ? anti-parallel 
B 2 3 ? anti-parallel 
B 3 4 ? anti-parallel 
# 
loop_
_struct_sheet_range.sheet_id 
_struct_sheet_range.id 
_struct_sheet_range.beg_label_comp_id 
_struct_sheet_range.beg_label_asym_id 
_struct_sheet_range.beg_label_seq_id 
_struct_sheet_range.pdbx_beg_PDB_ins_code 
_struct_sheet_range.end_label_comp_id 
_struct_sheet_range.end_label_asym_id 
_struct_sheet_range.end_label_seq_id 
_struct_sheet_range.pdbx_end_PDB_ins_code 
_struct_sheet_range.beg_auth_comp_id 
_struct_sheet_range.beg_auth_asym_id 
_struct_sheet_range.beg_auth_seq_id 
_struct_sheet_range.end_auth_comp_id 
_struct_sheet_range.end_auth_asym_id 
_struct_sheet_range.end_auth_seq_id 
A 1 GLN A 22 ? LYS A 23 ? GLN A 22 LYS A 23 
A 2 ILE A 30 ? LYS A 35 ? ILE A 30 LYS A 35 
A 3 ARG A 68 ? LEU A 73 ? ARG A 68 LEU A 73 
A 4 GLU A 61 ? ALA A 65 ? GLU A 61 ALA A 65 
B 1 GLN B 22 ? LYS B 23 ? GLN B 22 LYS B 23 
B 2 ILE B 30 ? LYS B 35 ? ILE B 30 LYS B 35 
B 3 ARG B 68 ? LEU B 73 ? ARG B 68 LEU B 73 
B 4 GLU B 61 ? ALA B 65 ? GLU B 61 ALA B 65 
# 
loop_
_pdbx_struct_sheet_hbond.sheet_id 
_pdbx_struct_sheet_hbond.range_id_1 
_pdbx_struct_sheet_hbond.range_id_2 
_pdbx_struct_sheet_hbond.range_1_label_atom_id 
_pdbx_struct_sheet_hbond.range_1_label_comp_id 
_pdbx_struct_sheet_hbond.range_1_label_asym_id 
_pdbx_struct_sheet_hbond.range_1_label_seq_id 
_pdbx_struct_sheet_hbond.range_1_PDB_ins_code 
_pdbx_struct_sheet_hbond.range_1_auth_atom_id 
_pdbx_struct_sheet_hbond.range_1_auth_comp_id 
_pdbx_struct_sheet_hbond.range_1_auth_asym_id 
_pdbx_struct_sheet_hbond.range_1_auth_seq_id 
_pdbx_struct_sheet_hbond.range_2_label_atom_id 
_pdbx_struct_sheet_hbond.range_2_label_comp_id 
_pdbx_struct_sheet_hbond.range_2_label_asym_id 
_pdbx_struct_sheet_hbond.range_2_label_seq_id 
_pdbx_struct_sheet_hbond.range_2_PDB_ins_code 
_pdbx_struct_sheet_hbond.range_2_auth_atom_id 
_pdbx_struct_sheet_hbond.range_2_auth_comp_id 
_pdbx_struct_sheet_hbond.range_2_auth_asym_id 
_pdbx_struct_sheet_hbond.range_2_auth_seq_id 
A 1 2 N GLN A 22 ? N GLN A 22 O THR A 31 ? O THR A 31 
A 2 3 N PHE A 34 ? N PHE A 34 O VAL A 69 ? O VAL A 69 
A 3 4 O THR A 72 ? O THR A 72 N GLU A 61 ? N GLU A 61 
B 1 2 N GLN B 22 ? N GLN B 22 O THR B 31 ? O THR B 31 
B 2 3 N PHE B 34 ? N PHE B 34 O VAL B 69 ? O VAL B 69 
B 3 4 O THR B 72 ? O THR B 72 N GLU B 61 ? N GLU B 61 
# 
loop_
_struct_site.id 
_struct_site.pdbx_evidence_code 
_struct_site.pdbx_auth_asym_id 
_struct_site.pdbx_auth_comp_id 
_struct_site.pdbx_auth_seq_id 
_struct_site.pdbx_auth_ins_code 
_struct_site.pdbx_num_residues 
_struct_site.details 
AC1 Software A EDO 98 ? 6 'BINDING SITE FOR RESIDUE EDO A 98' 
AC2 Software B EDO 98 ? 6 'BINDING SITE FOR RESIDUE EDO B 98' 
# 
loop_
_struct_site_gen.id 
_struct_site_gen.site_id 
_struct_site_gen.pdbx_num_res 
_struct_site_gen.label_comp_id 
_struct_site_gen.label_asym_id 
_struct_site_gen.label_seq_id 
_struct_site_gen.pdbx_auth_ins_code 
_struct_site_gen.auth_comp_id 
_struct_site_gen.auth_asym_id 
_struct_site_gen.auth_seq_id 
_struct_site_gen.label_atom_id 
_struct_site_gen.label_alt_id 
_struct_site_gen.symmetry 
_struct_site_gen.details 
1  AC1 6 GLU A 61 ? GLU A 61  . ? 1_555 ? 
2  AC1 6 PHE A 63 ? PHE A 63  . ? 2_655 ? 
3  AC1 6 ASP A 70 ? ASP A 70  . ? 1_555 ? 
4  AC1 6 VAL A 71 ? VAL A 71  . ? 1_555 ? 
5  AC1 6 THR A 72 ? THR A 72  . ? 1_555 ? 
6  AC1 6 HOH E .  ? HOH A 192 . ? 1_555 ? 
7  AC2 6 GLU B 61 ? GLU B 61  . ? 1_555 ? 
8  AC2 6 PHE B 63 ? PHE B 63  . ? 2_655 ? 
9  AC2 6 ASP B 70 ? ASP B 70  . ? 1_555 ? 
10 AC2 6 VAL B 71 ? VAL B 71  . ? 1_555 ? 
11 AC2 6 THR B 72 ? THR B 72  . ? 1_555 ? 
12 AC2 6 HOH F .  ? HOH B 193 . ? 1_555 ? 
# 
_atom_sites.entry_id                    3JST 
_atom_sites.fract_transf_matrix[1][1]   -0.00712717 
_atom_sites.fract_transf_matrix[1][2]   -0.01649059 
_atom_sites.fract_transf_matrix[1][3]   0.00482682 
_atom_sites.fract_transf_matrix[2][1]   0.00692943 
_atom_sites.fract_transf_matrix[2][2]   -0.00527924 
_atom_sites.fract_transf_matrix[2][3]   -0.00780443 
_atom_sites.fract_transf_matrix[3][1]   0.01398320 
_atom_sites.fract_transf_matrix[3][2]   -0.00201124 
_atom_sites.fract_transf_matrix[3][3]   0.01377595 
_atom_sites.fract_transf_vector[1]      0.599284 
_atom_sites.fract_transf_vector[2]      0.095682 
_atom_sites.fract_transf_vector[3]      0.607141 
# 
loop_
_atom_type.symbol 
C 
N 
O 
S 
# 
loop_
_atom_site.group_PDB 
_atom_site.id 
_atom_site.type_symbol 
_atom_site.label_atom_id 
_atom_site.label_alt_id 
_atom_site.label_comp_id 
_atom_site.label_asym_id 
_atom_site.label_entity_id 
_atom_site.label_seq_id 
_atom_site.pdbx_PDB_ins_code 
_atom_site.Cartn_x 
_atom_site.Cartn_y 
_atom_site.Cartn_z 
_atom_site.occupancy 
_atom_site.B_iso_or_equiv 
_atom_site.pdbx_formal_charge 
_atom_site.auth_seq_id 
_atom_site.auth_comp_id 
_atom_site.auth_asym_id 
_atom_site.auth_atom_id 
_atom_site.pdbx_PDB_model_num 
ATOM   1    N N   . MET A 1 1  ? 13.646  -20.584 9.064   1.00 21.89 ? 1   MET A N   1 
ATOM   2    C CA  . MET A 1 1  ? 12.431  -19.747 8.849   1.00 21.80 ? 1   MET A CA  1 
ATOM   3    C C   . MET A 1 1  ? 12.020  -19.778 7.383   1.00 21.24 ? 1   MET A C   1 
ATOM   4    O O   . MET A 1 1  ? 12.808  -19.424 6.503   1.00 21.30 ? 1   MET A O   1 
ATOM   5    C CB  . MET A 1 1  ? 12.689  -18.293 9.265   1.00 22.14 ? 1   MET A CB  1 
ATOM   6    C CG  . MET A 1 1  ? 11.426  -17.418 9.298   1.00 23.08 ? 1   MET A CG  1 
ATOM   7    S SD  . MET A 1 1  ? 11.723  -15.647 9.094   1.00 25.87 ? 1   MET A SD  1 
ATOM   8    C CE  . MET A 1 1  ? 12.297  -15.583 7.389   1.00 25.55 ? 1   MET A CE  1 
ATOM   9    N N   . ALA A 1 2  ? 10.786  -20.198 7.124   1.00 20.54 ? 2   ALA A N   1 
ATOM   10   C CA  . ALA A 1 2  ? 10.193  -20.048 5.801   1.00 19.92 ? 2   ALA A CA  1 
ATOM   11   C C   . ALA A 1 2  ? 10.128  -18.554 5.477   1.00 19.08 ? 2   ALA A C   1 
ATOM   12   O O   . ALA A 1 2  ? 9.637   -17.761 6.278   1.00 19.31 ? 2   ALA A O   1 
ATOM   13   C CB  . ALA A 1 2  ? 8.800   -20.672 5.761   1.00 20.05 ? 2   ALA A CB  1 
ATOM   14   N N   . ARG A 1 3  ? 10.663  -18.178 4.319   1.00 18.19 ? 3   ARG A N   1 
ATOM   15   C CA  . ARG A 1 3  ? 10.707  -16.780 3.883   1.00 17.21 ? 3   ARG A CA  1 
ATOM   16   C C   . ARG A 1 3  ? 9.514   -16.430 2.989   1.00 16.36 ? 3   ARG A C   1 
ATOM   17   O O   . ARG A 1 3  ? 9.168   -15.259 2.846   1.00 16.15 ? 3   ARG A O   1 
ATOM   18   C CB  . ARG A 1 3  ? 12.014  -16.510 3.128   1.00 17.31 ? 3   ARG A CB  1 
ATOM   19   N N   . ASN A 1 4  ? 8.886   -17.449 2.401   1.00 15.14 ? 4   ASN A N   1 
ATOM   20   C CA  . ASN A 1 4  ? 7.832   -17.251 1.397   1.00 14.19 ? 4   ASN A CA  1 
ATOM   21   C C   . ASN A 1 4  ? 6.624   -16.465 1.900   1.00 13.47 ? 4   ASN A C   1 
ATOM   22   O O   . ASN A 1 4  ? 6.346   -16.431 3.098   1.00 13.01 ? 4   ASN A O   1 
ATOM   23   C CB  . ASN A 1 4  ? 7.363   -18.602 0.860   1.00 14.11 ? 4   ASN A CB  1 
ATOM   24   C CG  . ASN A 1 4  ? 6.722   -19.472 1.930   1.00 14.02 ? 4   ASN A CG  1 
ATOM   25   O OD1 . ASN A 1 4  ? 7.369   -20.350 2.490   1.00 15.08 ? 4   ASN A OD1 1 
ATOM   26   N ND2 . ASN A 1 4  ? 5.447   -19.230 2.216   1.00 13.98 ? 4   ASN A ND2 1 
ATOM   27   N N   . ARG A 1 5  ? 5.897   -15.844 0.976   1.00 12.88 ? 5   ARG A N   1 
ATOM   28   C CA  . ARG A 1 5  ? 4.685   -15.128 1.349   1.00 12.53 ? 5   ARG A CA  1 
ATOM   29   C C   . ARG A 1 5  ? 3.522   -16.096 1.591   1.00 11.89 ? 5   ARG A C   1 
ATOM   30   O O   . ARG A 1 5  ? 3.521   -17.229 1.095   1.00 11.36 ? 5   ARG A O   1 
ATOM   31   C CB  . ARG A 1 5  ? 4.315   -14.047 0.325   1.00 12.59 ? 5   ARG A CB  1 
ATOM   32   C CG  . ARG A 1 5  ? 3.839   -14.529 -1.015  1.00 13.37 ? 5   ARG A CG  1 
ATOM   33   C CD  . ARG A 1 5  ? 3.285   -13.358 -1.826  1.00 14.41 ? 5   ARG A CD  1 
ATOM   34   N NE  . ARG A 1 5  ? 3.059   -13.729 -3.219  1.00 15.31 ? 5   ARG A NE  1 
ATOM   35   C CZ  . ARG A 1 5  ? 4.011   -13.818 -4.148  1.00 16.26 ? 5   ARG A CZ  1 
ATOM   36   N NH1 . ARG A 1 5  ? 5.282   -13.549 -3.853  1.00 17.55 ? 5   ARG A NH1 1 
ATOM   37   N NH2 . ARG A 1 5  ? 3.686   -14.177 -5.387  1.00 16.09 ? 5   ARG A NH2 1 
ATOM   38   N N   . LEU A 1 6  ? 2.554   -15.631 2.374   1.00 11.42 ? 6   LEU A N   1 
ATOM   39   C CA  . LEU A 1 6  ? 1.395   -16.420 2.760   1.00 11.28 ? 6   LEU A CA  1 
ATOM   40   C C   . LEU A 1 6  ? 0.258   -16.258 1.759   1.00 11.25 ? 6   LEU A C   1 
ATOM   41   O O   . LEU A 1 6  ? 0.114   -15.205 1.139   1.00 10.92 ? 6   LEU A O   1 
ATOM   42   C CB  . LEU A 1 6  ? 0.893   -15.984 4.142   1.00 11.17 ? 6   LEU A CB  1 
ATOM   43   C CG  . LEU A 1 6  ? 1.816   -16.191 5.346   1.00 11.23 ? 6   LEU A CG  1 
ATOM   44   C CD1 . LEU A 1 6  ? 1.089   -15.821 6.633   1.00 9.82  ? 6   LEU A CD1 1 
ATOM   45   C CD2 . LEU A 1 6  ? 2.321   -17.631 5.408   1.00 11.13 ? 6   LEU A CD2 1 
ATOM   46   N N   . THR A 1 7  ? -0.545  -17.310 1.611   1.00 11.46 ? 7   THR A N   1 
ATOM   47   C CA  . THR A 1 7  ? -1.833  -17.212 0.914   1.00 11.67 ? 7   THR A CA  1 
ATOM   48   C C   . THR A 1 7  ? -2.807  -16.425 1.798   1.00 12.17 ? 7   THR A C   1 
ATOM   49   O O   . THR A 1 7  ? -2.545  -16.232 2.991   1.00 11.86 ? 7   THR A O   1 
ATOM   50   C CB  . THR A 1 7  ? -2.445  -18.601 0.648   1.00 11.66 ? 7   THR A CB  1 
ATOM   51   O OG1 . THR A 1 7  ? -2.737  -19.243 1.896   1.00 11.15 ? 7   THR A OG1 1 
ATOM   52   C CG2 . THR A 1 7  ? -1.495  -19.476 -0.160  1.00 11.35 ? 7   THR A CG2 1 
ATOM   53   N N   . GLU A 1 8  ? -3.934  -15.984 1.242   1.00 12.79 ? 8   GLU A N   1 
ATOM   54   C CA  . GLU A 1 8  ? -4.908  -15.244 2.056   1.00 13.46 ? 8   GLU A CA  1 
ATOM   55   C C   . GLU A 1 8  ? -5.433  -16.106 3.214   1.00 13.17 ? 8   GLU A C   1 
ATOM   56   O O   . GLU A 1 8  ? -5.594  -15.609 4.331   1.00 13.18 ? 8   GLU A O   1 
ATOM   57   C CB  . GLU A 1 8  ? -6.074  -14.688 1.223   1.00 14.00 ? 8   GLU A CB  1 
ATOM   58   C CG  . GLU A 1 8  ? -6.808  -13.541 1.951   1.00 16.30 ? 8   GLU A CG  1 
ATOM   59   C CD  . GLU A 1 8  ? -7.952  -12.926 1.157   1.00 19.80 ? 8   GLU A CD  1 
ATOM   60   O OE1 . GLU A 1 8  ? -8.096  -13.229 -0.051  1.00 23.32 ? 8   GLU A OE1 1 
ATOM   61   O OE2 . GLU A 1 8  ? -8.715  -12.128 1.750   1.00 21.92 ? 8   GLU A OE2 1 
ATOM   62   N N   . SER A 1 9  ? -5.674  -17.393 2.958   1.00 13.02 ? 9   SER A N   1 
ATOM   63   C CA  . SER A 1 9  ? -6.118  -18.315 4.014   1.00 12.99 ? 9   SER A CA  1 
ATOM   64   C C   . SER A 1 9  ? -5.082  -18.449 5.133   1.00 12.47 ? 9   SER A C   1 
ATOM   65   O O   . SER A 1 9  ? -5.432  -18.363 6.303   1.00 12.29 ? 9   SER A O   1 
ATOM   66   C CB  . SER A 1 9  ? -6.448  -19.696 3.445   1.00 13.15 ? 9   SER A CB  1 
ATOM   67   O OG  . SER A 1 9  ? -7.551  -19.618 2.560   1.00 14.16 ? 9   SER A OG  1 
ATOM   68   N N   . GLU A 1 10 ? -3.817  -18.654 4.766   1.00 12.04 ? 10  GLU A N   1 
ATOM   69   C CA  . GLU A 1 10 ? -2.720  -18.733 5.738   1.00 11.74 ? 10  GLU A CA  1 
ATOM   70   C C   . GLU A 1 10 ? -2.595  -17.435 6.539   1.00 11.61 ? 10  GLU A C   1 
ATOM   71   O O   . GLU A 1 10 ? -2.363  -17.457 7.746   1.00 11.15 ? 10  GLU A O   1 
ATOM   72   C CB  . GLU A 1 10 ? -1.395  -19.026 5.034   1.00 11.75 ? 10  GLU A CB  1 
ATOM   73   C CG  . GLU A 1 10 ? -1.270  -20.462 4.515   1.00 11.73 ? 10  GLU A CG  1 
ATOM   74   C CD  . GLU A 1 10 ? -0.078  -20.666 3.589   1.00 11.43 ? 10  GLU A CD  1 
ATOM   75   O OE1 . GLU A 1 10 ? 0.455   -19.675 3.046   1.00 10.52 ? 10  GLU A OE1 1 
ATOM   76   O OE2 . GLU A 1 10 ? 0.322   -21.830 3.384   1.00 10.67 ? 10  GLU A OE2 1 
ATOM   77   N N   . MET A 1 11 ? -2.747  -16.309 5.854   1.00 11.45 ? 11  MET A N   1 
ATOM   78   C CA  . MET A 1 11 ? -2.717  -15.010 6.509   1.00 11.74 ? 11  MET A CA  1 
ATOM   79   C C   . MET A 1 11 ? -3.873  -14.898 7.509   1.00 11.05 ? 11  MET A C   1 
ATOM   80   O O   . MET A 1 11 ? -3.665  -14.523 8.654   1.00 10.70 ? 11  MET A O   1 
ATOM   81   C CB  . MET A 1 11 ? -2.796  -13.903 5.462   1.00 12.10 ? 11  MET A CB  1 
ATOM   82   C CG  . MET A 1 11 ? -2.550  -12.516 5.993   1.00 14.13 ? 11  MET A CG  1 
ATOM   83   S SD  . MET A 1 11 ? -3.006  -11.240 4.811   1.00 18.57 ? 11  MET A SD  1 
ATOM   84   C CE  . MET A 1 11 ? -2.270  -11.869 3.299   1.00 15.12 ? 11  MET A CE  1 
ATOM   85   N N   . ASN A 1 12 ? -5.082  -15.246 7.077   1.00 10.85 ? 12  ASN A N   1 
ATOM   86   C CA  . ASN A 1 12 ? -6.254  -15.239 7.965   1.00 10.75 ? 12  ASN A CA  1 
ATOM   87   C C   . ASN A 1 12 ? -6.047  -16.119 9.188   1.00 10.49 ? 12  ASN A C   1 
ATOM   88   O O   . ASN A 1 12 ? -6.381  -15.729 10.309  1.00 9.97  ? 12  ASN A O   1 
ATOM   89   C CB  . ASN A 1 12 ? -7.516  -15.685 7.218   1.00 10.89 ? 12  ASN A CB  1 
ATOM   90   C CG  . ASN A 1 12 ? -7.963  -14.678 6.174   1.00 11.54 ? 12  ASN A CG  1 
ATOM   91   O OD1 . ASN A 1 12 ? -7.609  -13.508 6.240   1.00 13.34 ? 12  ASN A OD1 1 
ATOM   92   N ND2 . ASN A 1 12 ? -8.739  -15.135 5.202   1.00 13.19 ? 12  ASN A ND2 1 
ATOM   93   N N   . GLU A 1 13 ? -5.488  -17.305 8.969   1.00 10.22 ? 13  GLU A N   1 
ATOM   94   C CA  . GLU A 1 13 ? -5.199  -18.216 10.064  1.00 10.34 ? 13  GLU A CA  1 
ATOM   95   C C   . GLU A 1 13 ? -4.172  -17.617 11.022  1.00 9.50  ? 13  GLU A C   1 
ATOM   96   O O   . GLU A 1 13 ? -4.356  -17.670 12.234  1.00 8.81  ? 13  GLU A O   1 
ATOM   97   C CB  . GLU A 1 13 ? -4.704  -19.566 9.531   1.00 11.05 ? 13  GLU A CB  1 
ATOM   98   C CG  . GLU A 1 13 ? -4.556  -20.653 10.598  1.00 13.90 ? 13  GLU A CG  1 
ATOM   99   C CD  . GLU A 1 13 ? -5.867  -20.984 11.290  1.00 18.21 ? 13  GLU A CD  1 
ATOM   100  O OE1 . GLU A 1 13 ? -6.948  -20.775 10.685  1.00 22.25 ? 13  GLU A OE1 1 
ATOM   101  O OE2 . GLU A 1 13 ? -5.828  -21.465 12.444  1.00 21.81 ? 13  GLU A OE2 1 
ATOM   102  N N   . ALA A 1 14 ? -3.105  -17.038 10.471  1.00 8.89  ? 14  ALA A N   1 
ATOM   103  C CA  . ALA A 1 14 ? -2.040  -16.450 11.286  1.00 8.68  ? 14  ALA A CA  1 
ATOM   104  C C   . ALA A 1 14 ? -2.547  -15.281 12.123  1.00 8.44  ? 14  ALA A C   1 
ATOM   105  O O   . ALA A 1 14 ? -2.090  -15.078 13.242  1.00 8.59  ? 14  ALA A O   1 
ATOM   106  C CB  . ALA A 1 14 ? -0.871  -16.000 10.409  1.00 8.73  ? 14  ALA A CB  1 
ATOM   107  N N   . LEU A 1 15 ? -3.490  -14.517 11.581  1.00 8.29  ? 15  LEU A N   1 
ATOM   108  C CA  . LEU A 1 15 ? -4.030  -13.353 12.286  1.00 8.20  ? 15  LEU A CA  1 
ATOM   109  C C   . LEU A 1 15 ? -4.795  -13.727 13.559  1.00 8.21  ? 15  LEU A C   1 
ATOM   110  O O   . LEU A 1 15 ? -4.894  -12.921 14.482  1.00 8.06  ? 15  LEU A O   1 
ATOM   111  C CB  . LEU A 1 15 ? -4.926  -12.534 11.358  1.00 8.05  ? 15  LEU A CB  1 
ATOM   112  C CG  . LEU A 1 15 ? -4.178  -11.724 10.296  1.00 8.33  ? 15  LEU A CG  1 
ATOM   113  C CD1 . LEU A 1 15 ? -5.122  -11.303 9.172   1.00 8.30  ? 15  LEU A CD1 1 
ATOM   114  C CD2 . LEU A 1 15 ? -3.500  -10.508 10.915  1.00 7.51  ? 15  LEU A CD2 1 
ATOM   115  N N   . ARG A 1 16 ? -5.319  -14.950 13.615  1.00 8.06  ? 16  ARG A N   1 
ATOM   116  C CA  . ARG A 1 16 ? -6.099  -15.387 14.770  1.00 8.16  ? 16  ARG A CA  1 
ATOM   117  C C   . ARG A 1 16 ? -5.301  -15.283 16.073  1.00 8.38  ? 16  ARG A C   1 
ATOM   118  O O   . ARG A 1 16 ? -5.846  -14.886 17.102  1.00 7.98  ? 16  ARG A O   1 
ATOM   119  C CB  . ARG A 1 16 ? -6.630  -16.806 14.563  1.00 7.84  ? 16  ARG A CB  1 
ATOM   120  C CG  . ARG A 1 16 ? -7.688  -16.889 13.473  1.00 7.55  ? 16  ARG A CG  1 
ATOM   121  C CD  . ARG A 1 16 ? -8.155  -18.322 13.226  1.00 7.03  ? 16  ARG A CD  1 
ATOM   122  N NE  . ARG A 1 16 ? -9.076  -18.807 14.251  1.00 6.65  ? 16  ARG A NE  1 
ATOM   123  C CZ  . ARG A 1 16 ? -10.372 -18.494 14.330  1.00 7.02  ? 16  ARG A CZ  1 
ATOM   124  N NH1 . ARG A 1 16 ? -10.938 -17.662 13.451  1.00 7.33  ? 16  ARG A NH1 1 
ATOM   125  N NH2 . ARG A 1 16 ? -11.113 -19.007 15.308  1.00 5.22  ? 16  ARG A NH2 1 
ATOM   126  N N   . ALA A 1 17 ? -4.009  -15.603 16.007  1.00 8.73  ? 17  ALA A N   1 
ATOM   127  C CA  . ALA A 1 17 ? -3.134  -15.547 17.174  1.00 9.25  ? 17  ALA A CA  1 
ATOM   128  C C   . ALA A 1 17 ? -2.579  -14.139 17.442  1.00 9.64  ? 17  ALA A C   1 
ATOM   129  O O   . ALA A 1 17 ? -1.900  -13.928 18.449  1.00 9.37  ? 17  ALA A O   1 
ATOM   130  C CB  . ALA A 1 17 ? -1.984  -16.552 17.012  1.00 9.58  ? 17  ALA A CB  1 
ATOM   131  N N   . LEU A 1 18 ? -2.880  -13.184 16.557  1.00 9.93  ? 18  LEU A N   1 
ATOM   132  C CA  . LEU A 1 18 ? -2.363  -11.820 16.660  1.00 10.39 ? 18  LEU A CA  1 
ATOM   133  C C   . LEU A 1 18 ? -3.492  -10.840 17.004  1.00 10.82 ? 18  LEU A C   1 
ATOM   134  O O   . LEU A 1 18 ? -4.087  -10.229 16.118  1.00 10.62 ? 18  LEU A O   1 
ATOM   135  C CB  . LEU A 1 18 ? -1.679  -11.414 15.348  1.00 10.25 ? 18  LEU A CB  1 
ATOM   136  C CG  . LEU A 1 18 ? -0.503  -12.273 14.872  1.00 10.13 ? 18  LEU A CG  1 
ATOM   137  C CD1 . LEU A 1 18 ? -0.113  -11.904 13.447  1.00 8.90  ? 18  LEU A CD1 1 
ATOM   138  C CD2 . LEU A 1 18 ? 0.697   -12.144 15.815  1.00 9.18  ? 18  LEU A CD2 1 
ATOM   139  N N   . ASP A 1 19 ? -3.778  -10.698 18.297  1.00 11.37 ? 19  ASP A N   1 
ATOM   140  C CA  . ASP A 1 19 ? -4.872  -9.843  18.766  1.00 11.93 ? 19  ASP A CA  1 
ATOM   141  C C   . ASP A 1 19 ? -4.738  -8.416  18.225  1.00 11.93 ? 19  ASP A C   1 
ATOM   142  O O   . ASP A 1 19 ? -3.666  -7.822  18.284  1.00 11.79 ? 19  ASP A O   1 
ATOM   143  C CB  . ASP A 1 19 ? -4.921  -9.820  20.302  1.00 12.18 ? 19  ASP A CB  1 
ATOM   144  C CG  . ASP A 1 19 ? -6.086  -8.996  20.843  1.00 13.08 ? 19  ASP A CG  1 
ATOM   145  O OD1 . ASP A 1 19 ? -7.232  -9.200  20.395  1.00 13.58 ? 19  ASP A OD1 1 
ATOM   146  O OD2 . ASP A 1 19 ? -5.849  -8.136  21.717  1.00 15.88 ? 19  ASP A OD2 1 
ATOM   147  N N   . GLY A 1 20 ? -5.835  -7.891  17.683  1.00 12.22 ? 20  GLY A N   1 
ATOM   148  C CA  . GLY A 1 20 ? -5.887  -6.523  17.163  1.00 12.37 ? 20  GLY A CA  1 
ATOM   149  C C   . GLY A 1 20 ? -5.397  -6.345  15.734  1.00 12.56 ? 20  GLY A C   1 
ATOM   150  O O   . GLY A 1 20 ? -5.557  -5.263  15.165  1.00 12.50 ? 20  GLY A O   1 
ATOM   151  N N   . TRP A 1 21 ? -4.797  -7.386  15.149  1.00 12.61 ? 21  TRP A N   1 
ATOM   152  C CA  . TRP A 1 21 ? -4.271  -7.302  13.783  1.00 12.64 ? 21  TRP A CA  1 
ATOM   153  C C   . TRP A 1 21 ? -5.302  -7.752  12.745  1.00 12.98 ? 21  TRP A C   1 
ATOM   154  O O   . TRP A 1 21 ? -6.065  -8.705  12.972  1.00 12.75 ? 21  TRP A O   1 
ATOM   155  C CB  . TRP A 1 21 ? -2.981  -8.119  13.640  1.00 12.52 ? 21  TRP A CB  1 
ATOM   156  C CG  . TRP A 1 21 ? -1.823  -7.522  14.382  1.00 11.97 ? 21  TRP A CG  1 
ATOM   157  C CD1 . TRP A 1 21 ? -1.522  -7.687  15.704  1.00 11.34 ? 21  TRP A CD1 1 
ATOM   158  C CD2 . TRP A 1 21 ? -0.818  -6.645  13.848  1.00 11.26 ? 21  TRP A CD2 1 
ATOM   159  N NE1 . TRP A 1 21 ? -0.387  -6.976  16.025  1.00 10.60 ? 21  TRP A NE1 1 
ATOM   160  C CE2 . TRP A 1 21 ? 0.066   -6.330  14.904  1.00 10.25 ? 21  TRP A CE2 1 
ATOM   161  C CE3 . TRP A 1 21 ? -0.577  -6.102  12.580  1.00 10.82 ? 21  TRP A CE3 1 
ATOM   162  C CZ2 . TRP A 1 21 ? 1.167   -5.492  14.733  1.00 9.99  ? 21  TRP A CZ2 1 
ATOM   163  C CZ3 . TRP A 1 21 ? 0.522   -5.275  12.407  1.00 10.88 ? 21  TRP A CZ3 1 
ATOM   164  C CH2 . TRP A 1 21 ? 1.380   -4.973  13.484  1.00 10.73 ? 21  TRP A CH2 1 
ATOM   165  N N   . GLN A 1 22 ? -5.316  -7.057  11.609  1.00 13.09 ? 22  GLN A N   1 
ATOM   166  C CA  . GLN A 1 22 ? -6.226  -7.369  10.506  1.00 13.53 ? 22  GLN A CA  1 
ATOM   167  C C   . GLN A 1 22 ? -5.492  -7.249  9.178   1.00 13.10 ? 22  GLN A C   1 
ATOM   168  O O   . GLN A 1 22 ? -4.477  -6.565  9.084   1.00 12.57 ? 22  GLN A O   1 
ATOM   169  C CB  . GLN A 1 22 ? -7.425  -6.408  10.507  1.00 13.95 ? 22  GLN A CB  1 
ATOM   170  C CG  . GLN A 1 22 ? -8.169  -6.308  11.841  1.00 16.42 ? 22  GLN A CG  1 
ATOM   171  C CD  . GLN A 1 22 ? -9.206  -5.187  11.857  1.00 20.53 ? 22  GLN A CD  1 
ATOM   172  O OE1 . GLN A 1 22 ? -9.519  -4.592  10.818  1.00 23.26 ? 22  GLN A OE1 1 
ATOM   173  N NE2 . GLN A 1 22 ? -9.736  -4.888  13.043  1.00 21.74 ? 22  GLN A NE2 1 
ATOM   174  N N   . LYS A 1 23 ? -6.015  -7.911  8.153   1.00 13.18 ? 23  LYS A N   1 
ATOM   175  C CA  . LYS A 1 23 ? -5.505  -7.732  6.801   1.00 13.35 ? 23  LYS A CA  1 
ATOM   176  C C   . LYS A 1 23 ? -5.873  -6.332  6.329   1.00 13.36 ? 23  LYS A C   1 
ATOM   177  O O   . LYS A 1 23 ? -6.981  -5.867  6.571   1.00 12.84 ? 23  LYS A O   1 
ATOM   178  C CB  . LYS A 1 23 ? -6.106  -8.763  5.841   1.00 13.41 ? 23  LYS A CB  1 
ATOM   179  C CG  . LYS A 1 23 ? -5.572  -8.642  4.417   1.00 13.66 ? 23  LYS A CG  1 
ATOM   180  C CD  . LYS A 1 23 ? -6.216  -9.646  3.469   1.00 13.99 ? 23  LYS A CD  1 
ATOM   181  C CE  . LYS A 1 23 ? -5.731  -9.437  2.040   1.00 13.26 ? 23  LYS A CE  1 
ATOM   182  N NZ  . LYS A 1 23 ? -6.017  -8.048  1.561   1.00 11.91 ? 23  LYS A NZ  1 
ATOM   183  N N   . VAL A 1 24 ? -4.945  -5.665  5.654   1.00 13.71 ? 24  VAL A N   1 
ATOM   184  C CA  . VAL A 1 24 ? -5.234  -4.356  5.079   1.00 13.97 ? 24  VAL A CA  1 
ATOM   185  C C   . VAL A 1 24 ? -6.152  -4.548  3.878   1.00 14.62 ? 24  VAL A C   1 
ATOM   186  O O   . VAL A 1 24 ? -5.901  -5.389  3.018   1.00 14.24 ? 24  VAL A O   1 
ATOM   187  C CB  . VAL A 1 24 ? -3.959  -3.606  4.666   1.00 13.96 ? 24  VAL A CB  1 
ATOM   188  C CG1 . VAL A 1 24 ? -4.313  -2.305  3.916   1.00 13.16 ? 24  VAL A CG1 1 
ATOM   189  C CG2 . VAL A 1 24 ? -3.114  -3.308  5.890   1.00 13.00 ? 24  VAL A CG2 1 
ATOM   190  N N   . ASP A 1 25 ? -7.230  -3.771  3.852   1.00 15.55 ? 25  ASP A N   1 
ATOM   191  C CA  . ASP A 1 25 ? -8.236  -3.852  2.802   1.00 16.52 ? 25  ASP A CA  1 
ATOM   192  C C   . ASP A 1 25 ? -7.601  -3.579  1.440   1.00 16.61 ? 25  ASP A C   1 
ATOM   193  O O   . ASP A 1 25 ? -7.046  -2.507  1.215   1.00 16.90 ? 25  ASP A O   1 
ATOM   194  C CB  . ASP A 1 25 ? -9.349  -2.834  3.088   1.00 17.03 ? 25  ASP A CB  1 
ATOM   195  C CG  . ASP A 1 25 ? -10.632 -3.145  2.363   1.00 18.88 ? 25  ASP A CG  1 
ATOM   196  O OD1 . ASP A 1 25 ? -10.636 -3.997  1.444   1.00 22.19 ? 25  ASP A OD1 1 
ATOM   197  O OD2 . ASP A 1 25 ? -11.651 -2.526  2.721   1.00 22.31 ? 25  ASP A OD2 1 
ATOM   198  N N   . GLY A 1 26 ? -7.660  -4.564  0.547   1.00 16.88 ? 26  GLY A N   1 
ATOM   199  C CA  . GLY A 1 26 ? -7.088  -4.438  -0.798  1.00 16.83 ? 26  GLY A CA  1 
ATOM   200  C C   . GLY A 1 26 ? -5.570  -4.547  -0.883  1.00 16.77 ? 26  GLY A C   1 
ATOM   201  O O   . GLY A 1 26 ? -4.992  -4.287  -1.936  1.00 17.15 ? 26  GLY A O   1 
ATOM   202  N N   . ARG A 1 27 ? -4.914  -4.936  0.210   1.00 16.48 ? 27  ARG A N   1 
ATOM   203  C CA  . ARG A 1 27 ? -3.447  -4.950  0.255   1.00 16.15 ? 27  ARG A CA  1 
ATOM   204  C C   . ARG A 1 27 ? -2.912  -6.224  0.887   1.00 15.19 ? 27  ARG A C   1 
ATOM   205  O O   . ARG A 1 27 ? -3.511  -6.768  1.810   1.00 15.02 ? 27  ARG A O   1 
ATOM   206  C CB  . ARG A 1 27 ? -2.928  -3.739  1.039   1.00 16.40 ? 27  ARG A CB  1 
ATOM   207  C CG  . ARG A 1 27 ? -3.229  -2.379  0.412   1.00 17.66 ? 27  ARG A CG  1 
ATOM   208  C CD  . ARG A 1 27 ? -2.461  -2.156  -0.896  1.00 19.31 ? 27  ARG A CD  1 
ATOM   209  N NE  . ARG A 1 27 ? -1.019  -2.348  -0.730  1.00 21.07 ? 27  ARG A NE  1 
ATOM   210  C CZ  . ARG A 1 27 ? -0.164  -1.435  -0.264  1.00 22.05 ? 27  ARG A CZ  1 
ATOM   211  N NH1 . ARG A 1 27 ? -0.577  -0.221  0.099   1.00 22.18 ? 27  ARG A NH1 1 
ATOM   212  N NH2 . ARG A 1 27 ? 1.123   -1.746  -0.151  1.00 22.27 ? 27  ARG A NH2 1 
ATOM   213  N N   . GLU A 1 28 ? -1.778  -6.695  0.378   1.00 14.47 ? 28  GLU A N   1 
ATOM   214  C CA  . GLU A 1 28 ? -1.080  -7.839  0.965   1.00 13.98 ? 28  GLU A CA  1 
ATOM   215  C C   . GLU A 1 28 ? -0.220  -7.341  2.125   1.00 12.96 ? 28  GLU A C   1 
ATOM   216  O O   . GLU A 1 28 ? 1.003   -7.216  2.016   1.00 12.34 ? 28  GLU A O   1 
ATOM   217  C CB  . GLU A 1 28 ? -0.232  -8.561  -0.085  1.00 14.16 ? 28  GLU A CB  1 
ATOM   218  C CG  . GLU A 1 28 ? -1.025  -9.076  -1.277  1.00 15.78 ? 28  GLU A CG  1 
ATOM   219  C CD  . GLU A 1 28 ? -2.108  -10.063 -0.887  1.00 18.21 ? 28  GLU A CD  1 
ATOM   220  O OE1 . GLU A 1 28 ? -1.849  -10.935 -0.027  1.00 21.31 ? 28  GLU A OE1 1 
ATOM   221  O OE2 . GLU A 1 28 ? -3.220  -9.968  -1.447  1.00 20.01 ? 28  GLU A OE2 1 
ATOM   222  N N   . ALA A 1 29 ? -0.892  -7.042  3.229   1.00 12.09 ? 29  ALA A N   1 
ATOM   223  C CA  . ALA A 1 29 ? -0.257  -6.472  4.404   1.00 11.65 ? 29  ALA A CA  1 
ATOM   224  C C   . ALA A 1 29 ? -1.190  -6.627  5.604   1.00 11.29 ? 29  ALA A C   1 
ATOM   225  O O   . ALA A 1 29 ? -2.402  -6.821  5.439   1.00 11.15 ? 29  ALA A O   1 
ATOM   226  C CB  . ALA A 1 29 ? 0.077   -4.990  4.163   1.00 11.57 ? 29  ALA A CB  1 
ATOM   227  N N   . ILE A 1 30 ? -0.627  -6.552  6.805   1.00 10.84 ? 30  ILE A N   1 
ATOM   228  C CA  . ILE A 1 30 ? -1.430  -6.604  8.029   1.00 10.73 ? 30  ILE A CA  1 
ATOM   229  C C   . ILE A 1 30 ? -1.218  -5.342  8.850   1.00 10.76 ? 30  ILE A C   1 
ATOM   230  O O   . ILE A 1 30 ? -0.178  -4.683  8.737   1.00 10.90 ? 30  ILE A O   1 
ATOM   231  C CB  . ILE A 1 30 ? -1.132  -7.869  8.875   1.00 10.79 ? 30  ILE A CB  1 
ATOM   232  C CG1 . ILE A 1 30 ? 0.333   -7.904  9.335   1.00 10.47 ? 30  ILE A CG1 1 
ATOM   233  C CG2 . ILE A 1 30 ? -1.481  -9.124  8.073   1.00 10.36 ? 30  ILE A CG2 1 
ATOM   234  C CD1 . ILE A 1 30 ? 0.663   -9.076  10.269  1.00 10.31 ? 30  ILE A CD1 1 
ATOM   235  N N   . THR A 1 31 ? -2.205  -5.001  9.672   1.00 10.82 ? 31  THR A N   1 
ATOM   236  C CA  . THR A 1 31 ? -2.184  -3.735  10.379  1.00 10.74 ? 31  THR A CA  1 
ATOM   237  C C   . THR A 1 31 ? -2.849  -3.807  11.754  1.00 10.85 ? 31  THR A C   1 
ATOM   238  O O   . THR A 1 31 ? -3.787  -4.574  11.970  1.00 10.42 ? 31  THR A O   1 
ATOM   239  C CB  . THR A 1 31 ? -2.838  -2.610  9.522   1.00 10.77 ? 31  THR A CB  1 
ATOM   240  O OG1 . THR A 1 31 ? -2.574  -1.330  10.115  1.00 10.11 ? 31  THR A OG1 1 
ATOM   241  C CG2 . THR A 1 31 ? -4.350  -2.821  9.378   1.00 10.85 ? 31  THR A CG2 1 
ATOM   242  N N   . ARG A 1 32 ? -2.310  -3.022  12.685  1.00 10.88 ? 32  ARG A N   1 
ATOM   243  C CA  . ARG A 1 32 ? -2.954  -2.759  13.961  1.00 11.15 ? 32  ARG A CA  1 
ATOM   244  C C   . ARG A 1 32 ? -2.744  -1.293  14.343  1.00 11.22 ? 32  ARG A C   1 
ATOM   245  O O   . ARG A 1 32 ? -1.679  -0.715  14.087  1.00 11.31 ? 32  ARG A O   1 
ATOM   246  C CB  . ARG A 1 32 ? -2.399  -3.661  15.067  1.00 11.23 ? 32  ARG A CB  1 
ATOM   247  C CG  . ARG A 1 32 ? -3.031  -3.379  16.434  1.00 11.60 ? 32  ARG A CG  1 
ATOM   248  C CD  . ARG A 1 32 ? -2.673  -4.399  17.499  1.00 12.27 ? 32  ARG A CD  1 
ATOM   249  N NE  . ARG A 1 32 ? -3.330  -4.060  18.762  1.00 13.62 ? 32  ARG A NE  1 
ATOM   250  C CZ  . ARG A 1 32 ? -3.038  -4.578  19.954  1.00 14.71 ? 32  ARG A CZ  1 
ATOM   251  N NH1 . ARG A 1 32 ? -3.717  -4.174  21.025  1.00 15.44 ? 32  ARG A NH1 1 
ATOM   252  N NH2 . ARG A 1 32 ? -2.082  -5.494  20.093  1.00 14.80 ? 32  ARG A NH2 1 
ATOM   253  N N   . SER A 1 33 ? -3.769  -0.706  14.946  1.00 11.35 ? 33  SER A N   1 
ATOM   254  C CA  . SER A 1 33 ? -3.688  0.618   15.534  1.00 11.56 ? 33  SER A CA  1 
ATOM   255  C C   . SER A 1 33 ? -3.569  0.457   17.040  1.00 11.65 ? 33  SER A C   1 
ATOM   256  O O   . SER A 1 33 ? -4.485  -0.057  17.692  1.00 11.48 ? 33  SER A O   1 
ATOM   257  C CB  . SER A 1 33 ? -4.932  1.436   15.190  1.00 11.73 ? 33  SER A CB  1 
ATOM   258  O OG  . SER A 1 33 ? -4.998  1.681   13.798  1.00 12.12 ? 33  SER A OG  1 
ATOM   259  N N   . PHE A 1 34 ? -2.423  0.864   17.576  1.00 11.77 ? 34  PHE A N   1 
ATOM   260  C CA  . PHE A 1 34 ? -2.181  0.837   19.008  1.00 11.73 ? 34  PHE A CA  1 
ATOM   261  C C   . PHE A 1 34 ? -2.585  2.184   19.591  1.00 11.89 ? 34  PHE A C   1 
ATOM   262  O O   . PHE A 1 34 ? -2.365  3.228   18.971  1.00 11.40 ? 34  PHE A O   1 
ATOM   263  C CB  . PHE A 1 34 ? -0.704  0.567   19.304  1.00 11.71 ? 34  PHE A CB  1 
ATOM   264  C CG  . PHE A 1 34 ? -0.224  -0.790  18.852  1.00 11.92 ? 34  PHE A CG  1 
ATOM   265  C CD1 . PHE A 1 34 ? -0.198  -1.863  19.739  1.00 12.33 ? 34  PHE A CD1 1 
ATOM   266  C CD2 . PHE A 1 34 ? 0.210   -0.993  17.545  1.00 11.83 ? 34  PHE A CD2 1 
ATOM   267  C CE1 . PHE A 1 34 ? 0.253   -3.116  19.329  1.00 11.69 ? 34  PHE A CE1 1 
ATOM   268  C CE2 . PHE A 1 34 ? 0.659   -2.235  17.125  1.00 11.68 ? 34  PHE A CE2 1 
ATOM   269  C CZ  . PHE A 1 34 ? 0.683   -3.300  18.020  1.00 12.50 ? 34  PHE A CZ  1 
ATOM   270  N N   . LYS A 1 35 ? -3.178  2.142   20.779  1.00 12.05 ? 35  LYS A N   1 
ATOM   271  C CA  . LYS A 1 35 ? -3.552  3.333   21.519  1.00 12.47 ? 35  LYS A CA  1 
ATOM   272  C C   . LYS A 1 35 ? -2.952  3.220   22.913  1.00 12.19 ? 35  LYS A C   1 
ATOM   273  O O   . LYS A 1 35 ? -3.303  2.322   23.674  1.00 12.40 ? 35  LYS A O   1 
ATOM   274  C CB  . LYS A 1 35 ? -5.073  3.441   21.604  1.00 12.92 ? 35  LYS A CB  1 
ATOM   275  C CG  . LYS A 1 35 ? -5.593  4.726   22.238  1.00 15.13 ? 35  LYS A CG  1 
ATOM   276  C CD  . LYS A 1 35 ? -5.546  5.898   21.264  1.00 17.75 ? 35  LYS A CD  1 
ATOM   277  C CE  . LYS A 1 35 ? -6.342  7.091   21.783  1.00 19.51 ? 35  LYS A CE  1 
ATOM   278  N NZ  . LYS A 1 35 ? -7.792  6.775   21.921  1.00 20.79 ? 35  LYS A NZ  1 
ATOM   279  N N   . PHE A 1 36 ? -2.039  4.126   23.237  1.00 11.77 ? 36  PHE A N   1 
ATOM   280  C CA  . PHE A 1 36 ? -1.387  4.143   24.539  1.00 11.47 ? 36  PHE A CA  1 
ATOM   281  C C   . PHE A 1 36 ? -1.940  5.287   25.379  1.00 11.40 ? 36  PHE A C   1 
ATOM   282  O O   . PHE A 1 36 ? -2.748  6.079   24.900  1.00 11.33 ? 36  PHE A O   1 
ATOM   283  C CB  . PHE A 1 36 ? 0.121   4.263   24.351  1.00 11.40 ? 36  PHE A CB  1 
ATOM   284  C CG  . PHE A 1 36 ? 0.701   3.154   23.529  1.00 11.07 ? 36  PHE A CG  1 
ATOM   285  C CD1 . PHE A 1 36 ? 0.959   1.917   24.104  1.00 10.73 ? 36  PHE A CD1 1 
ATOM   286  C CD2 . PHE A 1 36 ? 0.950   3.328   22.175  1.00 10.78 ? 36  PHE A CD2 1 
ATOM   287  C CE1 . PHE A 1 36 ? 1.487   0.881   23.349  1.00 11.40 ? 36  PHE A CE1 1 
ATOM   288  C CE2 . PHE A 1 36 ? 1.478   2.297   21.414  1.00 10.76 ? 36  PHE A CE2 1 
ATOM   289  C CZ  . PHE A 1 36 ? 1.747   1.069   22.003  1.00 10.82 ? 36  PHE A CZ  1 
ATOM   290  N N   . LYS A 1 37 ? -1.535  5.367   26.640  1.00 11.42 ? 37  LYS A N   1 
ATOM   291  C CA  . LYS A 1 37 ? -2.071  6.400   27.518  1.00 11.48 ? 37  LYS A CA  1 
ATOM   292  C C   . LYS A 1 37 ? -1.477  7.780   27.231  1.00 11.00 ? 37  LYS A C   1 
ATOM   293  O O   . LYS A 1 37 ? -2.121  8.794   27.495  1.00 11.17 ? 37  LYS A O   1 
ATOM   294  C CB  . LYS A 1 37 ? -1.911  6.021   28.998  1.00 12.00 ? 37  LYS A CB  1 
ATOM   295  C CG  . LYS A 1 37 ? -0.483  5.965   29.531  1.00 13.64 ? 37  LYS A CG  1 
ATOM   296  C CD  . LYS A 1 37 ? -0.500  5.905   31.064  1.00 15.49 ? 37  LYS A CD  1 
ATOM   297  C CE  . LYS A 1 37 ? 0.751   5.249   31.631  1.00 16.73 ? 37  LYS A CE  1 
ATOM   298  N NZ  . LYS A 1 37 ? 0.854   3.815   31.220  1.00 17.84 ? 37  LYS A NZ  1 
ATOM   299  N N   . ASP A 1 38 ? -0.263  7.819   26.683  1.00 10.40 ? 38  ASP A N   1 
ATOM   300  C CA  . ASP A 1 38 ? 0.393   9.086   26.351  1.00 9.85  ? 38  ASP A CA  1 
ATOM   301  C C   . ASP A 1 38 ? 1.486   8.903   25.296  1.00 9.41  ? 38  ASP A C   1 
ATOM   302  O O   . ASP A 1 38 ? 1.731   7.786   24.832  1.00 9.30  ? 38  ASP A O   1 
ATOM   303  C CB  . ASP A 1 38 ? 0.958   9.751   27.623  1.00 10.01 ? 38  ASP A CB  1 
ATOM   304  C CG  . ASP A 1 38 ? 1.881   8.834   28.430  1.00 9.91  ? 38  ASP A CG  1 
ATOM   305  O OD1 . ASP A 1 38 ? 2.430   7.846   27.894  1.00 9.21  ? 38  ASP A OD1 1 
ATOM   306  O OD2 . ASP A 1 38 ? 2.061   9.117   29.627  1.00 11.23 ? 38  ASP A OD2 1 
ATOM   307  N N   . PHE A 1 39 ? 2.133   9.998   24.909  1.00 8.89  ? 39  PHE A N   1 
ATOM   308  C CA  . PHE A 1 39 ? 3.225   9.930   23.942  1.00 8.74  ? 39  PHE A CA  1 
ATOM   309  C C   . PHE A 1 39 ? 4.415   9.131   24.477  1.00 8.56  ? 39  PHE A C   1 
ATOM   310  O O   . PHE A 1 39 ? 4.987   8.316   23.756  1.00 8.40  ? 39  PHE A O   1 
ATOM   311  C CB  . PHE A 1 39 ? 3.679   11.330  23.520  1.00 8.92  ? 39  PHE A CB  1 
ATOM   312  C CG  . PHE A 1 39 ? 4.888   11.328  22.633  1.00 8.72  ? 39  PHE A CG  1 
ATOM   313  C CD1 . PHE A 1 39 ? 4.786   10.946  21.300  1.00 9.12  ? 39  PHE A CD1 1 
ATOM   314  C CD2 . PHE A 1 39 ? 6.134   11.689  23.134  1.00 8.60  ? 39  PHE A CD2 1 
ATOM   315  C CE1 . PHE A 1 39 ? 5.907   10.929  20.478  1.00 8.64  ? 39  PHE A CE1 1 
ATOM   316  C CE2 . PHE A 1 39 ? 7.256   11.682  22.322  1.00 8.36  ? 39  PHE A CE2 1 
ATOM   317  C CZ  . PHE A 1 39 ? 7.145   11.296  20.993  1.00 9.03  ? 39  PHE A CZ  1 
ATOM   318  N N   . SER A 1 40 ? 4.782   9.365   25.734  1.00 8.40  ? 40  SER A N   1 
ATOM   319  C CA  . SER A 1 40 ? 5.939   8.696   26.338  1.00 8.49  ? 40  SER A CA  1 
ATOM   320  C C   . SER A 1 40 ? 5.845   7.172   26.201  1.00 8.39  ? 40  SER A C   1 
ATOM   321  O O   . SER A 1 40 ? 6.809   6.521   25.808  1.00 8.10  ? 40  SER A O   1 
ATOM   322  C CB  . SER A 1 40 ? 6.094   9.105   27.815  1.00 8.63  ? 40  SER A CB  1 
ATOM   323  O OG  . SER A 1 40 ? 7.134   8.378   28.450  1.00 8.98  ? 40  SER A OG  1 
ATOM   324  N N   . THR A 1 41 ? 4.674   6.621   26.509  1.00 8.42  ? 41  THR A N   1 
ATOM   325  C CA  . THR A 1 41 ? 4.438   5.183   26.419  1.00 8.68  ? 41  THR A CA  1 
ATOM   326  C C   . THR A 1 41 ? 4.484   4.707   24.965  1.00 8.53  ? 41  THR A C   1 
ATOM   327  O O   . THR A 1 41 ? 5.086   3.675   24.669  1.00 8.19  ? 41  THR A O   1 
ATOM   328  C CB  . THR A 1 41 ? 3.087   4.797   27.069  1.00 8.62  ? 41  THR A CB  1 
ATOM   329  O OG1 . THR A 1 41 ? 3.033   5.335   28.395  1.00 10.05 ? 41  THR A OG1 1 
ATOM   330  C CG2 . THR A 1 41 ? 2.919   3.280   27.146  1.00 9.25  ? 41  THR A CG2 1 
ATOM   331  N N   . ALA A 1 42 ? 3.859   5.470   24.067  1.00 8.40  ? 42  ALA A N   1 
ATOM   332  C CA  . ALA A 1 42 ? 3.913   5.185   22.632  1.00 8.55  ? 42  ALA A CA  1 
ATOM   333  C C   . ALA A 1 42 ? 5.349   5.191   22.109  1.00 8.69  ? 42  ALA A C   1 
ATOM   334  O O   . ALA A 1 42 ? 5.724   4.341   21.301  1.00 8.57  ? 42  ALA A O   1 
ATOM   335  C CB  . ALA A 1 42 ? 3.071   6.192   21.852  1.00 8.60  ? 42  ALA A CB  1 
ATOM   336  N N   . PHE A 1 43 ? 6.145   6.157   22.561  1.00 8.86  ? 43  PHE A N   1 
ATOM   337  C CA  . PHE A 1 43 ? 7.534   6.257   22.124  1.00 9.05  ? 43  PHE A CA  1 
ATOM   338  C C   . PHE A 1 43 ? 8.381   5.096   22.651  1.00 8.85  ? 43  PHE A C   1 
ATOM   339  O O   . PHE A 1 43 ? 9.237   4.575   21.935  1.00 8.98  ? 43  PHE A O   1 
ATOM   340  C CB  . PHE A 1 43 ? 8.158   7.588   22.544  1.00 9.24  ? 43  PHE A CB  1 
ATOM   341  C CG  . PHE A 1 43 ? 9.591   7.733   22.110  1.00 9.92  ? 43  PHE A CG  1 
ATOM   342  C CD1 . PHE A 1 43 ? 9.915   7.747   20.766  1.00 10.23 ? 43  PHE A CD1 1 
ATOM   343  C CD2 . PHE A 1 43 ? 10.613  7.836   23.048  1.00 11.32 ? 43  PHE A CD2 1 
ATOM   344  C CE1 . PHE A 1 43 ? 11.237  7.862   20.352  1.00 10.36 ? 43  PHE A CE1 1 
ATOM   345  C CE2 . PHE A 1 43 ? 11.931  7.958   22.644  1.00 11.76 ? 43  PHE A CE2 1 
ATOM   346  C CZ  . PHE A 1 43 ? 12.240  7.969   21.288  1.00 11.25 ? 43  PHE A CZ  1 
ATOM   347  N N   . GLY A 1 44 ? 8.139   4.694   23.897  1.00 8.58  ? 44  GLY A N   1 
ATOM   348  C CA  . GLY A 1 44 ? 8.779   3.505   24.459  1.00 8.45  ? 44  GLY A CA  1 
ATOM   349  C C   . GLY A 1 44 ? 8.505   2.260   23.629  1.00 8.16  ? 44  GLY A C   1 
ATOM   350  O O   . GLY A 1 44 ? 9.409   1.460   23.377  1.00 7.90  ? 44  GLY A O   1 
ATOM   351  N N   . PHE A 1 45 ? 7.251   2.105   23.213  1.00 7.96  ? 45  PHE A N   1 
ATOM   352  C CA  . PHE A 1 45 ? 6.840   1.014   22.323  1.00 8.04  ? 45  PHE A CA  1 
ATOM   353  C C   . PHE A 1 45 ? 7.605   1.076   21.003  1.00 7.81  ? 45  PHE A C   1 
ATOM   354  O O   . PHE A 1 45 ? 8.139   0.071   20.550  1.00 7.78  ? 45  PHE A O   1 
ATOM   355  C CB  . PHE A 1 45 ? 5.323   1.069   22.081  1.00 8.12  ? 45  PHE A CB  1 
ATOM   356  C CG  . PHE A 1 45 ? 4.854   0.270   20.898  1.00 8.90  ? 45  PHE A CG  1 
ATOM   357  C CD1 . PHE A 1 45 ? 4.532   -1.070  21.031  1.00 9.76  ? 45  PHE A CD1 1 
ATOM   358  C CD2 . PHE A 1 45 ? 4.713   0.869   19.654  1.00 9.00  ? 45  PHE A CD2 1 
ATOM   359  C CE1 . PHE A 1 45 ? 4.094   -1.804  19.937  1.00 10.08 ? 45  PHE A CE1 1 
ATOM   360  C CE2 . PHE A 1 45 ? 4.274   0.142   18.558  1.00 9.77  ? 45  PHE A CE2 1 
ATOM   361  C CZ  . PHE A 1 45 ? 3.962   -1.197  18.699  1.00 9.90  ? 45  PHE A CZ  1 
ATOM   362  N N   . MET A 1 46 ? 7.667   2.261   20.403  1.00 7.85  ? 46  MET A N   1 
ATOM   363  C CA  . MET A 1 46 ? 8.386   2.450   19.143  1.00 8.07  ? 46  MET A CA  1 
ATOM   364  C C   . MET A 1 46 ? 9.883   2.169   19.294  1.00 7.84  ? 46  MET A C   1 
ATOM   365  O O   . MET A 1 46 ? 10.493  1.568   18.414  1.00 7.84  ? 46  MET A O   1 
ATOM   366  C CB  . MET A 1 46 ? 8.161   3.863   18.586  1.00 8.13  ? 46  MET A CB  1 
ATOM   367  C CG  . MET A 1 46 ? 6.720   4.113   18.125  1.00 8.89  ? 46  MET A CG  1 
ATOM   368  S SD  . MET A 1 46 ? 6.455   5.739   17.395  1.00 10.89 ? 46  MET A SD  1 
ATOM   369  C CE  . MET A 1 46 ? 7.208   5.501   15.782  1.00 10.05 ? 46  MET A CE  1 
ATOM   370  N N   . ALA A 1 47 ? 10.461  2.590   20.417  1.00 7.48  ? 47  ALA A N   1 
ATOM   371  C CA  . ALA A 1 47 ? 11.874  2.334   20.708  1.00 7.20  ? 47  ALA A CA  1 
ATOM   372  C C   . ALA A 1 47 ? 12.165  0.832   20.764  1.00 7.10  ? 47  ALA A C   1 
ATOM   373  O O   . ALA A 1 47 ? 13.105  0.352   20.136  1.00 6.68  ? 47  ALA A O   1 
ATOM   374  C CB  . ALA A 1 47 ? 12.281  3.012   22.022  1.00 7.05  ? 47  ALA A CB  1 
ATOM   375  N N   . GLN A 1 48 ? 11.340  0.094   21.502  1.00 7.06  ? 48  GLN A N   1 
ATOM   376  C CA  . GLN A 1 48 ? 11.504  -1.358  21.610  1.00 6.97  ? 48  GLN A CA  1 
ATOM   377  C C   . GLN A 1 48 ? 11.287  -2.069  20.276  1.00 7.20  ? 48  GLN A C   1 
ATOM   378  O O   . GLN A 1 48 ? 12.036  -2.978  19.933  1.00 7.26  ? 48  GLN A O   1 
ATOM   379  C CB  . GLN A 1 48 ? 10.566  -1.928  22.668  1.00 6.80  ? 48  GLN A CB  1 
ATOM   380  C CG  . GLN A 1 48 ? 10.932  -1.482  24.071  1.00 6.81  ? 48  GLN A CG  1 
ATOM   381  C CD  . GLN A 1 48 ? 10.146  -2.195  25.142  1.00 7.08  ? 48  GLN A CD  1 
ATOM   382  O OE1 . GLN A 1 48 ? 9.379   -1.570  25.884  1.00 7.46  ? 48  GLN A OE1 1 
ATOM   383  N NE2 . GLN A 1 48 ? 10.333  -3.507  25.239  1.00 5.36  ? 48  GLN A NE2 1 
ATOM   384  N N   . ALA A 1 49 ? 10.258  -1.654  19.539  1.00 7.16  ? 49  ALA A N   1 
ATOM   385  C CA  . ALA A 1 49 ? 9.958   -2.220  18.221  1.00 7.41  ? 49  ALA A CA  1 
ATOM   386  C C   . ALA A 1 49 ? 11.078  -1.951  17.220  1.00 7.35  ? 49  ALA A C   1 
ATOM   387  O O   . ALA A 1 49 ? 11.402  -2.817  16.402  1.00 7.68  ? 49  ALA A O   1 
ATOM   388  C CB  . ALA A 1 49 ? 8.627   -1.669  17.693  1.00 7.27  ? 49  ALA A CB  1 
ATOM   389  N N   . ALA A 1 50 ? 11.665  -0.758  17.298  1.00 7.12  ? 50  ALA A N   1 
ATOM   390  C CA  . ALA A 1 50 ? 12.800  -0.370  16.456  1.00 7.04  ? 50  ALA A CA  1 
ATOM   391  C C   . ALA A 1 50 ? 14.005  -1.293  16.651  1.00 7.07  ? 50  ALA A C   1 
ATOM   392  O O   . ALA A 1 50 ? 14.662  -1.681  15.680  1.00 6.87  ? 50  ALA A O   1 
ATOM   393  C CB  . ALA A 1 50 ? 13.195  1.075   16.739  1.00 7.01  ? 50  ALA A CB  1 
ATOM   394  N N   . LEU A 1 51 ? 14.292  -1.638  17.907  1.00 7.14  ? 51  LEU A N   1 
ATOM   395  C CA  . LEU A 1 51 ? 15.342  -2.606  18.223  1.00 7.19  ? 51  LEU A CA  1 
ATOM   396  C C   . LEU A 1 51 ? 15.120  -3.907  17.474  1.00 7.16  ? 51  LEU A C   1 
ATOM   397  O O   . LEU A 1 51 ? 16.034  -4.437  16.852  1.00 7.19  ? 51  LEU A O   1 
ATOM   398  C CB  . LEU A 1 51 ? 15.371  -2.919  19.719  1.00 7.18  ? 51  LEU A CB  1 
ATOM   399  C CG  . LEU A 1 51 ? 15.726  -1.819  20.716  1.00 7.48  ? 51  LEU A CG  1 
ATOM   400  C CD1 . LEU A 1 51 ? 15.662  -2.396  22.123  1.00 7.42  ? 51  LEU A CD1 1 
ATOM   401  C CD2 . LEU A 1 51 ? 17.100  -1.241  20.427  1.00 6.52  ? 51  LEU A CD2 1 
ATOM   402  N N   . TYR A 1 52 ? 13.894  -4.420  17.555  1.00 7.73  ? 52  TYR A N   1 
ATOM   403  C CA  . TYR A 1 52 ? 13.545  -5.688  16.925  1.00 8.03  ? 52  TYR A CA  1 
ATOM   404  C C   . TYR A 1 52 ? 13.559  -5.582  15.398  1.00 8.19  ? 52  TYR A C   1 
ATOM   405  O O   . TYR A 1 52 ? 13.904  -6.542  14.713  1.00 8.03  ? 52  TYR A O   1 
ATOM   406  C CB  . TYR A 1 52 ? 12.179  -6.179  17.431  1.00 8.31  ? 52  TYR A CB  1 
ATOM   407  C CG  . TYR A 1 52 ? 11.901  -7.636  17.137  1.00 8.76  ? 52  TYR A CG  1 
ATOM   408  C CD1 . TYR A 1 52 ? 12.704  -8.641  17.668  1.00 10.04 ? 52  TYR A CD1 1 
ATOM   409  C CD2 . TYR A 1 52 ? 10.832  -8.010  16.341  1.00 9.42  ? 52  TYR A CD2 1 
ATOM   410  C CE1 . TYR A 1 52 ? 12.448  -9.986  17.399  1.00 10.33 ? 52  TYR A CE1 1 
ATOM   411  C CE2 . TYR A 1 52 ? 10.570  -9.341  16.066  1.00 9.90  ? 52  TYR A CE2 1 
ATOM   412  C CZ  . TYR A 1 52 ? 11.379  -10.324 16.595  1.00 10.28 ? 52  TYR A CZ  1 
ATOM   413  O OH  . TYR A 1 52 ? 11.106  -11.649 16.318  1.00 11.19 ? 52  TYR A OH  1 
ATOM   414  N N   . ALA A 1 53 ? 13.194  -4.420  14.864  1.00 8.42  ? 53  ALA A N   1 
ATOM   415  C CA  . ALA A 1 53 ? 13.263  -4.202  13.419  1.00 8.72  ? 53  ALA A CA  1 
ATOM   416  C C   . ALA A 1 53 ? 14.697  -4.392  12.928  1.00 9.12  ? 53  ALA A C   1 
ATOM   417  O O   . ALA A 1 53 ? 14.934  -5.013  11.894  1.00 8.87  ? 53  ALA A O   1 
ATOM   418  C CB  . ALA A 1 53 ? 12.751  -2.801  13.049  1.00 8.67  ? 53  ALA A CB  1 
ATOM   419  N N   . GLU A 1 54 ? 15.654  -3.867  13.685  1.00 9.81  ? 54  GLU A N   1 
ATOM   420  C CA  . GLU A 1 54 ? 17.066  -4.010  13.338  1.00 10.25 ? 54  GLU A CA  1 
ATOM   421  C C   . GLU A 1 54 ? 17.619  -5.407  13.634  1.00 10.47 ? 54  GLU A C   1 
ATOM   422  O O   . GLU A 1 54 ? 18.526  -5.873  12.935  1.00 10.09 ? 54  GLU A O   1 
ATOM   423  C CB  . GLU A 1 54 ? 17.897  -2.924  14.024  1.00 10.61 ? 54  GLU A CB  1 
ATOM   424  C CG  . GLU A 1 54 ? 17.766  -1.585  13.333  1.00 11.08 ? 54  GLU A CG  1 
ATOM   425  C CD  . GLU A 1 54 ? 18.510  -1.546  12.009  1.00 11.77 ? 54  GLU A CD  1 
ATOM   426  O OE1 . GLU A 1 54 ? 19.759  -1.527  12.026  1.00 12.34 ? 54  GLU A OE1 1 
ATOM   427  O OE2 . GLU A 1 54 ? 17.844  -1.531  10.953  1.00 12.30 ? 54  GLU A OE2 1 
ATOM   428  N N   . LYS A 1 55 ? 17.070  -6.077  14.649  1.00 10.80 ? 55  LYS A N   1 
ATOM   429  C CA  . LYS A 1 55 ? 17.405  -7.483  14.901  1.00 11.25 ? 55  LYS A CA  1 
ATOM   430  C C   . LYS A 1 55 ? 17.026  -8.351  13.694  1.00 11.19 ? 55  LYS A C   1 
ATOM   431  O O   . LYS A 1 55 ? 17.817  -9.178  13.255  1.00 11.03 ? 55  LYS A O   1 
ATOM   432  C CB  . LYS A 1 55 ? 16.722  -8.008  16.173  1.00 11.40 ? 55  LYS A CB  1 
ATOM   433  C CG  . LYS A 1 55 ? 17.076  -9.469  16.527  1.00 12.55 ? 55  LYS A CG  1 
ATOM   434  C CD  . LYS A 1 55 ? 16.475  -9.888  17.869  1.00 14.46 ? 55  LYS A CD  1 
ATOM   435  C CE  . LYS A 1 55 ? 16.763  -11.353 18.203  1.00 16.14 ? 55  LYS A CE  1 
ATOM   436  N NZ  . LYS A 1 55 ? 18.214  -11.606 18.479  1.00 17.95 ? 55  LYS A NZ  1 
ATOM   437  N N   . LEU A 1 56 ? 15.827  -8.136  13.158  1.00 11.33 ? 56  LEU A N   1 
ATOM   438  C CA  . LEU A 1 56 ? 15.325  -8.897  12.009  1.00 11.51 ? 56  LEU A CA  1 
ATOM   439  C C   . LEU A 1 56 ? 15.710  -8.323  10.642  1.00 11.70 ? 56  LEU A C   1 
ATOM   440  O O   . LEU A 1 56 ? 15.516  -8.990  9.623   1.00 11.89 ? 56  LEU A O   1 
ATOM   441  C CB  . LEU A 1 56 ? 13.797  -8.968  12.055  1.00 11.57 ? 56  LEU A CB  1 
ATOM   442  C CG  . LEU A 1 56 ? 13.116  -9.705  13.202  1.00 11.96 ? 56  LEU A CG  1 
ATOM   443  C CD1 . LEU A 1 56 ? 11.617  -9.710  12.947  1.00 12.61 ? 56  LEU A CD1 1 
ATOM   444  C CD2 . LEU A 1 56 ? 13.656  -11.123 13.345  1.00 12.62 ? 56  LEU A CD2 1 
ATOM   445  N N   . ASP A 1 57 ? 16.235  -7.098  10.620  1.00 11.71 ? 57  ASP A N   1 
ATOM   446  C CA  . ASP A 1 57 ? 16.387  -6.334  9.384   1.00 11.98 ? 57  ASP A CA  1 
ATOM   447  C C   . ASP A 1 57 ? 15.053  -6.331  8.630   1.00 11.95 ? 57  ASP A C   1 
ATOM   448  O O   . ASP A 1 57 ? 14.972  -6.702  7.462   1.00 12.05 ? 57  ASP A O   1 
ATOM   449  C CB  . ASP A 1 57 ? 17.525  -6.896  8.514   1.00 12.18 ? 57  ASP A CB  1 
ATOM   450  C CG  . ASP A 1 57 ? 17.916  -5.957  7.379   1.00 13.08 ? 57  ASP A CG  1 
ATOM   451  O OD1 . ASP A 1 57 ? 17.678  -4.729  7.488   1.00 14.74 ? 57  ASP A OD1 1 
ATOM   452  O OD2 . ASP A 1 57 ? 18.470  -6.441  6.376   1.00 14.51 ? 57  ASP A OD2 1 
ATOM   453  N N   . HIS A 1 58 ? 14.002  -5.932  9.335   1.00 11.94 ? 58  HIS A N   1 
ATOM   454  C CA  . HIS A 1 58 ? 12.645  -5.963  8.806   1.00 11.99 ? 58  HIS A CA  1 
ATOM   455  C C   . HIS A 1 58 ? 11.877  -4.800  9.426   1.00 11.98 ? 58  HIS A C   1 
ATOM   456  O O   . HIS A 1 58 ? 11.564  -4.812  10.615  1.00 11.78 ? 58  HIS A O   1 
ATOM   457  C CB  . HIS A 1 58 ? 11.978  -7.303  9.133   1.00 11.90 ? 58  HIS A CB  1 
ATOM   458  C CG  . HIS A 1 58 ? 10.623  -7.465  8.519   1.00 12.27 ? 58  HIS A CG  1 
ATOM   459  N ND1 . HIS A 1 58 ? 10.435  -7.586  7.160   1.00 11.95 ? 58  HIS A ND1 1 
ATOM   460  C CD2 . HIS A 1 58 ? 9.390   -7.518  9.077   1.00 12.69 ? 58  HIS A CD2 1 
ATOM   461  C CE1 . HIS A 1 58 ? 9.144   -7.704  6.906   1.00 12.27 ? 58  HIS A CE1 1 
ATOM   462  N NE2 . HIS A 1 58 ? 8.488   -7.667  8.051   1.00 12.43 ? 58  HIS A NE2 1 
ATOM   463  N N   . HIS A 1 59 ? 11.579  -3.796  8.613   1.00 12.10 ? 59  HIS A N   1 
ATOM   464  C CA  . HIS A 1 59 ? 11.132  -2.513  9.131   1.00 12.17 ? 59  HIS A CA  1 
ATOM   465  C C   . HIS A 1 59 ? 9.665   -2.240  8.833   1.00 12.43 ? 59  HIS A C   1 
ATOM   466  O O   . HIS A 1 59 ? 9.192   -2.500  7.724   1.00 12.34 ? 59  HIS A O   1 
ATOM   467  C CB  . HIS A 1 59 ? 12.030  -1.417  8.579   1.00 12.23 ? 59  HIS A CB  1 
ATOM   468  C CG  . HIS A 1 59 ? 13.470  -1.620  8.929   1.00 12.27 ? 59  HIS A CG  1 
ATOM   469  N ND1 . HIS A 1 59 ? 14.351  -2.276  8.098   1.00 12.20 ? 59  HIS A ND1 1 
ATOM   470  C CD2 . HIS A 1 59 ? 14.166  -1.306  10.047  1.00 11.71 ? 59  HIS A CD2 1 
ATOM   471  C CE1 . HIS A 1 59 ? 15.539  -2.327  8.675   1.00 12.42 ? 59  HIS A CE1 1 
ATOM   472  N NE2 . HIS A 1 59 ? 15.453  -1.752  9.862   1.00 12.22 ? 59  HIS A NE2 1 
ATOM   473  N N   . PRO A 1 60 ? 8.933   -1.724  9.838   1.00 12.54 ? 60  PRO A N   1 
ATOM   474  C CA  . PRO A 1 60 ? 7.510   -1.470  9.659   1.00 12.60 ? 60  PRO A CA  1 
ATOM   475  C C   . PRO A 1 60 ? 7.232   -0.207  8.863   1.00 12.52 ? 60  PRO A C   1 
ATOM   476  O O   . PRO A 1 60 ? 8.116   0.643   8.711   1.00 12.67 ? 60  PRO A O   1 
ATOM   477  C CB  . PRO A 1 60 ? 7.014   -1.296  11.099  1.00 12.67 ? 60  PRO A CB  1 
ATOM   478  C CG  . PRO A 1 60 ? 8.192   -0.707  11.817  1.00 12.89 ? 60  PRO A CG  1 
ATOM   479  C CD  . PRO A 1 60 ? 9.390   -1.375  11.198  1.00 12.53 ? 60  PRO A CD  1 
ATOM   480  N N   . GLU A 1 61 ? 6.010   -0.103  8.346   1.00 12.28 ? 61  GLU A N   1 
ATOM   481  C CA  . GLU A 1 61 ? 5.448   1.177   7.945   1.00 12.36 ? 61  GLU A CA  1 
ATOM   482  C C   . GLU A 1 61 ? 4.578   1.617   9.116   1.00 11.76 ? 61  GLU A C   1 
ATOM   483  O O   . GLU A 1 61 ? 3.625   0.918   9.480   1.00 11.94 ? 61  GLU A O   1 
ATOM   484  C CB  . GLU A 1 61 ? 4.617   1.054   6.668   1.00 12.67 ? 61  GLU A CB  1 
ATOM   485  C CG  . GLU A 1 61 ? 5.456   0.789   5.419   1.00 14.58 ? 61  GLU A CG  1 
ATOM   486  C CD  . GLU A 1 61 ? 4.629   0.704   4.143   1.00 17.93 ? 61  GLU A CD  1 
ATOM   487  O OE1 . GLU A 1 61 ? 3.389   0.864   4.201   1.00 19.88 ? 61  GLU A OE1 1 
ATOM   488  O OE2 . GLU A 1 61 ? 5.227   0.470   3.069   1.00 20.53 ? 61  GLU A OE2 1 
ATOM   489  N N   . TRP A 1 62 ? 4.900   2.753   9.727   1.00 10.71 ? 62  TRP A N   1 
ATOM   490  C CA  . TRP A 1 62 ? 4.151   3.177   10.907  1.00 9.95  ? 62  TRP A CA  1 
ATOM   491  C C   . TRP A 1 62 ? 3.994   4.683   11.070  1.00 9.56  ? 62  TRP A C   1 
ATOM   492  O O   . TRP A 1 62 ? 4.837   5.464   10.645  1.00 8.75  ? 62  TRP A O   1 
ATOM   493  C CB  . TRP A 1 62 ? 4.695   2.523   12.195  1.00 10.01 ? 62  TRP A CB  1 
ATOM   494  C CG  . TRP A 1 62 ? 6.153   2.710   12.512  1.00 9.29  ? 62  TRP A CG  1 
ATOM   495  C CD1 . TRP A 1 62 ? 7.102   3.357   11.763  1.00 9.50  ? 62  TRP A CD1 1 
ATOM   496  C CD2 . TRP A 1 62 ? 6.842   2.193   13.665  1.00 9.57  ? 62  TRP A CD2 1 
ATOM   497  N NE1 . TRP A 1 62 ? 8.325   3.291   12.389  1.00 9.51  ? 62  TRP A NE1 1 
ATOM   498  C CE2 . TRP A 1 62 ? 8.193   2.581   13.555  1.00 9.11  ? 62  TRP A CE2 1 
ATOM   499  C CE3 . TRP A 1 62 ? 6.440   1.448   14.785  1.00 9.52  ? 62  TRP A CE3 1 
ATOM   500  C CZ2 . TRP A 1 62 ? 9.149   2.251   14.523  1.00 10.22 ? 62  TRP A CZ2 1 
ATOM   501  C CZ3 . TRP A 1 62 ? 7.392   1.118   15.747  1.00 10.13 ? 62  TRP A CZ3 1 
ATOM   502  C CH2 . TRP A 1 62 ? 8.731   1.522   15.608  1.00 10.11 ? 62  TRP A CH2 1 
ATOM   503  N N   . PHE A 1 63 ? 2.867   5.052   11.675  1.00 9.25  ? 63  PHE A N   1 
ATOM   504  C CA  . PHE A 1 63 ? 2.462   6.438   11.861  1.00 8.99  ? 63  PHE A CA  1 
ATOM   505  C C   . PHE A 1 63 ? 2.237   6.643   13.347  1.00 8.58  ? 63  PHE A C   1 
ATOM   506  O O   . PHE A 1 63 ? 1.640   5.785   14.004  1.00 8.45  ? 63  PHE A O   1 
ATOM   507  C CB  . PHE A 1 63 ? 1.161   6.705   11.090  1.00 8.91  ? 63  PHE A CB  1 
ATOM   508  C CG  . PHE A 1 63 ? 0.516   8.034   11.405  1.00 9.84  ? 63  PHE A CG  1 
ATOM   509  C CD1 . PHE A 1 63 ? 0.916   9.191   10.751  1.00 10.39 ? 63  PHE A CD1 1 
ATOM   510  C CD2 . PHE A 1 63 ? -0.503  8.123   12.353  1.00 10.75 ? 63  PHE A CD2 1 
ATOM   511  C CE1 . PHE A 1 63 ? 0.317   10.416  11.039  1.00 10.89 ? 63  PHE A CE1 1 
ATOM   512  C CE2 . PHE A 1 63 ? -1.109  9.345   12.645  1.00 10.72 ? 63  PHE A CE2 1 
ATOM   513  C CZ  . PHE A 1 63 ? -0.700  10.491  11.989  1.00 10.95 ? 63  PHE A CZ  1 
ATOM   514  N N   . ASN A 1 64 ? 2.713   7.769   13.872  1.00 7.94  ? 64  ASN A N   1 
ATOM   515  C CA  . ASN A 1 64 ? 2.467   8.141   15.266  1.00 7.62  ? 64  ASN A CA  1 
ATOM   516  C C   . ASN A 1 64 ? 1.910   9.559   15.356  1.00 7.37  ? 64  ASN A C   1 
ATOM   517  O O   . ASN A 1 64 ? 2.325   10.450  14.617  1.00 7.11  ? 64  ASN A O   1 
ATOM   518  C CB  . ASN A 1 64 ? 3.752   7.991   16.097  1.00 7.28  ? 64  ASN A CB  1 
ATOM   519  C CG  . ASN A 1 64 ? 3.688   8.713   17.437  1.00 6.81  ? 64  ASN A CG  1 
ATOM   520  O OD1 . ASN A 1 64 ? 4.385   9.701   17.642  1.00 5.57  ? 64  ASN A OD1 1 
ATOM   521  N ND2 . ASN A 1 64 ? 2.850   8.222   18.351  1.00 6.60  ? 64  ASN A ND2 1 
ATOM   522  N N   . ALA A 1 65 ? 0.940   9.736   16.245  1.00 7.31  ? 65  ALA A N   1 
ATOM   523  C CA  . ALA A 1 65 ? 0.398   11.044  16.587  1.00 7.34  ? 65  ALA A CA  1 
ATOM   524  C C   . ALA A 1 65 ? 0.074   11.011  18.076  1.00 7.52  ? 65  ALA A C   1 
ATOM   525  O O   . ALA A 1 65 ? -0.893  10.377  18.484  1.00 6.99  ? 65  ALA A O   1 
ATOM   526  C CB  . ALA A 1 65 ? -0.853  11.344  15.773  1.00 7.43  ? 65  ALA A CB  1 
ATOM   527  N N   . TYR A 1 66 ? 0.912   11.665  18.877  1.00 7.76  ? 66  TYR A N   1 
ATOM   528  C CA  . TYR A 1 66 ? 0.816   11.619  20.337  1.00 8.09  ? 66  TYR A CA  1 
ATOM   529  C C   . TYR A 1 66 ? 0.770   10.165  20.845  1.00 8.19  ? 66  TYR A C   1 
ATOM   530  O O   . TYR A 1 66 ? 1.783   9.468   20.785  1.00 7.67  ? 66  TYR A O   1 
ATOM   531  C CB  . TYR A 1 66 ? -0.364  12.477  20.839  1.00 8.39  ? 66  TYR A CB  1 
ATOM   532  C CG  . TYR A 1 66 ? -0.417  12.629  22.351  1.00 9.39  ? 66  TYR A CG  1 
ATOM   533  C CD1 . TYR A 1 66 ? 0.631   13.223  23.042  1.00 10.67 ? 66  TYR A CD1 1 
ATOM   534  C CD2 . TYR A 1 66 ? -1.510  12.175  23.086  1.00 10.82 ? 66  TYR A CD2 1 
ATOM   535  C CE1 . TYR A 1 66 ? 0.604   13.352  24.422  1.00 11.49 ? 66  TYR A CE1 1 
ATOM   536  C CE2 . TYR A 1 66 ? -1.549  12.305  24.472  1.00 11.58 ? 66  TYR A CE2 1 
ATOM   537  C CZ  . TYR A 1 66 ? -0.489  12.894  25.132  1.00 11.99 ? 66  TYR A CZ  1 
ATOM   538  O OH  . TYR A 1 66 ? -0.516  13.036  26.503  1.00 13.47 ? 66  TYR A OH  1 
ATOM   539  N N   . ASN A 1 67 ? -0.393  9.689   21.290  1.00 8.50  ? 67  ASN A N   1 
ATOM   540  C CA  . ASN A 1 67 ? -0.489  8.366   21.917  1.00 9.18  ? 67  ASN A CA  1 
ATOM   541  C C   . ASN A 1 67 ? -0.925  7.237   20.980  1.00 9.55  ? 67  ASN A C   1 
ATOM   542  O O   . ASN A 1 67 ? -1.073  6.088   21.417  1.00 9.65  ? 67  ASN A O   1 
ATOM   543  C CB  . ASN A 1 67 ? -1.427  8.426   23.127  1.00 9.34  ? 67  ASN A CB  1 
ATOM   544  C CG  . ASN A 1 67 ? -2.855  8.783   22.750  1.00 9.59  ? 67  ASN A CG  1 
ATOM   545  O OD1 . ASN A 1 67 ? -3.108  9.382   21.702  1.00 8.99  ? 67  ASN A OD1 1 
ATOM   546  N ND2 . ASN A 1 67 ? -3.797  8.423   23.613  1.00 11.11 ? 67  ASN A ND2 1 
ATOM   547  N N   . ARG A 1 68 ? -1.129  7.557   19.703  1.00 9.99  ? 68  ARG A N   1 
ATOM   548  C CA  . ARG A 1 68 ? -1.546  6.564   18.710  1.00 10.40 ? 68  ARG A CA  1 
ATOM   549  C C   . ARG A 1 68 ? -0.368  6.129   17.864  1.00 10.09 ? 68  ARG A C   1 
ATOM   550  O O   . ARG A 1 68 ? 0.390   6.972   17.387  1.00 9.75  ? 68  ARG A O   1 
ATOM   551  C CB  . ARG A 1 68 ? -2.623  7.140   17.786  1.00 10.98 ? 68  ARG A CB  1 
ATOM   552  C CG  . ARG A 1 68 ? -3.944  7.414   18.475  1.00 13.22 ? 68  ARG A CG  1 
ATOM   553  C CD  . ARG A 1 68 ? -4.981  7.984   17.515  1.00 16.51 ? 68  ARG A CD  1 
ATOM   554  N NE  . ARG A 1 68 ? -4.839  9.434   17.334  1.00 18.32 ? 68  ARG A NE  1 
ATOM   555  C CZ  . ARG A 1 68 ? -4.510  10.057  16.198  1.00 19.78 ? 68  ARG A CZ  1 
ATOM   556  N NH1 . ARG A 1 68 ? -4.271  9.384   15.074  1.00 20.04 ? 68  ARG A NH1 1 
ATOM   557  N NH2 . ARG A 1 68 ? -4.432  11.386  16.184  1.00 20.41 ? 68  ARG A NH2 1 
ATOM   558  N N   . VAL A 1 69 ? -0.226  4.818   17.671  1.00 9.59  ? 69  VAL A N   1 
ATOM   559  C CA  . VAL A 1 69 ? 0.721   4.279   16.701  1.00 9.76  ? 69  VAL A CA  1 
ATOM   560  C C   . VAL A 1 69 ? 0.006   3.293   15.778  1.00 9.98  ? 69  VAL A C   1 
ATOM   561  O O   . VAL A 1 69 ? -0.502  2.267   16.239  1.00 10.09 ? 69  VAL A O   1 
ATOM   562  C CB  . VAL A 1 69 ? 1.918   3.555   17.366  1.00 9.82  ? 69  VAL A CB  1 
ATOM   563  C CG1 . VAL A 1 69 ? 2.979   3.246   16.318  1.00 9.21  ? 69  VAL A CG1 1 
ATOM   564  C CG2 . VAL A 1 69 ? 2.496   4.387   18.500  1.00 9.17  ? 69  VAL A CG2 1 
ATOM   565  N N   . ASP A 1 70 ? -0.051  3.623   14.487  1.00 9.93  ? 70  ASP A N   1 
ATOM   566  C CA  . ASP A 1 70 ? -0.635  2.744   13.480  1.00 10.09 ? 70  ASP A CA  1 
ATOM   567  C C   . ASP A 1 70 ? 0.487   2.040   12.742  1.00 9.89  ? 70  ASP A C   1 
ATOM   568  O O   . ASP A 1 70 ? 1.375   2.696   12.208  1.00 9.59  ? 70  ASP A O   1 
ATOM   569  C CB  . ASP A 1 70 ? -1.474  3.545   12.480  1.00 10.12 ? 70  ASP A CB  1 
ATOM   570  C CG  . ASP A 1 70 ? -2.569  4.345   13.149  1.00 10.75 ? 70  ASP A CG  1 
ATOM   571  O OD1 . ASP A 1 70 ? -3.176  3.836   14.111  1.00 11.21 ? 70  ASP A OD1 1 
ATOM   572  O OD2 . ASP A 1 70 ? -2.809  5.491   12.720  1.00 11.97 ? 70  ASP A OD2 1 
ATOM   573  N N   . VAL A 1 71 ? 0.430   0.711   12.705  1.00 9.85  ? 71  VAL A N   1 
ATOM   574  C CA  . VAL A 1 71 ? 1.472   -0.102  12.088  1.00 9.76  ? 71  VAL A CA  1 
ATOM   575  C C   . VAL A 1 71 ? 0.911   -0.925  10.930  1.00 9.88  ? 71  VAL A C   1 
ATOM   576  O O   . VAL A 1 71 ? -0.140  -1.556  11.067  1.00 9.84  ? 71  VAL A O   1 
ATOM   577  C CB  . VAL A 1 71 ? 2.098   -1.070  13.116  1.00 9.76  ? 71  VAL A CB  1 
ATOM   578  C CG1 . VAL A 1 71 ? 3.249   -1.851  12.489  1.00 9.62  ? 71  VAL A CG1 1 
ATOM   579  C CG2 . VAL A 1 71 ? 2.566   -0.310  14.354  1.00 9.72  ? 71  VAL A CG2 1 
ATOM   580  N N   . THR A 1 72 ? 1.615   -0.897  9.798   1.00 9.65  ? 72  THR A N   1 
ATOM   581  C CA  . THR A 1 72 ? 1.353   -1.782  8.665   1.00 9.85  ? 72  THR A CA  1 
ATOM   582  C C   . THR A 1 72 ? 2.615   -2.588  8.353   1.00 9.77  ? 72  THR A C   1 
ATOM   583  O O   . THR A 1 72 ? 3.715   -2.027  8.263   1.00 9.82  ? 72  THR A O   1 
ATOM   584  C CB  . THR A 1 72 ? 0.942   -0.991  7.407   1.00 10.08 ? 72  THR A CB  1 
ATOM   585  O OG1 . THR A 1 72 ? -0.284  -0.295  7.659   1.00 10.12 ? 72  THR A OG1 1 
ATOM   586  C CG2 . THR A 1 72 ? 0.753   -1.920  6.208   1.00 10.00 ? 72  THR A CG2 1 
ATOM   587  N N   . LEU A 1 73 ? 2.451   -3.899  8.185   1.00 9.81  ? 73  LEU A N   1 
ATOM   588  C CA  . LEU A 1 73 ? 3.571   -4.803  7.936   1.00 9.68  ? 73  LEU A CA  1 
ATOM   589  C C   . LEU A 1 73 ? 3.370   -5.591  6.647   1.00 9.90  ? 73  LEU A C   1 
ATOM   590  O O   . LEU A 1 73 ? 2.316   -6.187  6.430   1.00 9.64  ? 73  LEU A O   1 
ATOM   591  C CB  . LEU A 1 73 ? 3.737   -5.782  9.101   1.00 9.49  ? 73  LEU A CB  1 
ATOM   592  C CG  . LEU A 1 73 ? 3.955   -5.195  10.501  1.00 9.40  ? 73  LEU A CG  1 
ATOM   593  C CD1 . LEU A 1 73 ? 3.938   -6.309  11.543  1.00 8.16  ? 73  LEU A CD1 1 
ATOM   594  C CD2 . LEU A 1 73 ? 5.249   -4.392  10.584  1.00 8.31  ? 73  LEU A CD2 1 
ATOM   595  N N   . ALA A 1 74 ? 4.398   -5.572  5.801   1.00 10.21 ? 74  ALA A N   1 
ATOM   596  C CA  . ALA A 1 74 ? 4.502   -6.439  4.631   1.00 10.44 ? 74  ALA A CA  1 
ATOM   597  C C   . ALA A 1 74 ? 5.990   -6.629  4.343   1.00 10.72 ? 74  ALA A C   1 
ATOM   598  O O   . ALA A 1 74 ? 6.818   -5.852  4.822   1.00 10.59 ? 74  ALA A O   1 
ATOM   599  C CB  . ALA A 1 74 ? 3.802   -5.815  3.427   1.00 10.23 ? 74  ALA A CB  1 
ATOM   600  N N   . THR A 1 75 ? 6.321   -7.655  3.565   1.00 11.10 ? 75  THR A N   1 
ATOM   601  C CA  . THR A 1 75 ? 7.705   -7.984  3.239   1.00 11.25 ? 75  THR A CA  1 
ATOM   602  C C   . THR A 1 75 ? 7.963   -7.623  1.784   1.00 11.95 ? 75  THR A C   1 
ATOM   603  O O   . THR A 1 75 ? 7.446   -8.269  0.876   1.00 11.68 ? 75  THR A O   1 
ATOM   604  C CB  . THR A 1 75 ? 7.986   -9.477  3.469   1.00 11.18 ? 75  THR A CB  1 
ATOM   605  O OG1 . THR A 1 75 ? 7.655   -9.815  4.820   1.00 9.98  ? 75  THR A OG1 1 
ATOM   606  C CG2 . THR A 1 75 ? 9.462   -9.813  3.200   1.00 11.08 ? 75  THR A CG2 1 
ATOM   607  N N   . HIS A 1 76 ? 8.770   -6.588  1.577   1.00 12.88 ? 76  HIS A N   1 
ATOM   608  C CA  . HIS A 1 76 ? 9.001   -6.024  0.251   1.00 13.68 ? 76  HIS A CA  1 
ATOM   609  C C   . HIS A 1 76 ? 9.593   -7.045  -0.714  1.00 13.34 ? 76  HIS A C   1 
ATOM   610  O O   . HIS A 1 76 ? 9.086   -7.228  -1.829  1.00 13.24 ? 76  HIS A O   1 
ATOM   611  C CB  . HIS A 1 76 ? 9.922   -4.797  0.355   1.00 14.33 ? 76  HIS A CB  1 
ATOM   612  C CG  . HIS A 1 76 ? 10.303  -4.217  -0.969  1.00 16.79 ? 76  HIS A CG  1 
ATOM   613  N ND1 . HIS A 1 76 ? 11.465  -4.566  -1.629  1.00 19.67 ? 76  HIS A ND1 1 
ATOM   614  C CD2 . HIS A 1 76 ? 9.672   -3.322  -1.766  1.00 19.16 ? 76  HIS A CD2 1 
ATOM   615  C CE1 . HIS A 1 76 ? 11.533  -3.909  -2.773  1.00 19.95 ? 76  HIS A CE1 1 
ATOM   616  N NE2 . HIS A 1 76 ? 10.458  -3.145  -2.880  1.00 20.30 ? 76  HIS A NE2 1 
ATOM   617  N N   . SER A 1 77 ? 10.651  -7.721  -0.274  1.00 13.10 ? 77  SER A N   1 
ATOM   618  C CA  . SER A 1 77 ? 11.370  -8.685  -1.117  1.00 12.92 ? 77  SER A CA  1 
ATOM   619  C C   . SER A 1 77 ? 10.497  -9.844  -1.597  1.00 12.39 ? 77  SER A C   1 
ATOM   620  O O   . SER A 1 77 ? 10.757  -10.416 -2.649  1.00 12.34 ? 77  SER A O   1 
ATOM   621  C CB  . SER A 1 77 ? 12.605  -9.231  -0.379  1.00 13.18 ? 77  SER A CB  1 
ATOM   622  O OG  . SER A 1 77 ? 12.269  -9.682  0.927   1.00 13.71 ? 77  SER A OG  1 
ATOM   623  N N   . GLU A 1 78 ? 9.470   -10.195 -0.826  1.00 11.93 ? 78  GLU A N   1 
ATOM   624  C CA  . GLU A 1 78 ? 8.552   -11.267 -1.206  1.00 11.66 ? 78  GLU A CA  1 
ATOM   625  C C   . GLU A 1 78 ? 7.204   -10.735 -1.705  1.00 11.11 ? 78  GLU A C   1 
ATOM   626  O O   . GLU A 1 78 ? 6.320   -11.516 -2.044  1.00 11.29 ? 78  GLU A O   1 
ATOM   627  C CB  . GLU A 1 78 ? 8.336   -12.216 -0.023  1.00 11.61 ? 78  GLU A CB  1 
ATOM   628  C CG  . GLU A 1 78 ? 9.595   -12.953 0.425   1.00 12.21 ? 78  GLU A CG  1 
ATOM   629  C CD  . GLU A 1 78 ? 10.200  -13.830 -0.668  1.00 12.46 ? 78  GLU A CD  1 
ATOM   630  O OE1 . GLU A 1 78 ? 9.451   -14.371 -1.512  1.00 13.32 ? 78  GLU A OE1 1 
ATOM   631  O OE2 . GLU A 1 78 ? 11.433  -13.976 -0.686  1.00 13.71 ? 78  GLU A OE2 1 
ATOM   632  N N   . ASN A 1 79 ? 7.057   -9.412  -1.749  1.00 10.59 ? 79  ASN A N   1 
ATOM   633  C CA  . ASN A 1 79 ? 5.833   -8.765  -2.228  1.00 10.08 ? 79  ASN A CA  1 
ATOM   634  C C   . ASN A 1 79 ? 4.579   -9.332  -1.559  1.00 9.76  ? 79  ASN A C   1 
ATOM   635  O O   . ASN A 1 79 ? 3.580   -9.646  -2.217  1.00 9.59  ? 79  ASN A O   1 
ATOM   636  C CB  . ASN A 1 79 ? 5.732   -8.870  -3.755  1.00 10.04 ? 79  ASN A CB  1 
ATOM   637  C CG  . ASN A 1 79 ? 4.801   -7.822  -4.357  1.00 9.93  ? 79  ASN A CG  1 
ATOM   638  O OD1 . ASN A 1 79 ? 4.755   -6.679  -3.900  1.00 9.81  ? 79  ASN A OD1 1 
ATOM   639  N ND2 . ASN A 1 79 ? 4.071   -8.207  -5.395  1.00 8.85  ? 79  ASN A ND2 1 
ATOM   640  N N   . GLY A 1 80 ? 4.639   -9.464  -0.241  1.00 9.19  ? 80  GLY A N   1 
ATOM   641  C CA  . GLY A 1 80 ? 3.509   -9.978  0.508   1.00 9.08  ? 80  GLY A CA  1 
ATOM   642  C C   . GLY A 1 80 ? 3.814   -10.154 1.977   1.00 8.85  ? 80  GLY A C   1 
ATOM   643  O O   . GLY A 1 80 ? 4.856   -9.713  2.464   1.00 8.53  ? 80  GLY A O   1 
ATOM   644  N N   . VAL A 1 81 ? 2.884   -10.805 2.672   1.00 8.67  ? 81  VAL A N   1 
ATOM   645  C CA  . VAL A 1 81 ? 3.011   -11.091 4.092   1.00 8.59  ? 81  VAL A CA  1 
ATOM   646  C C   . VAL A 1 81 ? 3.781   -12.395 4.277   1.00 8.68  ? 81  VAL A C   1 
ATOM   647  O O   . VAL A 1 81 ? 3.454   -13.408 3.653   1.00 8.78  ? 81  VAL A O   1 
ATOM   648  C CB  . VAL A 1 81 ? 1.629   -11.201 4.764   1.00 8.44  ? 81  VAL A CB  1 
ATOM   649  C CG1 . VAL A 1 81 ? 1.778   -11.489 6.257   1.00 7.99  ? 81  VAL A CG1 1 
ATOM   650  C CG2 . VAL A 1 81 ? 0.821   -9.917  4.535   1.00 8.54  ? 81  VAL A CG2 1 
ATOM   651  N N   . THR A 1 82 ? 4.806   -12.355 5.125   1.00 8.78  ? 82  THR A N   1 
ATOM   652  C CA  . THR A 1 82 ? 5.642   -13.517 5.421   1.00 8.88  ? 82  THR A CA  1 
ATOM   653  C C   . THR A 1 82 ? 5.770   -13.679 6.938   1.00 9.14  ? 82  THR A C   1 
ATOM   654  O O   . THR A 1 82 ? 5.243   -12.870 7.711   1.00 8.86  ? 82  THR A O   1 
ATOM   655  C CB  . THR A 1 82 ? 7.065   -13.365 4.821   1.00 8.86  ? 82  THR A CB  1 
ATOM   656  O OG1 . THR A 1 82 ? 7.818   -12.410 5.587   1.00 9.15  ? 82  THR A OG1 1 
ATOM   657  C CG2 . THR A 1 82 ? 7.008   -12.931 3.356   1.00 8.48  ? 82  THR A CG2 1 
ATOM   658  N N   . GLU A 1 83 ? 6.492   -14.716 7.351   1.00 9.39  ? 83  GLU A N   1 
ATOM   659  C CA  . GLU A 1 83 ? 6.750   -14.990 8.764   1.00 9.82  ? 83  GLU A CA  1 
ATOM   660  C C   . GLU A 1 83 ? 7.431   -13.817 9.484   1.00 9.75  ? 83  GLU A C   1 
ATOM   661  O O   . GLU A 1 83 ? 7.216   -13.628 10.675  1.00 10.06 ? 83  GLU A O   1 
ATOM   662  C CB  . GLU A 1 83 ? 7.580   -16.278 8.902   1.00 10.06 ? 83  GLU A CB  1 
ATOM   663  C CG  . GLU A 1 83 ? 7.973   -16.682 10.335  1.00 11.16 ? 83  GLU A CG  1 
ATOM   664  C CD  . GLU A 1 83 ? 6.784   -16.937 11.264  1.00 13.27 ? 83  GLU A CD  1 
ATOM   665  O OE1 . GLU A 1 83 ? 5.638   -17.076 10.785  1.00 14.56 ? 83  GLU A OE1 1 
ATOM   666  O OE2 . GLU A 1 83 ? 7.006   -17.013 12.489  1.00 14.35 ? 83  GLU A OE2 1 
ATOM   667  N N   . LEU A 1 84 ? 8.231   -13.029 8.769   1.00 9.64  ? 84  LEU A N   1 
ATOM   668  C CA  . LEU A 1 84 ? 8.846   -11.825 9.346   1.00 9.45  ? 84  LEU A CA  1 
ATOM   669  C C   . LEU A 1 84 ? 7.801   -10.827 9.872   1.00 9.47  ? 84  LEU A C   1 
ATOM   670  O O   . LEU A 1 84 ? 7.977   -10.222 10.932  1.00 9.41  ? 84  LEU A O   1 
ATOM   671  C CB  . LEU A 1 84 ? 9.729   -11.134 8.308   1.00 9.55  ? 84  LEU A CB  1 
ATOM   672  C CG  . LEU A 1 84 ? 10.983  -11.871 7.844   1.00 9.96  ? 84  LEU A CG  1 
ATOM   673  C CD1 . LEU A 1 84 ? 11.646  -11.131 6.682   1.00 9.88  ? 84  LEU A CD1 1 
ATOM   674  C CD2 . LEU A 1 84 ? 11.952  -12.057 8.998   1.00 10.67 ? 84  LEU A CD2 1 
ATOM   675  N N   . ASP A 1 85 ? 6.715   -10.658 9.122   1.00 9.18  ? 85  ASP A N   1 
ATOM   676  C CA  . ASP A 1 85 ? 5.624   -9.780  9.529   1.00 9.22  ? 85  ASP A CA  1 
ATOM   677  C C   . ASP A 1 85 ? 4.888   -10.359 10.728  1.00 9.32  ? 85  ASP A C   1 
ATOM   678  O O   . ASP A 1 85 ? 4.511   -9.632  11.650  1.00 8.85  ? 85  ASP A O   1 
ATOM   679  C CB  . ASP A 1 85 ? 4.656   -9.575  8.365   1.00 9.26  ? 85  ASP A CB  1 
ATOM   680  C CG  . ASP A 1 85 ? 5.340   -8.987  7.157   1.00 9.15  ? 85  ASP A CG  1 
ATOM   681  O OD1 . ASP A 1 85 ? 5.897   -7.876  7.296   1.00 9.37  ? 85  ASP A OD1 1 
ATOM   682  O OD2 . ASP A 1 85 ? 5.339   -9.640  6.089   1.00 8.02  ? 85  ASP A OD2 1 
ATOM   683  N N   . ILE A 1 86 ? 4.707   -11.675 10.715  1.00 9.61  ? 86  ILE A N   1 
ATOM   684  C CA  . ILE A 1 86 ? 4.094   -12.375 11.840  1.00 9.95  ? 86  ILE A CA  1 
ATOM   685  C C   . ILE A 1 86 ? 4.957   -12.233 13.098  1.00 10.10 ? 86  ILE A C   1 
ATOM   686  O O   . ILE A 1 86 ? 4.438   -11.978 14.174  1.00 10.36 ? 86  ILE A O   1 
ATOM   687  C CB  . ILE A 1 86 ? 3.866   -13.877 11.537  1.00 9.73  ? 86  ILE A CB  1 
ATOM   688  C CG1 . ILE A 1 86 ? 3.043   -14.071 10.249  1.00 9.82  ? 86  ILE A CG1 1 
ATOM   689  C CG2 . ILE A 1 86 ? 3.184   -14.561 12.717  1.00 9.57  ? 86  ILE A CG2 1 
ATOM   690  C CD1 . ILE A 1 86 ? 1.787   -13.203 10.136  1.00 9.61  ? 86  ILE A CD1 1 
ATOM   691  N N   . LYS A 1 87 ? 6.268   -12.400 12.956  1.00 10.46 ? 87  LYS A N   1 
ATOM   692  C CA  . LYS A 1 87 ? 7.191   -12.242 14.087  1.00 10.87 ? 87  LYS A CA  1 
ATOM   693  C C   . LYS A 1 87 ? 7.139   -10.828 14.668  1.00 10.77 ? 87  LYS A C   1 
ATOM   694  O O   . LYS A 1 87 ? 7.124   -10.646 15.892  1.00 10.58 ? 87  LYS A O   1 
ATOM   695  C CB  . LYS A 1 87 ? 8.626   -12.584 13.669  1.00 10.95 ? 87  LYS A CB  1 
ATOM   696  C CG  . LYS A 1 87 ? 8.858   -14.062 13.444  1.00 12.23 ? 87  LYS A CG  1 
ATOM   697  C CD  . LYS A 1 87 ? 10.273  -14.357 12.961  1.00 14.08 ? 87  LYS A CD  1 
ATOM   698  C CE  . LYS A 1 87 ? 11.250  -14.442 14.110  1.00 15.86 ? 87  LYS A CE  1 
ATOM   699  N NZ  . LYS A 1 87 ? 12.628  -14.783 13.645  1.00 18.17 ? 87  LYS A NZ  1 
ATOM   700  N N   . MET A 1 88 ? 7.108   -9.833  13.787  1.00 10.86 ? 88  MET A N   1 
ATOM   701  C CA  . MET A 1 88 ? 7.074   -8.438  14.212  1.00 11.21 ? 88  MET A CA  1 
ATOM   702  C C   . MET A 1 88 ? 5.759   -8.112  14.920  1.00 11.10 ? 88  MET A C   1 
ATOM   703  O O   . MET A 1 88 ? 5.765   -7.489  15.975  1.00 11.02 ? 88  MET A O   1 
ATOM   704  C CB  . MET A 1 88 ? 7.294   -7.502  13.018  1.00 11.28 ? 88  MET A CB  1 
ATOM   705  C CG  . MET A 1 88 ? 7.212   -6.014  13.350  1.00 12.16 ? 88  MET A CG  1 
ATOM   706  S SD  . MET A 1 88 ? 8.389   -5.482  14.608  1.00 14.00 ? 88  MET A SD  1 
ATOM   707  C CE  . MET A 1 88 ? 9.873   -5.301  13.609  1.00 13.53 ? 88  MET A CE  1 
ATOM   708  N N   . ALA A 1 89 ? 4.639   -8.540  14.345  1.00 11.02 ? 89  ALA A N   1 
ATOM   709  C CA  . ALA A 1 89 ? 3.331   -8.323  14.965  1.00 11.30 ? 89  ALA A CA  1 
ATOM   710  C C   . ALA A 1 89 ? 3.265   -8.981  16.345  1.00 11.57 ? 89  ALA A C   1 
ATOM   711  O O   . ALA A 1 89 ? 2.772   -8.386  17.303  1.00 11.21 ? 89  ALA A O   1 
ATOM   712  C CB  . ALA A 1 89 ? 2.217   -8.850  14.068  1.00 11.05 ? 89  ALA A CB  1 
ATOM   713  N N   . ARG A 1 90 ? 3.773   -10.208 16.431  1.00 11.82 ? 90  ARG A N   1 
ATOM   714  C CA  . ARG A 1 90 ? 3.854   -10.938 17.690  1.00 12.30 ? 90  ARG A CA  1 
ATOM   715  C C   . ARG A 1 90 ? 4.661   -10.167 18.734  1.00 11.90 ? 90  ARG A C   1 
ATOM   716  O O   . ARG A 1 90 ? 4.210   -10.015 19.867  1.00 11.60 ? 90  ARG A O   1 
ATOM   717  C CB  . ARG A 1 90 ? 4.472   -12.324 17.458  1.00 12.72 ? 90  ARG A CB  1 
ATOM   718  C CG  . ARG A 1 90 ? 4.663   -13.167 18.715  1.00 14.87 ? 90  ARG A CG  1 
ATOM   719  C CD  . ARG A 1 90 ? 5.316   -14.521 18.419  1.00 16.10 ? 90  ARG A CD  1 
ATOM   720  N NE  . ARG A 1 90 ? 4.614   -15.255 17.370  1.00 17.51 ? 90  ARG A NE  1 
ATOM   721  C CZ  . ARG A 1 90 ? 5.170   -15.771 16.269  1.00 18.14 ? 90  ARG A CZ  1 
ATOM   722  N NH1 . ARG A 1 90 ? 6.475   -15.663 16.025  1.00 18.64 ? 90  ARG A NH1 1 
ATOM   723  N NH2 . ARG A 1 90 ? 4.402   -16.419 15.400  1.00 17.73 ? 90  ARG A NH2 1 
ATOM   724  N N   . LYS A 1 91 ? 5.844   -9.682  18.343  1.00 11.70 ? 91  LYS A N   1 
ATOM   725  C CA  . LYS A 1 91 ? 6.727   -8.947  19.257  1.00 11.72 ? 91  LYS A CA  1 
ATOM   726  C C   . LYS A 1 91 ? 6.096   -7.633  19.701  1.00 11.44 ? 91  LYS A C   1 
ATOM   727  O O   . LYS A 1 91 ? 6.156   -7.280  20.881  1.00 11.01 ? 91  LYS A O   1 
ATOM   728  C CB  . LYS A 1 91 ? 8.084   -8.659  18.607  1.00 11.78 ? 91  LYS A CB  1 
ATOM   729  C CG  . LYS A 1 91 ? 9.113   -8.025  19.548  1.00 12.63 ? 91  LYS A CG  1 
ATOM   730  C CD  . LYS A 1 91 ? 9.593   -9.009  20.625  1.00 14.16 ? 91  LYS A CD  1 
ATOM   731  C CE  . LYS A 1 91 ? 10.824  -8.474  21.338  1.00 14.74 ? 91  LYS A CE  1 
ATOM   732  N NZ  . LYS A 1 91 ? 11.363  -9.417  22.351  1.00 14.91 ? 91  LYS A NZ  1 
ATOM   733  N N   . MET A 1 92 ? 5.505   -6.915  18.747  1.00 11.19 ? 92  MET A N   1 
ATOM   734  C CA  . MET A 1 92 ? 4.793   -5.670  19.044  1.00 10.87 ? 92  MET A CA  1 
ATOM   735  C C   . MET A 1 92 ? 3.671   -5.897  20.050  1.00 10.95 ? 92  MET A C   1 
ATOM   736  O O   . MET A 1 92 ? 3.500   -5.108  20.979  1.00 10.87 ? 92  MET A O   1 
ATOM   737  C CB  . MET A 1 92 ? 4.234   -5.050  17.768  1.00 10.62 ? 92  MET A CB  1 
ATOM   738  C CG  . MET A 1 92 ? 5.282   -4.324  16.951  1.00 10.55 ? 92  MET A CG  1 
ATOM   739  S SD  . MET A 1 92 ? 4.635   -3.614  15.432  1.00 10.51 ? 92  MET A SD  1 
ATOM   740  C CE  . MET A 1 92 ? 6.045   -2.624  14.933  1.00 10.32 ? 92  MET A CE  1 
ATOM   741  N N   . ASN A 1 93 ? 2.913   -6.976  19.863  1.00 10.84 ? 93  ASN A N   1 
ATOM   742  C CA  . ASN A 1 93 ? 1.863   -7.339  20.812  1.00 10.94 ? 93  ASN A CA  1 
ATOM   743  C C   . ASN A 1 93 ? 2.412   -7.620  22.210  1.00 10.86 ? 93  ASN A C   1 
ATOM   744  O O   . ASN A 1 93 ? 1.774   -7.274  23.207  1.00 10.73 ? 93  ASN A O   1 
ATOM   745  C CB  . ASN A 1 93 ? 1.041   -8.531  20.298  1.00 10.78 ? 93  ASN A CB  1 
ATOM   746  C CG  . ASN A 1 93 ? -0.083  -8.105  19.371  1.00 11.27 ? 93  ASN A CG  1 
ATOM   747  O OD1 . ASN A 1 93 ? -0.065  -6.999  18.828  1.00 10.56 ? 93  ASN A OD1 1 
ATOM   748  N ND2 . ASN A 1 93 ? -1.081  -8.974  19.196  1.00 11.03 ? 93  ASN A ND2 1 
ATOM   749  N N   . ALA A 1 94 ? 3.594   -8.232  22.275  1.00 10.90 ? 94  ALA A N   1 
ATOM   750  C CA  . ALA A 1 94 ? 4.254   -8.509  23.549  1.00 11.12 ? 94  ALA A CA  1 
ATOM   751  C C   . ALA A 1 94 ? 4.728   -7.213  24.213  1.00 11.34 ? 94  ALA A C   1 
ATOM   752  O O   . ALA A 1 94 ? 4.563   -7.035  25.415  1.00 11.30 ? 94  ALA A O   1 
ATOM   753  C CB  . ALA A 1 94 ? 5.432   -9.472  23.352  1.00 10.94 ? 94  ALA A CB  1 
ATOM   754  N N   . ILE A 1 95 ? 5.303   -6.312  23.422  1.00 11.73 ? 95  ILE A N   1 
ATOM   755  C CA  . ILE A 1 95 ? 5.778   -5.027  23.938  1.00 12.09 ? 95  ILE A CA  1 
ATOM   756  C C   . ILE A 1 95 ? 4.602   -4.200  24.472  1.00 12.45 ? 95  ILE A C   1 
ATOM   757  O O   . ILE A 1 95 ? 4.654   -3.693  25.589  1.00 12.54 ? 95  ILE A O   1 
ATOM   758  C CB  . ILE A 1 95 ? 6.522   -4.212  22.851  1.00 12.12 ? 95  ILE A CB  1 
ATOM   759  C CG1 . ILE A 1 95 ? 7.807   -4.921  22.405  1.00 12.07 ? 95  ILE A CG1 1 
ATOM   760  C CG2 . ILE A 1 95 ? 6.869   -2.813  23.368  1.00 12.37 ? 95  ILE A CG2 1 
ATOM   761  C CD1 . ILE A 1 95 ? 8.310   -4.440  21.050  1.00 12.40 ? 95  ILE A CD1 1 
ATOM   762  N N   . ALA A 1 96 ? 3.547   -4.087  23.668  1.00 12.81 ? 96  ALA A N   1 
ATOM   763  C CA  . ALA A 1 96 ? 2.375   -3.284  24.016  1.00 13.40 ? 96  ALA A CA  1 
ATOM   764  C C   . ALA A 1 96 ? 1.602   -3.823  25.217  1.00 14.02 ? 96  ALA A C   1 
ATOM   765  O O   . ALA A 1 96 ? 1.020   -3.053  25.971  1.00 13.97 ? 96  ALA A O   1 
ATOM   766  C CB  . ALA A 1 96 ? 1.439   -3.167  22.815  1.00 13.23 ? 96  ALA A CB  1 
ATOM   767  N N   . GLY A 1 97 ? 1.577   -5.143  25.377  1.00 14.87 ? 97  GLY A N   1 
ATOM   768  C CA  . GLY A 1 97 ? 0.815   -5.767  26.460  1.00 15.72 ? 97  GLY A CA  1 
ATOM   769  C C   . GLY A 1 97 ? -0.681  -5.618  26.237  1.00 16.16 ? 97  GLY A C   1 
ATOM   770  O O   . GLY A 1 97 ? -1.138  -5.135  25.194  1.00 16.71 ? 97  GLY A O   1 
ATOM   771  O OXT . GLY A 1 97 ? -1.482  -5.976  27.093  1.00 16.93 ? 97  GLY A OXT 1 
ATOM   772  N N   . ASN B 1 4  ? 1.137   -11.345 -15.610 1.00 29.30 ? 4   ASN B N   1 
ATOM   773  C CA  . ASN B 1 4  ? 2.206   -11.213 -14.579 1.00 29.19 ? 4   ASN B CA  1 
ATOM   774  C C   . ASN B 1 4  ? 2.543   -9.758  -14.288 1.00 28.37 ? 4   ASN B C   1 
ATOM   775  O O   . ASN B 1 4  ? 2.300   -8.874  -15.123 1.00 28.35 ? 4   ASN B O   1 
ATOM   776  C CB  . ASN B 1 4  ? 3.478   -11.935 -15.028 1.00 29.63 ? 4   ASN B CB  1 
ATOM   777  C CG  . ASN B 1 4  ? 3.430   -13.426 -14.767 1.00 30.88 ? 4   ASN B CG  1 
ATOM   778  O OD1 . ASN B 1 4  ? 2.535   -13.931 -14.085 1.00 33.06 ? 4   ASN B OD1 1 
ATOM   779  N ND2 . ASN B 1 4  ? 4.411   -14.144 -15.305 1.00 33.13 ? 4   ASN B ND2 1 
ATOM   780  N N   . ARG B 1 5  ? 3.110   -9.524  -13.104 1.00 27.21 ? 5   ARG B N   1 
ATOM   781  C CA  . ARG B 1 5  ? 3.489   -8.176  -12.693 1.00 26.36 ? 5   ARG B CA  1 
ATOM   782  C C   . ARG B 1 5  ? 4.819   -7.793  -13.337 1.00 25.37 ? 5   ARG B C   1 
ATOM   783  O O   . ARG B 1 5  ? 5.659   -8.653  -13.601 1.00 25.14 ? 5   ARG B O   1 
ATOM   784  C CB  . ARG B 1 5  ? 3.539   -8.049  -11.162 1.00 26.32 ? 5   ARG B CB  1 
ATOM   785  C CG  . ARG B 1 5  ? 4.888   -8.269  -10.499 1.00 26.75 ? 5   ARG B CG  1 
ATOM   786  C CD  . ARG B 1 5  ? 4.760   -8.076  -8.998  1.00 27.29 ? 5   ARG B CD  1 
ATOM   787  N NE  . ARG B 1 5  ? 6.054   -8.071  -8.317  1.00 27.85 ? 5   ARG B NE  1 
ATOM   788  C CZ  . ARG B 1 5  ? 6.591   -9.103  -7.668  1.00 28.27 ? 5   ARG B CZ  1 
ATOM   789  N NH1 . ARG B 1 5  ? 5.960   -10.272 -7.583  1.00 28.54 ? 5   ARG B NH1 1 
ATOM   790  N NH2 . ARG B 1 5  ? 7.779   -8.962  -7.088  1.00 28.18 ? 5   ARG B NH2 1 
ATOM   791  N N   . LEU B 1 6  ? 5.001   -6.501  -13.586 1.00 24.24 ? 6   LEU B N   1 
ATOM   792  C CA  . LEU B 1 6  ? 6.206   -6.014  -14.252 1.00 23.35 ? 6   LEU B CA  1 
ATOM   793  C C   . LEU B 1 6  ? 7.431   -6.118  -13.344 1.00 22.71 ? 6   LEU B C   1 
ATOM   794  O O   . LEU B 1 6  ? 7.357   -5.811  -12.154 1.00 22.33 ? 6   LEU B O   1 
ATOM   795  C CB  . LEU B 1 6  ? 6.026   -4.560  -14.695 1.00 23.15 ? 6   LEU B CB  1 
ATOM   796  C CG  . LEU B 1 6  ? 4.873   -4.225  -15.646 1.00 22.88 ? 6   LEU B CG  1 
ATOM   797  C CD1 . LEU B 1 6  ? 5.018   -2.789  -16.135 1.00 21.83 ? 6   LEU B CD1 1 
ATOM   798  C CD2 . LEU B 1 6  ? 4.808   -5.192  -16.821 1.00 22.99 ? 6   LEU B CD2 1 
ATOM   799  N N   . THR B 1 7  ? 8.557   -6.544  -13.916 1.00 22.15 ? 7   THR B N   1 
ATOM   800  C CA  . THR B 1 7  ? 9.839   -6.535  -13.209 1.00 21.73 ? 7   THR B CA  1 
ATOM   801  C C   . THR B 1 7  ? 10.285  -5.088  -12.992 1.00 21.54 ? 7   THR B C   1 
ATOM   802  O O   . THR B 1 7  ? 9.637   -4.160  -13.475 1.00 20.99 ? 7   THR B O   1 
ATOM   803  C CB  . THR B 1 7  ? 10.932  -7.286  -14.000 1.00 21.75 ? 7   THR B CB  1 
ATOM   804  O OG1 . THR B 1 7  ? 11.086  -6.693  -15.297 1.00 21.33 ? 7   THR B OG1 1 
ATOM   805  C CG2 . THR B 1 7  ? 10.575  -8.765  -14.153 1.00 21.50 ? 7   THR B CG2 1 
ATOM   806  N N   . GLU B 1 8  ? 11.390  -4.898  -12.275 1.00 21.52 ? 8   GLU B N   1 
ATOM   807  C CA  . GLU B 1 8  ? 11.965  -3.560  -12.102 1.00 21.58 ? 8   GLU B CA  1 
ATOM   808  C C   . GLU B 1 8  ? 12.279  -2.938  -13.463 1.00 21.33 ? 8   GLU B C   1 
ATOM   809  O O   . GLU B 1 8  ? 12.003  -1.759  -13.698 1.00 21.26 ? 8   GLU B O   1 
ATOM   810  C CB  . GLU B 1 8  ? 13.240  -3.611  -11.251 1.00 21.76 ? 8   GLU B CB  1 
ATOM   811  C CG  . GLU B 1 8  ? 13.842  -2.234  -10.968 1.00 22.30 ? 8   GLU B CG  1 
ATOM   812  C CD  . GLU B 1 8  ? 15.049  -2.282  -10.046 1.00 23.06 ? 8   GLU B CD  1 
ATOM   813  O OE1 . GLU B 1 8  ? 15.817  -3.268  -10.093 1.00 23.92 ? 8   GLU B OE1 1 
ATOM   814  O OE2 . GLU B 1 8  ? 15.237  -1.316  -9.282  1.00 23.62 ? 8   GLU B OE2 1 
ATOM   815  N N   . SER B 1 9  ? 12.847  -3.747  -14.350 1.00 20.98 ? 9   SER B N   1 
ATOM   816  C CA  . SER B 1 9  ? 13.234  -3.299  -15.683 1.00 20.85 ? 9   SER B CA  1 
ATOM   817  C C   . SER B 1 9  ? 12.022  -2.910  -16.537 1.00 20.32 ? 9   SER B C   1 
ATOM   818  O O   . SER B 1 9  ? 12.021  -1.854  -17.161 1.00 20.06 ? 9   SER B O   1 
ATOM   819  C CB  . SER B 1 9  ? 14.046  -4.392  -16.382 1.00 20.82 ? 9   SER B CB  1 
ATOM   820  O OG  . SER B 1 9  ? 14.482  -3.955  -17.653 1.00 21.84 ? 9   SER B OG  1 
ATOM   821  N N   . GLU B 1 10 ? 10.999  -3.764  -16.550 1.00 19.92 ? 10  GLU B N   1 
ATOM   822  C CA  . GLU B 1 10 ? 9.763   -3.505  -17.303 1.00 19.70 ? 10  GLU B CA  1 
ATOM   823  C C   . GLU B 1 10 ? 8.988   -2.310  -16.743 1.00 19.27 ? 10  GLU B C   1 
ATOM   824  O O   . GLU B 1 10 ? 8.389   -1.545  -17.492 1.00 18.79 ? 10  GLU B O   1 
ATOM   825  C CB  . GLU B 1 10 ? 8.859   -4.739  -17.286 1.00 19.96 ? 10  GLU B CB  1 
ATOM   826  C CG  . GLU B 1 10 ? 9.410   -5.937  -18.044 1.00 20.56 ? 10  GLU B CG  1 
ATOM   827  C CD  . GLU B 1 10 ? 8.606   -7.207  -17.808 1.00 21.45 ? 10  GLU B CD  1 
ATOM   828  O OE1 . GLU B 1 10 ? 7.993   -7.348  -16.728 1.00 21.15 ? 10  GLU B OE1 1 
ATOM   829  O OE2 . GLU B 1 10 ? 8.596   -8.071  -18.708 1.00 22.19 ? 10  GLU B OE2 1 
ATOM   830  N N   . MET B 1 11 ? 8.995   -2.180  -15.418 1.00 18.95 ? 11  MET B N   1 
ATOM   831  C CA  . MET B 1 11 ? 8.428   -1.029  -14.720 1.00 18.79 ? 11  MET B CA  1 
ATOM   832  C C   . MET B 1 11 ? 9.076   0.268   -15.197 1.00 17.85 ? 11  MET B C   1 
ATOM   833  O O   . MET B 1 11 ? 8.382   1.231   -15.518 1.00 17.35 ? 11  MET B O   1 
ATOM   834  C CB  . MET B 1 11 ? 8.653   -1.182  -13.209 1.00 19.28 ? 11  MET B CB  1 
ATOM   835  C CG  . MET B 1 11 ? 8.219   0.009   -12.353 1.00 21.34 ? 11  MET B CG  1 
ATOM   836  S SD  . MET B 1 11 ? 6.498   -0.089  -11.857 1.00 25.88 ? 11  MET B SD  1 
ATOM   837  C CE  . MET B 1 11 ? 6.562   -1.505  -10.756 1.00 23.89 ? 11  MET B CE  1 
ATOM   838  N N   . ASN B 1 12 ? 10.407  0.286   -15.225 1.00 17.02 ? 12  ASN B N   1 
ATOM   839  C CA  . ASN B 1 12 ? 11.153  1.464   -15.666 1.00 16.55 ? 12  ASN B CA  1 
ATOM   840  C C   . ASN B 1 12 ? 10.846  1.800   -17.118 1.00 15.68 ? 12  ASN B C   1 
ATOM   841  O O   . ASN B 1 12 ? 10.671  2.962   -17.453 1.00 15.10 ? 12  ASN B O   1 
ATOM   842  C CB  . ASN B 1 12 ? 12.665  1.282   -15.469 1.00 16.65 ? 12  ASN B CB  1 
ATOM   843  C CG  . ASN B 1 12 ? 13.076  1.286   -14.001 1.00 17.39 ? 12  ASN B CG  1 
ATOM   844  O OD1 . ASN B 1 12 ? 12.393  1.852   -13.146 1.00 18.39 ? 12  ASN B OD1 1 
ATOM   845  N ND2 . ASN B 1 12 ? 14.203  0.651   -13.707 1.00 18.68 ? 12  ASN B ND2 1 
ATOM   846  N N   . GLU B 1 13 ? 10.768  0.776   -17.967 1.00 15.05 ? 13  GLU B N   1 
ATOM   847  C CA  . GLU B 1 13 ? 10.360  0.958   -19.368 1.00 14.74 ? 13  GLU B CA  1 
ATOM   848  C C   . GLU B 1 13 ? 9.006   1.635   -19.473 1.00 14.23 ? 13  GLU B C   1 
ATOM   849  O O   . GLU B 1 13 ? 8.844   2.607   -20.206 1.00 13.76 ? 13  GLU B O   1 
ATOM   850  C CB  . GLU B 1 13 ? 10.276  -0.382  -20.107 1.00 14.73 ? 13  GLU B CB  1 
ATOM   851  C CG  . GLU B 1 13 ? 11.492  -0.716  -20.926 1.00 15.22 ? 13  GLU B CG  1 
ATOM   852  C CD  . GLU B 1 13 ? 11.271  -1.911  -21.841 1.00 16.08 ? 13  GLU B CD  1 
ATOM   853  O OE1 . GLU B 1 13 ? 10.147  -2.078  -22.374 1.00 16.55 ? 13  GLU B OE1 1 
ATOM   854  O OE2 . GLU B 1 13 ? 12.233  -2.683  -22.028 1.00 16.79 ? 13  GLU B OE2 1 
ATOM   855  N N   . ALA B 1 14 ? 8.037   1.088   -18.748 1.00 13.96 ? 14  ALA B N   1 
ATOM   856  C CA  . ALA B 1 14 ? 6.666   1.586   -18.757 1.00 13.96 ? 14  ALA B CA  1 
ATOM   857  C C   . ALA B 1 14 ? 6.610   3.038   -18.297 1.00 14.00 ? 14  ALA B C   1 
ATOM   858  O O   . ALA B 1 14 ? 6.022   3.886   -18.971 1.00 13.82 ? 14  ALA B O   1 
ATOM   859  C CB  . ALA B 1 14 ? 5.786   0.719   -17.869 1.00 14.00 ? 14  ALA B CB  1 
ATOM   860  N N   . LEU B 1 15 ? 7.237   3.320   -17.157 1.00 13.95 ? 15  LEU B N   1 
ATOM   861  C CA  . LEU B 1 15 ? 7.258   4.677   -16.613 1.00 14.02 ? 15  LEU B CA  1 
ATOM   862  C C   . LEU B 1 15 ? 7.859   5.694   -17.585 1.00 14.02 ? 15  LEU B C   1 
ATOM   863  O O   . LEU B 1 15 ? 7.379   6.826   -17.669 1.00 14.01 ? 15  LEU B O   1 
ATOM   864  C CB  . LEU B 1 15 ? 8.003   4.716   -15.278 1.00 14.04 ? 15  LEU B CB  1 
ATOM   865  C CG  . LEU B 1 15 ? 7.270   4.067   -14.099 1.00 14.52 ? 15  LEU B CG  1 
ATOM   866  C CD1 . LEU B 1 15 ? 8.160   4.077   -12.862 1.00 14.46 ? 15  LEU B CD1 1 
ATOM   867  C CD2 . LEU B 1 15 ? 5.929   4.761   -13.821 1.00 14.44 ? 15  LEU B CD2 1 
ATOM   868  N N   . ARG B 1 16 ? 8.889   5.297   -18.329 1.00 14.04 ? 16  ARG B N   1 
ATOM   869  C CA  . ARG B 1 16 ? 9.471   6.173   -19.351 1.00 14.29 ? 16  ARG B CA  1 
ATOM   870  C C   . ARG B 1 16 ? 8.439   6.598   -20.405 1.00 13.91 ? 16  ARG B C   1 
ATOM   871  O O   . ARG B 1 16 ? 8.516   7.708   -20.932 1.00 13.68 ? 16  ARG B O   1 
ATOM   872  C CB  . ARG B 1 16 ? 10.675  5.505   -20.024 1.00 14.62 ? 16  ARG B CB  1 
ATOM   873  C CG  . ARG B 1 16 ? 11.899  5.408   -19.121 1.00 16.42 ? 16  ARG B CG  1 
ATOM   874  C CD  . ARG B 1 16 ? 13.099  4.782   -19.816 1.00 18.25 ? 16  ARG B CD  1 
ATOM   875  N NE  . ARG B 1 16 ? 13.665  5.683   -20.821 1.00 21.01 ? 16  ARG B NE  1 
ATOM   876  C CZ  . ARG B 1 16 ? 13.653  5.489   -22.141 1.00 22.53 ? 16  ARG B CZ  1 
ATOM   877  N NH1 . ARG B 1 16 ? 13.090  4.413   -22.684 1.00 23.55 ? 16  ARG B NH1 1 
ATOM   878  N NH2 . ARG B 1 16 ? 14.211  6.400   -22.937 1.00 23.28 ? 16  ARG B NH2 1 
ATOM   879  N N   . ALA B 1 17 ? 7.474   5.720   -20.690 1.00 13.39 ? 17  ALA B N   1 
ATOM   880  C CA  . ALA B 1 17 ? 6.416   5.990   -21.665 1.00 13.22 ? 17  ALA B CA  1 
ATOM   881  C C   . ALA B 1 17 ? 5.201   6.730   -21.080 1.00 13.16 ? 17  ALA B C   1 
ATOM   882  O O   . ALA B 1 17 ? 4.268   7.059   -21.813 1.00 12.67 ? 17  ALA B O   1 
ATOM   883  C CB  . ALA B 1 17 ? 5.960   4.682   -22.304 1.00 13.14 ? 17  ALA B CB  1 
ATOM   884  N N   . LEU B 1 18 ? 5.209   6.985   -19.773 1.00 13.35 ? 18  LEU B N   1 
ATOM   885  C CA  . LEU B 1 18 ? 4.049   7.553   -19.085 1.00 13.46 ? 18  LEU B CA  1 
ATOM   886  C C   . LEU B 1 18 ? 4.393   8.874   -18.400 1.00 13.97 ? 18  LEU B C   1 
ATOM   887  O O   . LEU B 1 18 ? 4.854   8.887   -17.250 1.00 14.23 ? 18  LEU B O   1 
ATOM   888  C CB  . LEU B 1 18 ? 3.512   6.557   -18.047 1.00 13.30 ? 18  LEU B CB  1 
ATOM   889  C CG  . LEU B 1 18 ? 2.957   5.233   -18.580 1.00 12.54 ? 18  LEU B CG  1 
ATOM   890  C CD1 . LEU B 1 18 ? 2.771   4.243   -17.435 1.00 11.40 ? 18  LEU B CD1 1 
ATOM   891  C CD2 . LEU B 1 18 ? 1.645   5.457   -19.339 1.00 10.81 ? 18  LEU B CD2 1 
ATOM   892  N N   . ASP B 1 19 ? 4.153   9.981   -19.103 1.00 14.22 ? 19  ASP B N   1 
ATOM   893  C CA  . ASP B 1 19 ? 4.371   11.322  -18.553 1.00 14.41 ? 19  ASP B CA  1 
ATOM   894  C C   . ASP B 1 19 ? 3.653   11.518  -17.214 1.00 14.17 ? 19  ASP B C   1 
ATOM   895  O O   . ASP B 1 19 ? 2.455   11.236  -17.096 1.00 14.18 ? 19  ASP B O   1 
ATOM   896  C CB  . ASP B 1 19 ? 3.868   12.388  -19.531 1.00 14.82 ? 19  ASP B CB  1 
ATOM   897  C CG  . ASP B 1 19 ? 4.666   12.434  -20.826 1.00 16.07 ? 19  ASP B CG  1 
ATOM   898  O OD1 . ASP B 1 19 ? 5.837   11.989  -20.836 1.00 16.75 ? 19  ASP B OD1 1 
ATOM   899  O OD2 . ASP B 1 19 ? 4.114   12.924  -21.837 1.00 17.91 ? 19  ASP B OD2 1 
ATOM   900  N N   . GLY B 1 20 ? 4.390   11.996  -16.212 1.00 13.74 ? 20  GLY B N   1 
ATOM   901  C CA  . GLY B 1 20 ? 3.814   12.334  -14.905 1.00 13.46 ? 20  GLY B CA  1 
ATOM   902  C C   . GLY B 1 20 ? 3.683   11.185  -13.916 1.00 13.04 ? 20  GLY B C   1 
ATOM   903  O O   . GLY B 1 20 ? 3.440   11.423  -12.735 1.00 13.20 ? 20  GLY B O   1 
ATOM   904  N N   . TRP B 1 21 ? 3.836   9.944   -14.384 1.00 12.55 ? 21  TRP B N   1 
ATOM   905  C CA  . TRP B 1 21 ? 3.688   8.768   -13.528 1.00 12.12 ? 21  TRP B CA  1 
ATOM   906  C C   . TRP B 1 21 ? 5.021   8.370   -12.917 1.00 12.22 ? 21  TRP B C   1 
ATOM   907  O O   . TRP B 1 21 ? 6.068   8.489   -13.553 1.00 12.16 ? 21  TRP B O   1 
ATOM   908  C CB  . TRP B 1 21 ? 3.072   7.591   -14.300 1.00 11.93 ? 21  TRP B CB  1 
ATOM   909  C CG  . TRP B 1 21 ? 1.642   7.850   -14.676 1.00 11.01 ? 21  TRP B CG  1 
ATOM   910  C CD1 . TRP B 1 21 ? 1.193   8.538   -15.766 1.00 10.13 ? 21  TRP B CD1 1 
ATOM   911  C CD2 . TRP B 1 21 ? 0.474   7.460   -13.938 1.00 10.11 ? 21  TRP B CD2 1 
ATOM   912  N NE1 . TRP B 1 21 ? -0.181  8.587   -15.764 1.00 10.39 ? 21  TRP B NE1 1 
ATOM   913  C CE2 . TRP B 1 21 ? -0.648  7.932   -14.653 1.00 9.75  ? 21  TRP B CE2 1 
ATOM   914  C CE3 . TRP B 1 21 ? 0.268   6.748   -12.749 1.00 10.06 ? 21  TRP B CE3 1 
ATOM   915  C CZ2 . TRP B 1 21 ? -1.962  7.717   -14.216 1.00 10.00 ? 21  TRP B CZ2 1 
ATOM   916  C CZ3 . TRP B 1 21 ? -1.043  6.538   -12.310 1.00 10.40 ? 21  TRP B CZ3 1 
ATOM   917  C CH2 . TRP B 1 21 ? -2.139  7.022   -13.044 1.00 9.50  ? 21  TRP B CH2 1 
ATOM   918  N N   . GLN B 1 22 ? 4.970   7.920   -11.668 1.00 12.31 ? 22  GLN B N   1 
ATOM   919  C CA  . GLN B 1 22 ? 6.152   7.462   -10.947 1.00 12.82 ? 22  GLN B CA  1 
ATOM   920  C C   . GLN B 1 22 ? 5.799   6.221   -10.136 1.00 12.26 ? 22  GLN B C   1 
ATOM   921  O O   . GLN B 1 22 ? 4.626   5.980   -9.836  1.00 11.78 ? 22  GLN B O   1 
ATOM   922  C CB  . GLN B 1 22 ? 6.684   8.560   -10.016 1.00 13.34 ? 22  GLN B CB  1 
ATOM   923  C CG  . GLN B 1 22 ? 7.129   9.862   -10.718 1.00 16.07 ? 22  GLN B CG  1 
ATOM   924  C CD  . GLN B 1 22 ? 8.383   9.707   -11.597 1.00 19.68 ? 22  GLN B CD  1 
ATOM   925  O OE1 . GLN B 1 22 ? 9.158   8.754   -11.448 1.00 23.25 ? 22  GLN B OE1 1 
ATOM   926  N NE2 . GLN B 1 22 ? 8.588   10.663  -12.508 1.00 21.12 ? 22  GLN B NE2 1 
ATOM   927  N N   . LYS B 1 23 ? 6.812   5.433   -9.793  1.00 11.83 ? 23  LYS B N   1 
ATOM   928  C CA  . LYS B 1 23 ? 6.622   4.298   -8.902  1.00 11.87 ? 23  LYS B CA  1 
ATOM   929  C C   . LYS B 1 23 ? 6.315   4.804   -7.492  1.00 11.81 ? 23  LYS B C   1 
ATOM   930  O O   . LYS B 1 23 ? 6.934   5.757   -7.018  1.00 11.46 ? 23  LYS B O   1 
ATOM   931  C CB  . LYS B 1 23 ? 7.869   3.410   -8.867  1.00 11.90 ? 23  LYS B CB  1 
ATOM   932  C CG  . LYS B 1 23 ? 7.647   2.072   -8.160  1.00 12.35 ? 23  LYS B CG  1 
ATOM   933  C CD  . LYS B 1 23 ? 8.955   1.328   -7.930  1.00 12.76 ? 23  LYS B CD  1 
ATOM   934  C CE  . LYS B 1 23 ? 8.765   0.128   -7.014  1.00 12.50 ? 23  LYS B CE  1 
ATOM   935  N NZ  . LYS B 1 23 ? 8.425   0.535   -5.621  1.00 11.16 ? 23  LYS B NZ  1 
ATOM   936  N N   . VAL B 1 24 ? 5.358   4.159   -6.833  1.00 11.92 ? 24  VAL B N   1 
ATOM   937  C CA  . VAL B 1 24 ? 5.052   4.454   -5.434  1.00 12.00 ? 24  VAL B CA  1 
ATOM   938  C C   . VAL B 1 24 ? 6.171   3.933   -4.540  1.00 12.36 ? 24  VAL B C   1 
ATOM   939  O O   . VAL B 1 24 ? 6.622   2.797   -4.701  1.00 12.04 ? 24  VAL B O   1 
ATOM   940  C CB  . VAL B 1 24 ? 3.724   3.807   -4.999  1.00 11.94 ? 24  VAL B CB  1 
ATOM   941  C CG1 . VAL B 1 24 ? 3.473   4.034   -3.504  1.00 11.52 ? 24  VAL B CG1 1 
ATOM   942  C CG2 . VAL B 1 24 ? 2.577   4.355   -5.838  1.00 11.59 ? 24  VAL B CG2 1 
ATOM   943  N N   . ASP B 1 25 ? 6.614   4.773   -3.604  1.00 12.99 ? 25  ASP B N   1 
ATOM   944  C CA  . ASP B 1 25 ? 7.615   4.384   -2.610  1.00 13.65 ? 25  ASP B CA  1 
ATOM   945  C C   . ASP B 1 25 ? 7.182   3.151   -1.812  1.00 13.48 ? 25  ASP B C   1 
ATOM   946  O O   . ASP B 1 25 ? 6.146   3.167   -1.153  1.00 13.75 ? 25  ASP B O   1 
ATOM   947  C CB  . ASP B 1 25 ? 7.864   5.537   -1.622  1.00 14.28 ? 25  ASP B CB  1 
ATOM   948  C CG  . ASP B 1 25 ? 8.731   6.650   -2.199  1.00 15.95 ? 25  ASP B CG  1 
ATOM   949  O OD1 . ASP B 1 25 ? 9.220   6.530   -3.343  1.00 18.76 ? 25  ASP B OD1 1 
ATOM   950  O OD2 . ASP B 1 25 ? 8.939   7.655   -1.483  1.00 19.35 ? 25  ASP B OD2 1 
ATOM   951  N N   . GLY B 1 26 ? 7.980   2.088   -1.878  1.00 13.28 ? 26  GLY B N   1 
ATOM   952  C CA  . GLY B 1 26 ? 7.745   0.890   -1.075  1.00 13.03 ? 26  GLY B CA  1 
ATOM   953  C C   . GLY B 1 26 ? 6.631   -0.037  -1.538  1.00 12.89 ? 26  GLY B C   1 
ATOM   954  O O   . GLY B 1 26 ? 6.274   -0.973  -0.825  1.00 13.12 ? 26  GLY B O   1 
ATOM   955  N N   . ARG B 1 27 ? 6.084   0.202   -2.728  1.00 12.44 ? 27  ARG B N   1 
ATOM   956  C CA  . ARG B 1 27 ? 4.959   -0.596  -3.232  1.00 12.03 ? 27  ARG B CA  1 
ATOM   957  C C   . ARG B 1 27 ? 5.072   -0.836  -4.734  1.00 11.48 ? 27  ARG B C   1 
ATOM   958  O O   . ARG B 1 27 ? 5.564   0.020   -5.467  1.00 11.32 ? 27  ARG B O   1 
ATOM   959  C CB  . ARG B 1 27 ? 3.627   0.106   -2.929  1.00 11.99 ? 27  ARG B CB  1 
ATOM   960  C CG  . ARG B 1 27 ? 2.388   -0.699  -3.344  1.00 12.34 ? 27  ARG B CG  1 
ATOM   961  C CD  . ARG B 1 27 ? 1.090   0.090   -3.172  1.00 12.97 ? 27  ARG B CD  1 
ATOM   962  N NE  . ARG B 1 27 ? -0.067  -0.695  -3.606  1.00 13.04 ? 27  ARG B NE  1 
ATOM   963  C CZ  . ARG B 1 27 ? -1.320  -0.247  -3.661  1.00 13.40 ? 27  ARG B CZ  1 
ATOM   964  N NH1 . ARG B 1 27 ? -1.614  1.000   -3.304  1.00 13.94 ? 27  ARG B NH1 1 
ATOM   965  N NH2 . ARG B 1 27 ? -2.289  -1.058  -4.069  1.00 13.04 ? 27  ARG B NH2 1 
ATOM   966  N N   . GLU B 1 28 ? 4.615   -2.003  -5.179  1.00 11.00 ? 28  GLU B N   1 
ATOM   967  C CA  . GLU B 1 28 ? 4.511   -2.304  -6.606  1.00 10.88 ? 28  GLU B CA  1 
ATOM   968  C C   . GLU B 1 28 ? 3.236   -1.662  -7.139  1.00 10.52 ? 28  GLU B C   1 
ATOM   969  O O   . GLU B 1 28 ? 2.195   -2.301  -7.266  1.00 10.44 ? 28  GLU B O   1 
ATOM   970  C CB  . GLU B 1 28 ? 4.517   -3.813  -6.851  1.00 10.97 ? 28  GLU B CB  1 
ATOM   971  C CG  . GLU B 1 28 ? 5.821   -4.493  -6.424  1.00 12.24 ? 28  GLU B CG  1 
ATOM   972  C CD  . GLU B 1 28 ? 7.011   -4.041  -7.250  1.00 13.34 ? 28  GLU B CD  1 
ATOM   973  O OE1 . GLU B 1 28 ? 6.916   -4.089  -8.493  1.00 15.02 ? 28  GLU B OE1 1 
ATOM   974  O OE2 . GLU B 1 28 ? 8.036   -3.638  -6.659  1.00 14.67 ? 28  GLU B OE2 1 
ATOM   975  N N   . ALA B 1 29 ? 3.338   -0.369  -7.413  1.00 10.34 ? 29  ALA B N   1 
ATOM   976  C CA  . ALA B 1 29 ? 2.229   0.424   -7.912  1.00 10.35 ? 29  ALA B CA  1 
ATOM   977  C C   . ALA B 1 29 ? 2.810   1.678   -8.532  1.00 10.34 ? 29  ALA B C   1 
ATOM   978  O O   . ALA B 1 29 ? 3.941   2.055   -8.217  1.00 10.42 ? 29  ALA B O   1 
ATOM   979  C CB  . ALA B 1 29 ? 1.280   0.790   -6.775  1.00 10.14 ? 29  ALA B CB  1 
ATOM   980  N N   . ILE B 1 30 ? 2.042   2.311   -9.416  1.00 10.34 ? 30  ILE B N   1 
ATOM   981  C CA  . ILE B 1 30 ? 2.428   3.595   -9.998  1.00 10.22 ? 30  ILE B CA  1 
ATOM   982  C C   . ILE B 1 30 ? 1.401   4.653   -9.640  1.00 10.30 ? 30  ILE B C   1 
ATOM   983  O O   . ILE B 1 30 ? 0.237   4.336   -9.373  1.00 10.16 ? 30  ILE B O   1 
ATOM   984  C CB  . ILE B 1 30 ? 2.607   3.522   -11.531 1.00 10.21 ? 30  ILE B CB  1 
ATOM   985  C CG1 . ILE B 1 30 ? 1.340   3.007   -12.229 1.00 10.46 ? 30  ILE B CG1 1 
ATOM   986  C CG2 . ILE B 1 30 ? 3.801   2.636   -11.868 1.00 10.26 ? 30  ILE B CG2 1 
ATOM   987  C CD1 . ILE B 1 30 ? 1.405   3.114   -13.766 1.00 9.86  ? 30  ILE B CD1 1 
ATOM   988  N N   . THR B 1 31 ? 1.837   5.909   -9.627  1.00 10.61 ? 31  THR B N   1 
ATOM   989  C CA  . THR B 1 31 ? 0.986   7.010   -9.181  1.00 10.68 ? 31  THR B CA  1 
ATOM   990  C C   . THR B 1 31 ? 1.237   8.306   -9.956  1.00 10.87 ? 31  THR B C   1 
ATOM   991  O O   . THR B 1 31 ? 2.358   8.576   -10.404 1.00 10.50 ? 31  THR B O   1 
ATOM   992  C CB  . THR B 1 31 ? 1.152   7.259   -7.648  1.00 10.83 ? 31  THR B CB  1 
ATOM   993  O OG1 . THR B 1 31 ? 0.203   8.231   -7.202  1.00 10.11 ? 31  THR B OG1 1 
ATOM   994  C CG2 . THR B 1 31 ? 2.567   7.727   -7.302  1.00 10.52 ? 31  THR B CG2 1 
ATOM   995  N N   . ARG B 1 32 ? 0.165   9.078   -10.131 1.00 11.19 ? 32  ARG B N   1 
ATOM   996  C CA  . ARG B 1 32 ? 0.242   10.446  -10.645 1.00 11.35 ? 32  ARG B CA  1 
ATOM   997  C C   . ARG B 1 32 ? -0.773  11.321  -9.923  1.00 11.39 ? 32  ARG B C   1 
ATOM   998  O O   . ARG B 1 32 ? -1.873  10.866  -9.600  1.00 11.16 ? 32  ARG B O   1 
ATOM   999  C CB  . ARG B 1 32 ? -0.036  10.507  -12.152 1.00 11.52 ? 32  ARG B CB  1 
ATOM   1000 C CG  . ARG B 1 32 ? -0.020  11.946  -12.698 1.00 12.46 ? 32  ARG B CG  1 
ATOM   1001 C CD  . ARG B 1 32 ? -0.015  12.029  -14.221 1.00 13.18 ? 32  ARG B CD  1 
ATOM   1002 N NE  . ARG B 1 32 ? -0.090  13.425  -14.650 1.00 14.06 ? 32  ARG B NE  1 
ATOM   1003 C CZ  . ARG B 1 32 ? -0.329  13.840  -15.893 1.00 15.15 ? 32  ARG B CZ  1 
ATOM   1004 N NH1 . ARG B 1 32 ? -0.514  12.973  -16.886 1.00 14.88 ? 32  ARG B NH1 1 
ATOM   1005 N NH2 . ARG B 1 32 ? -0.376  15.142  -16.147 1.00 15.62 ? 32  ARG B NH2 1 
ATOM   1006 N N   . SER B 1 33 ? -0.389  12.572  -9.671  1.00 11.43 ? 33  SER B N   1 
ATOM   1007 C CA  . SER B 1 33 ? -1.283  13.565  -9.103  1.00 11.78 ? 33  SER B CA  1 
ATOM   1008 C C   . SER B 1 33 ? -1.709  14.535  -10.195 1.00 11.80 ? 33  SER B C   1 
ATOM   1009 O O   . SER B 1 33 ? -0.878  15.221  -10.790 1.00 11.88 ? 33  SER B O   1 
ATOM   1010 C CB  . SER B 1 33 ? -0.598  14.310  -7.954  1.00 11.92 ? 33  SER B CB  1 
ATOM   1011 O OG  . SER B 1 33 ? -0.472  13.459  -6.825  1.00 12.92 ? 33  SER B OG  1 
ATOM   1012 N N   . PHE B 1 34 ? -3.007  14.567  -10.473 1.00 12.12 ? 34  PHE B N   1 
ATOM   1013 C CA  . PHE B 1 34 ? -3.565  15.483  -11.463 1.00 12.27 ? 34  PHE B CA  1 
ATOM   1014 C C   . PHE B 1 34 ? -4.113  16.731  -10.772 1.00 12.39 ? 34  PHE B C   1 
ATOM   1015 O O   . PHE B 1 34 ? -4.737  16.635  -9.708  1.00 12.27 ? 34  PHE B O   1 
ATOM   1016 C CB  . PHE B 1 34 ? -4.694  14.811  -12.231 1.00 12.21 ? 34  PHE B CB  1 
ATOM   1017 C CG  . PHE B 1 34 ? -4.267  13.620  -13.045 1.00 12.65 ? 34  PHE B CG  1 
ATOM   1018 C CD1 . PHE B 1 34 ? -3.972  13.755  -14.398 1.00 13.13 ? 34  PHE B CD1 1 
ATOM   1019 C CD2 . PHE B 1 34 ? -4.200  12.357  -12.474 1.00 12.98 ? 34  PHE B CD2 1 
ATOM   1020 C CE1 . PHE B 1 34 ? -3.594  12.652  -15.161 1.00 12.73 ? 34  PHE B CE1 1 
ATOM   1021 C CE2 . PHE B 1 34 ? -3.828  11.250  -13.234 1.00 12.88 ? 34  PHE B CE2 1 
ATOM   1022 C CZ  . PHE B 1 34 ? -3.527  11.398  -14.579 1.00 12.61 ? 34  PHE B CZ  1 
ATOM   1023 N N   . LYS B 1 35 ? -3.882  17.893  -11.380 1.00 12.37 ? 35  LYS B N   1 
ATOM   1024 C CA  . LYS B 1 35 ? -4.473  19.141  -10.911 1.00 12.66 ? 35  LYS B CA  1 
ATOM   1025 C C   . LYS B 1 35 ? -5.173  19.840  -12.079 1.00 12.34 ? 35  LYS B C   1 
ATOM   1026 O O   . LYS B 1 35 ? -4.548  20.143  -13.098 1.00 12.41 ? 35  LYS B O   1 
ATOM   1027 C CB  . LYS B 1 35 ? -3.409  20.054  -10.295 1.00 13.03 ? 35  LYS B CB  1 
ATOM   1028 C CG  . LYS B 1 35 ? -3.993  21.251  -9.546  1.00 14.86 ? 35  LYS B CG  1 
ATOM   1029 C CD  . LYS B 1 35 ? -2.910  22.156  -8.996  1.00 17.09 ? 35  LYS B CD  1 
ATOM   1030 C CE  . LYS B 1 35 ? -3.507  23.256  -8.127  1.00 18.83 ? 35  LYS B CE  1 
ATOM   1031 N NZ  . LYS B 1 35 ? -4.227  22.687  -6.943  1.00 20.14 ? 35  LYS B NZ  1 
ATOM   1032 N N   . PHE B 1 36 ? -6.471  20.081  -11.922 1.00 11.78 ? 36  PHE B N   1 
ATOM   1033 C CA  . PHE B 1 36 ? -7.289  20.705  -12.956 1.00 11.26 ? 36  PHE B CA  1 
ATOM   1034 C C   . PHE B 1 36 ? -7.684  22.113  -12.542 1.00 10.97 ? 36  PHE B C   1 
ATOM   1035 O O   . PHE B 1 36 ? -7.404  22.546  -11.420 1.00 10.51 ? 36  PHE B O   1 
ATOM   1036 C CB  . PHE B 1 36 ? -8.535  19.860  -13.218 1.00 11.30 ? 36  PHE B CB  1 
ATOM   1037 C CG  . PHE B 1 36 ? -8.234  18.417  -13.531 1.00 10.69 ? 36  PHE B CG  1 
ATOM   1038 C CD1 . PHE B 1 36 ? -7.957  18.020  -14.832 1.00 10.60 ? 36  PHE B CD1 1 
ATOM   1039 C CD2 . PHE B 1 36 ? -8.215  17.463  -12.523 1.00 9.86  ? 36  PHE B CD2 1 
ATOM   1040 C CE1 . PHE B 1 36 ? -7.672  16.697  -15.121 1.00 10.45 ? 36  PHE B CE1 1 
ATOM   1041 C CE2 . PHE B 1 36 ? -7.929  16.136  -12.803 1.00 9.84  ? 36  PHE B CE2 1 
ATOM   1042 C CZ  . PHE B 1 36 ? -7.661  15.752  -14.104 1.00 10.51 ? 36  PHE B CZ  1 
ATOM   1043 N N   . LYS B 1 37 ? -8.329  22.829  -13.457 1.00 10.62 ? 37  LYS B N   1 
ATOM   1044 C CA  . LYS B 1 37 ? -8.715  24.224  -13.220 1.00 10.71 ? 37  LYS B CA  1 
ATOM   1045 C C   . LYS B 1 37 ? -9.758  24.366  -12.106 1.00 9.85  ? 37  LYS B C   1 
ATOM   1046 O O   . LYS B 1 37 ? -9.754  25.349  -11.364 1.00 9.90  ? 37  LYS B O   1 
ATOM   1047 C CB  . LYS B 1 37 ? -9.251  24.841  -14.519 1.00 11.05 ? 37  LYS B CB  1 
ATOM   1048 C CG  . LYS B 1 37 ? -9.518  26.341  -14.448 1.00 12.99 ? 37  LYS B CG  1 
ATOM   1049 C CD  . LYS B 1 37 ? -9.836  26.931  -15.825 1.00 15.05 ? 37  LYS B CD  1 
ATOM   1050 C CE  . LYS B 1 37 ? -11.235 26.549  -16.296 1.00 16.37 ? 37  LYS B CE  1 
ATOM   1051 N NZ  . LYS B 1 37 ? -11.583 27.203  -17.598 1.00 17.17 ? 37  LYS B NZ  1 
ATOM   1052 N N   . ASP B 1 38 ? -10.649 23.386  -11.996 1.00 9.06  ? 38  ASP B N   1 
ATOM   1053 C CA  . ASP B 1 38 ? -11.762 23.453  -11.057 1.00 8.59  ? 38  ASP B CA  1 
ATOM   1054 C C   . ASP B 1 38 ? -12.319 22.052  -10.798 1.00 8.10  ? 38  ASP B C   1 
ATOM   1055 O O   . ASP B 1 38 ? -11.847 21.074  -11.378 1.00 7.72  ? 38  ASP B O   1 
ATOM   1056 C CB  . ASP B 1 38 ? -12.855 24.390  -11.600 1.00 8.66  ? 38  ASP B CB  1 
ATOM   1057 C CG  . ASP B 1 38 ? -13.308 24.022  -13.017 1.00 8.91  ? 38  ASP B CG  1 
ATOM   1058 O OD1 . ASP B 1 38 ? -13.065 22.880  -13.461 1.00 8.79  ? 38  ASP B OD1 1 
ATOM   1059 O OD2 . ASP B 1 38 ? -13.915 24.879  -13.691 1.00 9.33  ? 38  ASP B OD2 1 
ATOM   1060 N N   . PHE B 1 39 ? -13.310 21.959  -9.922  1.00 7.62  ? 39  PHE B N   1 
ATOM   1061 C CA  . PHE B 1 39 ? -13.942 20.678  -9.611  1.00 7.33  ? 39  PHE B CA  1 
ATOM   1062 C C   . PHE B 1 39 ? -14.652 20.079  -10.822 1.00 6.86  ? 39  PHE B C   1 
ATOM   1063 O O   . PHE B 1 39 ? -14.559 18.876  -11.065 1.00 6.79  ? 39  PHE B O   1 
ATOM   1064 C CB  . PHE B 1 39 ? -14.928 20.839  -8.455  1.00 7.37  ? 39  PHE B CB  1 
ATOM   1065 C CG  . PHE B 1 39 ? -15.726 19.599  -8.161  1.00 7.74  ? 39  PHE B CG  1 
ATOM   1066 C CD1 . PHE B 1 39 ? -15.129 18.499  -7.569  1.00 8.85  ? 39  PHE B CD1 1 
ATOM   1067 C CD2 . PHE B 1 39 ? -17.076 19.540  -8.460  1.00 7.48  ? 39  PHE B CD2 1 
ATOM   1068 C CE1 . PHE B 1 39 ? -15.865 17.355  -7.283  1.00 8.73  ? 39  PHE B CE1 1 
ATOM   1069 C CE2 . PHE B 1 39 ? -17.820 18.402  -8.174  1.00 8.19  ? 39  PHE B CE2 1 
ATOM   1070 C CZ  . PHE B 1 39 ? -17.210 17.308  -7.587  1.00 8.42  ? 39  PHE B CZ  1 
ATOM   1071 N N   . SER B 1 40 ? -15.362 20.912  -11.571 1.00 6.60  ? 40  SER B N   1 
ATOM   1072 C CA  . SER B 1 40 ? -16.079 20.454  -12.759 1.00 6.60  ? 40  SER B CA  1 
ATOM   1073 C C   . SER B 1 40 ? -15.167 19.663  -13.683 1.00 6.42  ? 40  SER B C   1 
ATOM   1074 O O   . SER B 1 40 ? -15.492 18.547  -14.078 1.00 5.84  ? 40  SER B O   1 
ATOM   1075 C CB  . SER B 1 40 ? -16.681 21.628  -13.527 1.00 6.51  ? 40  SER B CB  1 
ATOM   1076 O OG  . SER B 1 40 ? -17.351 21.174  -14.690 1.00 6.61  ? 40  SER B OG  1 
ATOM   1077 N N   . THR B 1 41 ? -14.014 20.247  -14.005 1.00 6.70  ? 41  THR B N   1 
ATOM   1078 C CA  . THR B 1 41 ? -13.052 19.609  -14.901 1.00 6.98  ? 41  THR B CA  1 
ATOM   1079 C C   . THR B 1 41 ? -12.504 18.323  -14.283 1.00 7.09  ? 41  THR B C   1 
ATOM   1080 O O   . THR B 1 41 ? -12.347 17.309  -14.974 1.00 7.30  ? 41  THR B O   1 
ATOM   1081 C CB  . THR B 1 41 ? -11.902 20.566  -15.259 1.00 7.06  ? 41  THR B CB  1 
ATOM   1082 O OG1 . THR B 1 41 ? -12.450 21.812  -15.711 1.00 6.93  ? 41  THR B OG1 1 
ATOM   1083 C CG2 . THR B 1 41 ? -11.017 19.975  -16.355 1.00 7.17  ? 41  THR B CG2 1 
ATOM   1084 N N   . ALA B 1 42 ? -12.236 18.358  -12.980 1.00 7.29  ? 42  ALA B N   1 
ATOM   1085 C CA  . ALA B 1 42 ? -11.758 17.168  -12.269 1.00 7.39  ? 42  ALA B CA  1 
ATOM   1086 C C   . ALA B 1 42 ? -12.795 16.044  -12.322 1.00 7.65  ? 42  ALA B C   1 
ATOM   1087 O O   . ALA B 1 42 ? -12.448 14.878  -12.501 1.00 7.76  ? 42  ALA B O   1 
ATOM   1088 C CB  . ALA B 1 42 ? -11.421 17.507  -10.822 1.00 7.09  ? 42  ALA B CB  1 
ATOM   1089 N N   . PHE B 1 43 ? -14.064 16.408  -12.161 1.00 7.98  ? 43  PHE B N   1 
ATOM   1090 C CA  . PHE B 1 43 ? -15.159 15.433  -12.168 1.00 8.33  ? 43  PHE B CA  1 
ATOM   1091 C C   . PHE B 1 43 ? -15.389 14.841  -13.562 1.00 8.08  ? 43  PHE B C   1 
ATOM   1092 O O   . PHE B 1 43 ? -15.698 13.657  -13.690 1.00 8.09  ? 43  PHE B O   1 
ATOM   1093 C CB  . PHE B 1 43 ? -16.443 16.076  -11.642 1.00 8.51  ? 43  PHE B CB  1 
ATOM   1094 C CG  . PHE B 1 43 ? -17.626 15.145  -11.619 1.00 9.85  ? 43  PHE B CG  1 
ATOM   1095 C CD1 . PHE B 1 43 ? -17.613 14.004  -10.828 1.00 11.55 ? 43  PHE B CD1 1 
ATOM   1096 C CD2 . PHE B 1 43 ? -18.756 15.420  -12.370 1.00 11.51 ? 43  PHE B CD2 1 
ATOM   1097 C CE1 . PHE B 1 43 ? -18.698 13.145  -10.803 1.00 11.42 ? 43  PHE B CE1 1 
ATOM   1098 C CE2 . PHE B 1 43 ? -19.847 14.567  -12.341 1.00 12.47 ? 43  PHE B CE2 1 
ATOM   1099 C CZ  . PHE B 1 43 ? -19.812 13.427  -11.553 1.00 11.83 ? 43  PHE B CZ  1 
ATOM   1100 N N   . GLY B 1 44 ? -15.244 15.665  -14.597 1.00 7.85  ? 44  GLY B N   1 
ATOM   1101 C CA  . GLY B 1 44 ? -15.291 15.186  -15.976 1.00 7.91  ? 44  GLY B CA  1 
ATOM   1102 C C   . GLY B 1 44 ? -14.242 14.116  -16.228 1.00 7.92  ? 44  GLY B C   1 
ATOM   1103 O O   . GLY B 1 44 ? -14.528 13.084  -16.838 1.00 7.82  ? 44  GLY B O   1 
ATOM   1104 N N   . PHE B 1 45 ? -13.027 14.363  -15.741 1.00 7.86  ? 45  PHE B N   1 
ATOM   1105 C CA  . PHE B 1 45 ? -11.934 13.396  -15.832 1.00 7.81  ? 45  PHE B CA  1 
ATOM   1106 C C   . PHE B 1 45 ? -12.280 12.077  -15.124 1.00 7.63  ? 45  PHE B C   1 
ATOM   1107 O O   . PHE B 1 45 ? -12.090 11.003  -15.693 1.00 7.19  ? 45  PHE B O   1 
ATOM   1108 C CB  . PHE B 1 45 ? -10.648 14.012  -15.267 1.00 7.87  ? 45  PHE B CB  1 
ATOM   1109 C CG  . PHE B 1 45 ? -9.566  13.014  -14.948 1.00 8.31  ? 45  PHE B CG  1 
ATOM   1110 C CD1 . PHE B 1 45 ? -8.646  12.634  -15.911 1.00 9.18  ? 45  PHE B CD1 1 
ATOM   1111 C CD2 . PHE B 1 45 ? -9.449  12.486  -13.670 1.00 8.17  ? 45  PHE B CD2 1 
ATOM   1112 C CE1 . PHE B 1 45 ? -7.638  11.722  -15.609 1.00 9.69  ? 45  PHE B CE1 1 
ATOM   1113 C CE2 . PHE B 1 45 ? -8.451  11.580  -13.365 1.00 8.79  ? 45  PHE B CE2 1 
ATOM   1114 C CZ  . PHE B 1 45 ? -7.542  11.200  -14.333 1.00 9.34  ? 45  PHE B CZ  1 
ATOM   1115 N N   . MET B 1 46 ? -12.783 12.165  -13.893 1.00 7.84  ? 46  MET B N   1 
ATOM   1116 C CA  . MET B 1 46 ? -13.161 10.969  -13.123 1.00 7.89  ? 46  MET B CA  1 
ATOM   1117 C C   . MET B 1 46 ? -14.297 10.202  -13.800 1.00 7.81  ? 46  MET B C   1 
ATOM   1118 O O   . MET B 1 46 ? -14.257 8.973   -13.883 1.00 7.56  ? 46  MET B O   1 
ATOM   1119 C CB  . MET B 1 46 ? -13.553 11.342  -11.690 1.00 8.26  ? 46  MET B CB  1 
ATOM   1120 C CG  . MET B 1 46 ? -12.381 11.863  -10.849 1.00 9.09  ? 46  MET B CG  1 
ATOM   1121 S SD  . MET B 1 46 ? -12.826 12.344  -9.170  1.00 11.05 ? 46  MET B SD  1 
ATOM   1122 C CE  . MET B 1 46 ? -12.784 10.736  -8.360  1.00 10.19 ? 46  MET B CE  1 
ATOM   1123 N N   . ALA B 1 47 ? -15.297 10.932  -14.295 1.00 7.56  ? 47  ALA B N   1 
ATOM   1124 C CA  . ALA B 1 47 ? -16.406 10.332  -15.039 1.00 7.52  ? 47  ALA B CA  1 
ATOM   1125 C C   . ALA B 1 47 ? -15.894 9.498   -16.211 1.00 7.51  ? 47  ALA B C   1 
ATOM   1126 O O   . ALA B 1 47 ? -16.280 8.339   -16.369 1.00 7.50  ? 47  ALA B O   1 
ATOM   1127 C CB  . ALA B 1 47 ? -17.368 11.413  -15.540 1.00 7.19  ? 47  ALA B CB  1 
ATOM   1128 N N   . GLN B 1 48 ? -15.014 10.087  -17.017 1.00 7.58  ? 48  GLN B N   1 
ATOM   1129 C CA  . GLN B 1 48 ? -14.457 9.389   -18.178 1.00 7.73  ? 48  GLN B CA  1 
ATOM   1130 C C   . GLN B 1 48 ? -13.563 8.220   -17.784 1.00 7.76  ? 48  GLN B C   1 
ATOM   1131 O O   . GLN B 1 48 ? -13.609 7.164   -18.419 1.00 7.49  ? 48  GLN B O   1 
ATOM   1132 C CB  . GLN B 1 48 ? -13.698 10.353  -19.093 1.00 7.78  ? 48  GLN B CB  1 
ATOM   1133 C CG  . GLN B 1 48 ? -14.593 11.386  -19.742 1.00 7.93  ? 48  GLN B CG  1 
ATOM   1134 C CD  . GLN B 1 48 ? -13.862 12.235  -20.753 1.00 8.99  ? 48  GLN B CD  1 
ATOM   1135 O OE1 . GLN B 1 48 ? -13.621 13.424  -20.525 1.00 9.93  ? 48  GLN B OE1 1 
ATOM   1136 N NE2 . GLN B 1 48 ? -13.496 11.632  -21.876 1.00 7.02  ? 48  GLN B NE2 1 
ATOM   1137 N N   . ALA B 1 49 ? -12.753 8.401   -16.742 1.00 7.80  ? 49  ALA B N   1 
ATOM   1138 C CA  . ALA B 1 49 ? -11.884 7.323   -16.273 1.00 7.87  ? 49  ALA B CA  1 
ATOM   1139 C C   . ALA B 1 49 ? -12.702 6.179   -15.686 1.00 8.03  ? 49  ALA B C   1 
ATOM   1140 O O   . ALA B 1 49 ? -12.316 5.016   -15.805 1.00 8.35  ? 49  ALA B O   1 
ATOM   1141 C CB  . ALA B 1 49 ? -10.876 7.835   -15.257 1.00 8.02  ? 49  ALA B CB  1 
ATOM   1142 N N   . ALA B 1 50 ? -13.829 6.512   -15.063 1.00 7.90  ? 50  ALA B N   1 
ATOM   1143 C CA  . ALA B 1 50 ? -14.727 5.520   -14.490 1.00 7.98  ? 50  ALA B CA  1 
ATOM   1144 C C   . ALA B 1 50 ? -15.332 4.618   -15.568 1.00 8.11  ? 50  ALA B C   1 
ATOM   1145 O O   . ALA B 1 50 ? -15.463 3.411   -15.360 1.00 7.87  ? 50  ALA B O   1 
ATOM   1146 C CB  . ALA B 1 50 ? -15.823 6.204   -13.681 1.00 7.89  ? 50  ALA B CB  1 
ATOM   1147 N N   . LEU B 1 51 ? -15.690 5.200   -16.715 1.00 8.14  ? 51  LEU B N   1 
ATOM   1148 C CA  . LEU B 1 51 ? -16.175 4.417   -17.854 1.00 8.25  ? 51  LEU B CA  1 
ATOM   1149 C C   . LEU B 1 51 ? -15.135 3.381   -18.286 1.00 8.38  ? 51  LEU B C   1 
ATOM   1150 O O   . LEU B 1 51 ? -15.458 2.208   -18.492 1.00 8.00  ? 51  LEU B O   1 
ATOM   1151 C CB  . LEU B 1 51 ? -16.512 5.319   -19.040 1.00 8.31  ? 51  LEU B CB  1 
ATOM   1152 C CG  . LEU B 1 51 ? -17.644 6.342   -18.910 1.00 8.47  ? 51  LEU B CG  1 
ATOM   1153 C CD1 . LEU B 1 51 ? -17.739 7.168   -20.186 1.00 8.39  ? 51  LEU B CD1 1 
ATOM   1154 C CD2 . LEU B 1 51 ? -18.981 5.692   -18.611 1.00 9.13  ? 51  LEU B CD2 1 
ATOM   1155 N N   . TYR B 1 52 ? -13.883 3.818   -18.404 1.00 8.45  ? 52  TYR B N   1 
ATOM   1156 C CA  . TYR B 1 52 ? -12.799 2.924   -18.809 1.00 8.76  ? 52  TYR B CA  1 
ATOM   1157 C C   . TYR B 1 52 ? -12.502 1.859   -17.752 1.00 8.90  ? 52  TYR B C   1 
ATOM   1158 O O   . TYR B 1 52 ? -12.140 0.724   -18.087 1.00 8.71  ? 52  TYR B O   1 
ATOM   1159 C CB  . TYR B 1 52 ? -11.537 3.727   -19.129 1.00 8.88  ? 52  TYR B CB  1 
ATOM   1160 C CG  . TYR B 1 52 ? -10.531 2.978   -19.973 1.00 9.39  ? 52  TYR B CG  1 
ATOM   1161 C CD1 . TYR B 1 52 ? -10.848 2.548   -21.254 1.00 10.10 ? 52  TYR B CD1 1 
ATOM   1162 C CD2 . TYR B 1 52 ? -9.253  2.720   -19.493 1.00 10.39 ? 52  TYR B CD2 1 
ATOM   1163 C CE1 . TYR B 1 52 ? -9.914  1.865   -22.034 1.00 11.11 ? 52  TYR B CE1 1 
ATOM   1164 C CE2 . TYR B 1 52 ? -8.320  2.049   -20.254 1.00 10.84 ? 52  TYR B CE2 1 
ATOM   1165 C CZ  . TYR B 1 52 ? -8.651  1.621   -21.521 1.00 11.37 ? 52  TYR B CZ  1 
ATOM   1166 O OH  . TYR B 1 52 ? -7.700  0.959   -22.267 1.00 12.72 ? 52  TYR B OH  1 
ATOM   1167 N N   . ALA B 1 53 ? -12.658 2.220   -16.480 1.00 9.12  ? 53  ALA B N   1 
ATOM   1168 C CA  . ALA B 1 53 ? -12.509 1.260   -15.385 1.00 9.37  ? 53  ALA B CA  1 
ATOM   1169 C C   . ALA B 1 53 ? -13.494 0.108   -15.549 1.00 9.63  ? 53  ALA B C   1 
ATOM   1170 O O   . ALA B 1 53 ? -13.136 -1.059  -15.371 1.00 9.23  ? 53  ALA B O   1 
ATOM   1171 C CB  . ALA B 1 53 ? -12.711 1.940   -14.031 1.00 9.11  ? 53  ALA B CB  1 
ATOM   1172 N N   . GLU B 1 54 ? -14.736 0.439   -15.892 1.00 10.08 ? 54  GLU B N   1 
ATOM   1173 C CA  . GLU B 1 54 ? -15.750 -0.586  -16.111 1.00 10.58 ? 54  GLU B CA  1 
ATOM   1174 C C   . GLU B 1 54 ? -15.545 -1.334  -17.428 1.00 10.70 ? 54  GLU B C   1 
ATOM   1175 O O   . GLU B 1 54 ? -15.895 -2.511  -17.521 1.00 10.81 ? 54  GLU B O   1 
ATOM   1176 C CB  . GLU B 1 54 ? -17.162 -0.007  -16.016 1.00 10.58 ? 54  GLU B CB  1 
ATOM   1177 C CG  . GLU B 1 54 ? -17.594 0.212   -14.585 1.00 12.25 ? 54  GLU B CG  1 
ATOM   1178 C CD  . GLU B 1 54 ? -17.893 -1.090  -13.849 1.00 12.36 ? 54  GLU B CD  1 
ATOM   1179 O OE1 . GLU B 1 54 ? -19.017 -1.606  -13.962 1.00 13.65 ? 54  GLU B OE1 1 
ATOM   1180 O OE2 . GLU B 1 54 ? -16.998 -1.578  -13.138 1.00 13.73 ? 54  GLU B OE2 1 
ATOM   1181 N N   . LYS B 1 55 ? -14.974 -0.665  -18.431 1.00 11.02 ? 55  LYS B N   1 
ATOM   1182 C CA  . LYS B 1 55 ? -14.607 -1.342  -19.680 1.00 11.42 ? 55  LYS B CA  1 
ATOM   1183 C C   . LYS B 1 55 ? -13.553 -2.419  -19.427 1.00 11.39 ? 55  LYS B C   1 
ATOM   1184 O O   . LYS B 1 55 ? -13.682 -3.541  -19.913 1.00 11.17 ? 55  LYS B O   1 
ATOM   1185 C CB  . LYS B 1 55 ? -14.099 -0.358  -20.740 1.00 11.50 ? 55  LYS B CB  1 
ATOM   1186 C CG  . LYS B 1 55 ? -13.844 -1.027  -22.098 1.00 12.80 ? 55  LYS B CG  1 
ATOM   1187 C CD  . LYS B 1 55 ? -13.329 -0.068  -23.155 1.00 14.85 ? 55  LYS B CD  1 
ATOM   1188 C CE  . LYS B 1 55 ? -13.087 -0.810  -24.471 1.00 15.84 ? 55  LYS B CE  1 
ATOM   1189 N NZ  . LYS B 1 55 ? -12.625 0.099   -25.556 1.00 17.22 ? 55  LYS B NZ  1 
ATOM   1190 N N   . LEU B 1 56 ? -12.521 -2.068  -18.661 1.00 11.59 ? 56  LEU B N   1 
ATOM   1191 C CA  . LEU B 1 56 ? -11.431 -2.991  -18.338 1.00 11.89 ? 56  LEU B CA  1 
ATOM   1192 C C   . LEU B 1 56 ? -11.717 -3.925  -17.153 1.00 12.29 ? 56  LEU B C   1 
ATOM   1193 O O   . LEU B 1 56 ? -10.963 -4.878  -16.925 1.00 12.25 ? 56  LEU B O   1 
ATOM   1194 C CB  . LEU B 1 56 ? -10.153 -2.209  -18.026 1.00 11.97 ? 56  LEU B CB  1 
ATOM   1195 C CG  . LEU B 1 56 ? -9.467  -1.447  -19.160 1.00 12.57 ? 56  LEU B CG  1 
ATOM   1196 C CD1 . LEU B 1 56 ? -8.207  -0.783  -18.639 1.00 13.55 ? 56  LEU B CD1 1 
ATOM   1197 C CD2 . LEU B 1 56 ? -9.138  -2.369  -20.323 1.00 13.83 ? 56  LEU B CD2 1 
ATOM   1198 N N   . ASP B 1 57 ? -12.785 -3.652  -16.404 1.00 12.47 ? 57  ASP B N   1 
ATOM   1199 C CA  . ASP B 1 57 ? -13.004 -4.267  -15.097 1.00 12.64 ? 57  ASP B CA  1 
ATOM   1200 C C   . ASP B 1 57 ? -11.722 -4.133  -14.276 1.00 12.74 ? 57  ASP B C   1 
ATOM   1201 O O   . ASP B 1 57 ? -11.202 -5.110  -13.735 1.00 12.68 ? 57  ASP B O   1 
ATOM   1202 C CB  . ASP B 1 57 ? -13.436 -5.737  -15.238 1.00 12.92 ? 57  ASP B CB  1 
ATOM   1203 C CG  . ASP B 1 57 ? -14.016 -6.309  -13.950 1.00 13.62 ? 57  ASP B CG  1 
ATOM   1204 O OD1 . ASP B 1 57 ? -14.543 -5.537  -13.120 1.00 14.25 ? 57  ASP B OD1 1 
ATOM   1205 O OD2 . ASP B 1 57 ? -13.946 -7.540  -13.766 1.00 16.50 ? 57  ASP B OD2 1 
ATOM   1206 N N   . HIS B 1 58 ? -11.217 -2.902  -14.212 1.00 12.57 ? 58  HIS B N   1 
ATOM   1207 C CA  . HIS B 1 58 ? -9.950  -2.592  -13.567 1.00 12.68 ? 58  HIS B CA  1 
ATOM   1208 C C   . HIS B 1 58 ? -10.056 -1.206  -12.923 1.00 12.42 ? 58  HIS B C   1 
ATOM   1209 O O   . HIS B 1 58 ? -10.017 -0.183  -13.608 1.00 11.94 ? 58  HIS B O   1 
ATOM   1210 C CB  . HIS B 1 58 ? -8.817  -2.628  -14.595 1.00 12.85 ? 58  HIS B CB  1 
ATOM   1211 C CG  . HIS B 1 58 ? -7.452  -2.545  -13.994 1.00 13.40 ? 58  HIS B CG  1 
ATOM   1212 N ND1 . HIS B 1 58 ? -6.899  -3.578  -13.268 1.00 14.27 ? 58  HIS B ND1 1 
ATOM   1213 C CD2 . HIS B 1 58 ? -6.527  -1.557  -14.012 1.00 14.34 ? 58  HIS B CD2 1 
ATOM   1214 C CE1 . HIS B 1 58 ? -5.689  -3.230  -12.867 1.00 14.57 ? 58  HIS B CE1 1 
ATOM   1215 N NE2 . HIS B 1 58 ? -5.439  -2.007  -13.305 1.00 14.67 ? 58  HIS B NE2 1 
ATOM   1216 N N   . HIS B 1 59 ? -10.185 -1.192  -11.601 1.00 12.34 ? 59  HIS B N   1 
ATOM   1217 C CA  . HIS B 1 59 ? -10.623 -0.008  -10.880 1.00 12.45 ? 59  HIS B CA  1 
ATOM   1218 C C   . HIS B 1 59 ? -9.477  0.630   -10.111 1.00 12.54 ? 59  HIS B C   1 
ATOM   1219 O O   . HIS B 1 59 ? -8.720  -0.071  -9.436  1.00 12.36 ? 59  HIS B O   1 
ATOM   1220 C CB  . HIS B 1 59 ? -11.757 -0.393  -9.943  1.00 12.75 ? 59  HIS B CB  1 
ATOM   1221 C CG  . HIS B 1 59 ? -12.929 -0.984  -10.659 1.00 12.59 ? 59  HIS B CG  1 
ATOM   1222 N ND1 . HIS B 1 59 ? -13.080 -2.339  -10.845 1.00 12.85 ? 59  HIS B ND1 1 
ATOM   1223 C CD2 . HIS B 1 59 ? -13.980 -0.398  -11.279 1.00 12.95 ? 59  HIS B CD2 1 
ATOM   1224 C CE1 . HIS B 1 59 ? -14.191 -2.566  -11.523 1.00 13.15 ? 59  HIS B CE1 1 
ATOM   1225 N NE2 . HIS B 1 59 ? -14.754 -1.404  -11.800 1.00 12.94 ? 59  HIS B NE2 1 
ATOM   1226 N N   . PRO B 1 60 ? -9.335  1.966   -10.228 1.00 12.28 ? 60  PRO B N   1 
ATOM   1227 C CA  . PRO B 1 60 ? -8.214  2.653   -9.599  1.00 12.01 ? 60  PRO B CA  1 
ATOM   1228 C C   . PRO B 1 60 ? -8.421  2.898   -8.110  1.00 11.79 ? 60  PRO B C   1 
ATOM   1229 O O   . PRO B 1 60 ? -9.544  2.819   -7.606  1.00 11.44 ? 60  PRO B O   1 
ATOM   1230 C CB  . PRO B 1 60 ? -8.173  3.986   -10.345 1.00 11.95 ? 60  PRO B CB  1 
ATOM   1231 C CG  . PRO B 1 60 ? -9.586  4.258   -10.676 1.00 12.33 ? 60  PRO B CG  1 
ATOM   1232 C CD  . PRO B 1 60 ? -10.186 2.905   -10.985 1.00 12.33 ? 60  PRO B CD  1 
ATOM   1233 N N   . GLU B 1 61 ? -7.313  3.155   -7.420  1.00 11.52 ? 61  GLU B N   1 
ATOM   1234 C CA  . GLU B 1 61 ? -7.331  3.773   -6.101  1.00 11.35 ? 61  GLU B CA  1 
ATOM   1235 C C   . GLU B 1 61 ? -7.135  5.261   -6.347  1.00 10.82 ? 61  GLU B C   1 
ATOM   1236 O O   . GLU B 1 61 ? -6.111  5.664   -6.887  1.00 11.05 ? 61  GLU B O   1 
ATOM   1237 C CB  . GLU B 1 61 ? -6.201  3.225   -5.230  1.00 11.32 ? 61  GLU B CB  1 
ATOM   1238 C CG  . GLU B 1 61 ? -6.357  1.749   -4.884  1.00 12.46 ? 61  GLU B CG  1 
ATOM   1239 C CD  . GLU B 1 61 ? -5.091  1.124   -4.333  1.00 14.02 ? 61  GLU B CD  1 
ATOM   1240 O OE1 . GLU B 1 61 ? -4.221  1.849   -3.788  1.00 13.27 ? 61  GLU B OE1 1 
ATOM   1241 O OE2 . GLU B 1 61 ? -4.967  -0.113  -4.446  1.00 15.14 ? 61  GLU B OE2 1 
ATOM   1242 N N   . TRP B 1 62 ? -8.115  6.082   -5.988  1.00 10.18 ? 62  TRP B N   1 
ATOM   1243 C CA  . TRP B 1 62 ? -7.978  7.519   -6.217  1.00 9.59  ? 62  TRP B CA  1 
ATOM   1244 C C   . TRP B 1 62 ? -8.643  8.388   -5.163  1.00 9.38  ? 62  TRP B C   1 
ATOM   1245 O O   . TRP B 1 62 ? -9.659  8.024   -4.572  1.00 8.92  ? 62  TRP B O   1 
ATOM   1246 C CB  . TRP B 1 62 ? -8.423  7.939   -7.634  1.00 9.50  ? 62  TRP B CB  1 
ATOM   1247 C CG  . TRP B 1 62 ? -9.791  7.484   -8.102  1.00 9.40  ? 62  TRP B CG  1 
ATOM   1248 C CD1 . TRP B 1 62 ? -10.737 6.807   -7.388  1.00 9.97  ? 62  TRP B CD1 1 
ATOM   1249 C CD2 . TRP B 1 62 ? -10.369 7.732   -9.390  1.00 9.06  ? 62  TRP B CD2 1 
ATOM   1250 N NE1 . TRP B 1 62 ? -11.852 6.590   -8.163  1.00 10.62 ? 62  TRP B NE1 1 
ATOM   1251 C CE2 . TRP B 1 62 ? -11.654 7.155   -9.393  1.00 9.42  ? 62  TRP B CE2 1 
ATOM   1252 C CE3 . TRP B 1 62 ? -9.915  8.376   -10.547 1.00 9.65  ? 62  TRP B CE3 1 
ATOM   1253 C CZ2 . TRP B 1 62 ? -12.495 7.203   -10.507 1.00 9.54  ? 62  TRP B CZ2 1 
ATOM   1254 C CZ3 . TRP B 1 62 ? -10.750 8.425   -11.653 1.00 10.02 ? 62  TRP B CZ3 1 
ATOM   1255 C CH2 . TRP B 1 62 ? -12.025 7.837   -11.625 1.00 10.14 ? 62  TRP B CH2 1 
ATOM   1256 N N   . PHE B 1 63 ? -8.019  9.542   -4.947  1.00 9.14  ? 63  PHE B N   1 
ATOM   1257 C CA  . PHE B 1 63 ? -8.444  10.535  -3.985  1.00 9.00  ? 63  PHE B CA  1 
ATOM   1258 C C   . PHE B 1 63 ? -8.748  11.825  -4.735  1.00 8.62  ? 63  PHE B C   1 
ATOM   1259 O O   . PHE B 1 63 ? -7.994  12.222  -5.624  1.00 8.98  ? 63  PHE B O   1 
ATOM   1260 C CB  . PHE B 1 63 ? -7.327  10.774  -2.971  1.00 9.11  ? 63  PHE B CB  1 
ATOM   1261 C CG  . PHE B 1 63 ? -7.580  11.927  -2.041  1.00 9.59  ? 63  PHE B CG  1 
ATOM   1262 C CD1 . PHE B 1 63 ? -8.370  11.767  -0.913  1.00 9.94  ? 63  PHE B CD1 1 
ATOM   1263 C CD2 . PHE B 1 63 ? -7.017  13.172  -2.287  1.00 10.35 ? 63  PHE B CD2 1 
ATOM   1264 C CE1 . PHE B 1 63 ? -8.602  12.833  -0.052  1.00 9.53  ? 63  PHE B CE1 1 
ATOM   1265 C CE2 . PHE B 1 63 ? -7.244  14.245  -1.425  1.00 9.84  ? 63  PHE B CE2 1 
ATOM   1266 C CZ  . PHE B 1 63 ? -8.038  14.072  -0.309  1.00 9.94  ? 63  PHE B CZ  1 
ATOM   1267 N N   . ASN B 1 64 ? -9.852  12.471  -4.378  1.00 7.99  ? 64  ASN B N   1 
ATOM   1268 C CA  . ASN B 1 64 ? -10.205 13.766  -4.951  1.00 7.61  ? 64  ASN B CA  1 
ATOM   1269 C C   . ASN B 1 64 ? -10.486 14.777  -3.846  1.00 7.56  ? 64  ASN B C   1 
ATOM   1270 O O   . ASN B 1 64 ? -11.099 14.444  -2.833  1.00 7.00  ? 64  ASN B O   1 
ATOM   1271 C CB  . ASN B 1 64 ? -11.420 13.639  -5.881  1.00 7.28  ? 64  ASN B CB  1 
ATOM   1272 C CG  . ASN B 1 64 ? -12.056 14.981  -6.209  1.00 6.98  ? 64  ASN B CG  1 
ATOM   1273 O OD1 . ASN B 1 64 ? -13.210 15.230  -5.862  1.00 7.12  ? 64  ASN B OD1 1 
ATOM   1274 N ND2 . ASN B 1 64 ? -11.305 15.854  -6.868  1.00 6.31  ? 64  ASN B ND2 1 
ATOM   1275 N N   . ALA B 1 65 ? -10.001 16.001  -4.046  1.00 7.72  ? 65  ALA B N   1 
ATOM   1276 C CA  . ALA B 1 65 ? -10.376 17.145  -3.221  1.00 7.84  ? 65  ALA B CA  1 
ATOM   1277 C C   . ALA B 1 65 ? -10.440 18.351  -4.145  1.00 8.24  ? 65  ALA B C   1 
ATOM   1278 O O   . ALA B 1 65 ? -9.408  18.809  -4.640  1.00 7.96  ? 65  ALA B O   1 
ATOM   1279 C CB  . ALA B 1 65 ? -9.366  17.367  -2.104  1.00 7.92  ? 65  ALA B CB  1 
ATOM   1280 N N   . TYR B 1 66 ? -11.657 18.832  -4.403  1.00 8.64  ? 66  TYR B N   1 
ATOM   1281 C CA  . TYR B 1 66 ? -11.891 19.949  -5.316  1.00 9.26  ? 66  TYR B CA  1 
ATOM   1282 C C   . TYR B 1 66 ? -11.263 19.663  -6.700  1.00 9.32  ? 66  TYR B C   1 
ATOM   1283 O O   . TYR B 1 66 ? -11.713 18.742  -7.396  1.00 9.11  ? 66  TYR B O   1 
ATOM   1284 C CB  . TYR B 1 66 ? -11.422 21.273  -4.673  1.00 9.64  ? 66  TYR B CB  1 
ATOM   1285 C CG  . TYR B 1 66 ? -11.743 22.516  -5.486  1.00 11.07 ? 66  TYR B CG  1 
ATOM   1286 C CD1 . TYR B 1 66 ? -13.048 22.813  -5.858  1.00 12.65 ? 66  TYR B CD1 1 
ATOM   1287 C CD2 . TYR B 1 66 ? -10.733 23.389  -5.889  1.00 13.02 ? 66  TYR B CD2 1 
ATOM   1288 C CE1 . TYR B 1 66 ? -13.343 23.952  -6.608  1.00 13.64 ? 66  TYR B CE1 1 
ATOM   1289 C CE2 . TYR B 1 66 ? -11.016 24.525  -6.635  1.00 13.87 ? 66  TYR B CE2 1 
ATOM   1290 C CZ  . TYR B 1 66 ? -12.319 24.800  -6.994  1.00 14.50 ? 66  TYR B CZ  1 
ATOM   1291 O OH  . TYR B 1 66 ? -12.586 25.928  -7.738  1.00 16.77 ? 66  TYR B OH  1 
ATOM   1292 N N   . ASN B 1 67 ? -10.209 20.389  -7.071  1.00 9.59  ? 67  ASN B N   1 
ATOM   1293 C CA  . ASN B 1 67 ? -9.608  20.275  -8.400  1.00 10.10 ? 67  ASN B CA  1 
ATOM   1294 C C   . ASN B 1 67 ? -8.431  19.288  -8.498  1.00 10.44 ? 67  ASN B C   1 
ATOM   1295 O O   . ASN B 1 67 ? -7.825  19.151  -9.562  1.00 10.33 ? 67  ASN B O   1 
ATOM   1296 C CB  . ASN B 1 67 ? -9.179  21.662  -8.912  1.00 10.24 ? 67  ASN B CB  1 
ATOM   1297 C CG  . ASN B 1 67 ? -8.068  22.295  -8.076  1.00 10.77 ? 67  ASN B CG  1 
ATOM   1298 O OD1 . ASN B 1 67 ? -7.893  21.980  -6.896  1.00 10.96 ? 67  ASN B OD1 1 
ATOM   1299 N ND2 . ASN B 1 67 ? -7.321  23.203  -8.689  1.00 11.92 ? 67  ASN B ND2 1 
ATOM   1300 N N   . ARG B 1 68 ? -8.122  18.598  -7.401  1.00 10.74 ? 68  ARG B N   1 
ATOM   1301 C CA  . ARG B 1 68 ? -7.021  17.634  -7.372  1.00 11.10 ? 68  ARG B CA  1 
ATOM   1302 C C   . ARG B 1 68 ? -7.533  16.205  -7.434  1.00 10.61 ? 68  ARG B C   1 
ATOM   1303 O O   . ARG B 1 68 ? -8.504  15.865  -6.755  1.00 10.14 ? 68  ARG B O   1 
ATOM   1304 C CB  . ARG B 1 68 ? -6.208  17.796  -6.092  1.00 11.62 ? 68  ARG B CB  1 
ATOM   1305 C CG  . ARG B 1 68 ? -5.446  19.108  -5.998  1.00 14.46 ? 68  ARG B CG  1 
ATOM   1306 C CD  . ARG B 1 68 ? -4.583  19.165  -4.739  1.00 18.14 ? 68  ARG B CD  1 
ATOM   1307 N NE  . ARG B 1 68 ? -4.199  17.818  -4.288  1.00 21.21 ? 68  ARG B NE  1 
ATOM   1308 C CZ  . ARG B 1 68 ? -4.584  17.233  -3.148  1.00 22.24 ? 68  ARG B CZ  1 
ATOM   1309 N NH1 . ARG B 1 68 ? -5.358  17.867  -2.261  1.00 22.19 ? 68  ARG B NH1 1 
ATOM   1310 N NH2 . ARG B 1 68 ? -4.165  15.995  -2.883  1.00 22.32 ? 68  ARG B NH2 1 
ATOM   1311 N N   . VAL B 1 69 ? -6.876  15.379  -8.249  1.00 10.34 ? 69  VAL B N   1 
ATOM   1312 C CA  . VAL B 1 69 ? -7.134  13.936  -8.291  1.00 10.24 ? 69  VAL B CA  1 
ATOM   1313 C C   . VAL B 1 69 ? -5.798  13.182  -8.233  1.00 10.52 ? 69  VAL B C   1 
ATOM   1314 O O   . VAL B 1 69 ? -4.964  13.312  -9.133  1.00 10.85 ? 69  VAL B O   1 
ATOM   1315 C CB  . VAL B 1 69 ? -7.917  13.527  -9.561  1.00 10.25 ? 69  VAL B CB  1 
ATOM   1316 C CG1 . VAL B 1 69 ? -8.339  12.065  -9.492  1.00 9.49  ? 69  VAL B CG1 1 
ATOM   1317 C CG2 . VAL B 1 69 ? -9.142  14.418  -9.747  1.00 10.26 ? 69  VAL B CG2 1 
ATOM   1318 N N   . ASP B 1 70 ? -5.587  12.433  -7.148  1.00 10.26 ? 70  ASP B N   1 
ATOM   1319 C CA  . ASP B 1 70 ? -4.400  11.596  -6.981  1.00 9.98  ? 70  ASP B CA  1 
ATOM   1320 C C   . ASP B 1 70 ? -4.792  10.177  -7.316  1.00 9.70  ? 70  ASP B C   1 
ATOM   1321 O O   . ASP B 1 70 ? -5.780  9.673   -6.781  1.00 9.49  ? 70  ASP B O   1 
ATOM   1322 C CB  . ASP B 1 70 ? -3.897  11.636  -5.534  1.00 10.05 ? 70  ASP B CB  1 
ATOM   1323 C CG  . ASP B 1 70 ? -3.517  13.034  -5.082  1.00 10.37 ? 70  ASP B CG  1 
ATOM   1324 O OD1 . ASP B 1 70 ? -2.975  13.799  -5.904  1.00 10.33 ? 70  ASP B OD1 1 
ATOM   1325 O OD2 . ASP B 1 70 ? -3.761  13.360  -3.905  1.00 10.33 ? 70  ASP B OD2 1 
ATOM   1326 N N   . VAL B 1 71 ? -4.029  9.533   -8.191  1.00 9.39  ? 71  VAL B N   1 
ATOM   1327 C CA  . VAL B 1 71 ? -4.348  8.177   -8.626  1.00 9.71  ? 71  VAL B CA  1 
ATOM   1328 C C   . VAL B 1 71 ? -3.189  7.242   -8.335  1.00 10.00 ? 71  VAL B C   1 
ATOM   1329 O O   . VAL B 1 71 ? -2.039  7.588   -8.601  1.00 10.22 ? 71  VAL B O   1 
ATOM   1330 C CB  . VAL B 1 71 ? -4.640  8.127   -10.142 1.00 9.88  ? 71  VAL B CB  1 
ATOM   1331 C CG1 . VAL B 1 71 ? -5.078  6.715   -10.560 1.00 9.10  ? 71  VAL B CG1 1 
ATOM   1332 C CG2 . VAL B 1 71 ? -5.695  9.181   -10.523 1.00 8.80  ? 71  VAL B CG2 1 
ATOM   1333 N N   . THR B 1 72 ? -3.500  6.070   -7.779  1.00 10.22 ? 72  THR B N   1 
ATOM   1334 C CA  . THR B 1 72 ? -2.534  4.976   -7.647  1.00 10.11 ? 72  THR B CA  1 
ATOM   1335 C C   . THR B 1 72 ? -3.095  3.749   -8.357  1.00 10.12 ? 72  THR B C   1 
ATOM   1336 O O   . THR B 1 72 ? -4.257  3.387   -8.158  1.00 10.06 ? 72  THR B O   1 
ATOM   1337 C CB  . THR B 1 72 ? -2.222  4.652   -6.169  1.00 10.36 ? 72  THR B CB  1 
ATOM   1338 O OG1 . THR B 1 72 ? -1.563  5.771   -5.568  1.00 10.54 ? 72  THR B OG1 1 
ATOM   1339 C CG2 . THR B 1 72 ? -1.328  3.421   -6.047  1.00 9.37  ? 72  THR B CG2 1 
ATOM   1340 N N   . LEU B 1 73 ? -2.271  3.133   -9.200  1.00 10.12 ? 73  LEU B N   1 
ATOM   1341 C CA  . LEU B 1 73 ? -2.684  1.992   -10.013 1.00 10.27 ? 73  LEU B CA  1 
ATOM   1342 C C   . LEU B 1 73 ? -1.854  0.758   -9.683  1.00 10.50 ? 73  LEU B C   1 
ATOM   1343 O O   . LEU B 1 73 ? -0.623  0.808   -9.660  1.00 9.97  ? 73  LEU B O   1 
ATOM   1344 C CB  . LEU B 1 73 ? -2.540  2.307   -11.506 1.00 10.12 ? 73  LEU B CB  1 
ATOM   1345 C CG  . LEU B 1 73 ? -3.358  3.471   -12.075 1.00 10.20 ? 73  LEU B CG  1 
ATOM   1346 C CD1 . LEU B 1 73 ? -3.033  3.659   -13.550 1.00 9.43  ? 73  LEU B CD1 1 
ATOM   1347 C CD2 . LEU B 1 73 ? -4.855  3.258   -11.889 1.00 9.39  ? 73  LEU B CD2 1 
ATOM   1348 N N   . ALA B 1 74 ? -2.550  -0.343  -9.424  1.00 10.85 ? 74  ALA B N   1 
ATOM   1349 C CA  . ALA B 1 74 ? -1.928  -1.640  -9.236  1.00 11.22 ? 74  ALA B CA  1 
ATOM   1350 C C   . ALA B 1 74 ? -2.988  -2.718  -9.452  1.00 11.68 ? 74  ALA B C   1 
ATOM   1351 O O   . ALA B 1 74 ? -4.182  -2.457  -9.290  1.00 11.70 ? 74  ALA B O   1 
ATOM   1352 C CB  . ALA B 1 74 ? -1.321  -1.745  -7.846  1.00 11.09 ? 74  ALA B CB  1 
ATOM   1353 N N   . THR B 1 75 ? -2.548  -3.919  -9.818  1.00 12.31 ? 75  THR B N   1 
ATOM   1354 C CA  . THR B 1 75 ? -3.450  -5.039  -10.081 1.00 12.77 ? 75  THR B CA  1 
ATOM   1355 C C   . THR B 1 75 ? -3.469  -5.991  -8.887  1.00 13.45 ? 75  THR B C   1 
ATOM   1356 O O   . THR B 1 75 ? -2.434  -6.533  -8.502  1.00 13.46 ? 75  THR B O   1 
ATOM   1357 C CB  . THR B 1 75 ? -3.015  -5.803  -11.351 1.00 12.92 ? 75  THR B CB  1 
ATOM   1358 O OG1 . THR B 1 75 ? -2.846  -4.877  -12.430 1.00 11.86 ? 75  THR B OG1 1 
ATOM   1359 C CG2 . THR B 1 75 ? -4.046  -6.872  -11.741 1.00 12.30 ? 75  THR B CG2 1 
ATOM   1360 N N   . HIS B 1 76 ? -4.652  -6.203  -8.319  1.00 14.39 ? 76  HIS B N   1 
ATOM   1361 C CA  . HIS B 1 76 ? -4.799  -6.994  -7.099  1.00 15.09 ? 76  HIS B CA  1 
ATOM   1362 C C   . HIS B 1 76 ? -4.288  -8.424  -7.222  1.00 15.19 ? 76  HIS B C   1 
ATOM   1363 O O   . HIS B 1 76 ? -3.557  -8.892  -6.347  1.00 15.38 ? 76  HIS B O   1 
ATOM   1364 C CB  . HIS B 1 76 ? -6.258  -7.021  -6.631  1.00 15.43 ? 76  HIS B CB  1 
ATOM   1365 C CG  . HIS B 1 76 ? -6.477  -7.871  -5.416  1.00 16.59 ? 76  HIS B CG  1 
ATOM   1366 N ND1 . HIS B 1 76 ? -6.797  -9.211  -5.491  1.00 17.87 ? 76  HIS B ND1 1 
ATOM   1367 C CD2 . HIS B 1 76 ? -6.398  -7.576  -4.096  1.00 17.74 ? 76  HIS B CD2 1 
ATOM   1368 C CE1 . HIS B 1 76 ? -6.915  -9.703  -4.271  1.00 18.73 ? 76  HIS B CE1 1 
ATOM   1369 N NE2 . HIS B 1 76 ? -6.677  -8.731  -3.405  1.00 18.29 ? 76  HIS B NE2 1 
ATOM   1370 N N   . SER B 1 77 ? -4.664  -9.121  -8.293  1.00 15.31 ? 77  SER B N   1 
ATOM   1371 C CA  . SER B 1 77 ? -4.278  -10.527 -8.450  1.00 15.60 ? 77  SER B CA  1 
ATOM   1372 C C   . SER B 1 77 ? -2.757  -10.730 -8.424  1.00 15.28 ? 77  SER B C   1 
ATOM   1373 O O   . SER B 1 77 ? -2.272  -11.714 -7.856  1.00 15.36 ? 77  SER B O   1 
ATOM   1374 C CB  . SER B 1 77 ? -4.879  -11.134 -9.723  1.00 15.78 ? 77  SER B CB  1 
ATOM   1375 O OG  . SER B 1 77 ? -4.456  -10.439 -10.884 1.00 17.70 ? 77  SER B OG  1 
ATOM   1376 N N   . GLU B 1 78 ? -2.013  -9.794  -9.010  1.00 14.82 ? 78  GLU B N   1 
ATOM   1377 C CA  . GLU B 1 78 ? -0.543  -9.874  -9.044  1.00 14.70 ? 78  GLU B CA  1 
ATOM   1378 C C   . GLU B 1 78 ? 0.138   -9.093  -7.919  1.00 14.01 ? 78  GLU B C   1 
ATOM   1379 O O   . GLU B 1 78 ? 1.363   -9.140  -7.790  1.00 13.93 ? 78  GLU B O   1 
ATOM   1380 C CB  . GLU B 1 78 ? -0.012  -9.364  -10.393 1.00 14.86 ? 78  GLU B CB  1 
ATOM   1381 C CG  . GLU B 1 78 ? -0.063  -10.384 -11.506 1.00 16.52 ? 78  GLU B CG  1 
ATOM   1382 C CD  . GLU B 1 78 ? -1.464  -10.871 -11.769 1.00 18.97 ? 78  GLU B CD  1 
ATOM   1383 O OE1 . GLU B 1 78 ? -2.339  -10.023 -12.054 1.00 20.13 ? 78  GLU B OE1 1 
ATOM   1384 O OE2 . GLU B 1 78 ? -1.694  -12.094 -11.678 1.00 19.94 ? 78  GLU B OE2 1 
ATOM   1385 N N   . ASN B 1 79 ? -0.646  -8.380  -7.111  1.00 13.50 ? 79  ASN B N   1 
ATOM   1386 C CA  . ASN B 1 79 ? -0.109  -7.428  -6.132  1.00 13.00 ? 79  ASN B CA  1 
ATOM   1387 C C   . ASN B 1 79 ? 1.002   -6.572  -6.752  1.00 12.56 ? 79  ASN B C   1 
ATOM   1388 O O   . ASN B 1 79 ? 2.063   -6.368  -6.155  1.00 12.67 ? 79  ASN B O   1 
ATOM   1389 C CB  . ASN B 1 79 ? 0.406   -8.153  -4.884  1.00 12.86 ? 79  ASN B CB  1 
ATOM   1390 C CG  . ASN B 1 79 ? 0.734   -7.194  -3.737  1.00 13.13 ? 79  ASN B CG  1 
ATOM   1391 O OD1 . ASN B 1 79 ? 0.134   -6.122  -3.611  1.00 13.31 ? 79  ASN B OD1 1 
ATOM   1392 N ND2 . ASN B 1 79 ? 1.693   -7.578  -2.900  1.00 11.86 ? 79  ASN B ND2 1 
ATOM   1393 N N   . GLY B 1 80 ? 0.748   -6.085  -7.962  1.00 11.92 ? 80  GLY B N   1 
ATOM   1394 C CA  . GLY B 1 80 ? 1.746   -5.336  -8.704  1.00 11.57 ? 80  GLY B CA  1 
ATOM   1395 C C   . GLY B 1 80 ? 1.205   -4.702  -9.968  1.00 11.27 ? 80  GLY B C   1 
ATOM   1396 O O   . GLY B 1 80 ? 0.004   -4.769  -10.249 1.00 10.94 ? 80  GLY B O   1 
ATOM   1397 N N   . VAL B 1 81 ? 2.109   -4.102  -10.735 1.00 10.75 ? 81  VAL B N   1 
ATOM   1398 C CA  . VAL B 1 81 ? 1.751   -3.372  -11.936 1.00 10.69 ? 81  VAL B CA  1 
ATOM   1399 C C   . VAL B 1 81 ? 1.668   -4.350  -13.108 1.00 10.74 ? 81  VAL B C   1 
ATOM   1400 O O   . VAL B 1 81 ? 2.565   -5.173  -13.290 1.00 10.75 ? 81  VAL B O   1 
ATOM   1401 C CB  . VAL B 1 81 ? 2.786   -2.251  -12.230 1.00 10.60 ? 81  VAL B CB  1 
ATOM   1402 C CG1 . VAL B 1 81 ? 2.438   -1.499  -13.504 1.00 10.33 ? 81  VAL B CG1 1 
ATOM   1403 C CG2 . VAL B 1 81 ? 2.869   -1.283  -11.044 1.00 10.25 ? 81  VAL B CG2 1 
ATOM   1404 N N   . THR B 1 82 ? 0.582   -4.267  -13.876 1.00 10.70 ? 82  THR B N   1 
ATOM   1405 C CA  . THR B 1 82 ? 0.381   -5.108  -15.064 1.00 10.69 ? 82  THR B CA  1 
ATOM   1406 C C   . THR B 1 82 ? 0.006   -4.231  -16.261 1.00 11.02 ? 82  THR B C   1 
ATOM   1407 O O   . THR B 1 82 ? -0.171  -3.018  -16.117 1.00 10.47 ? 82  THR B O   1 
ATOM   1408 C CB  . THR B 1 82 ? -0.732  -6.157  -14.836 1.00 10.51 ? 82  THR B CB  1 
ATOM   1409 O OG1 . THR B 1 82 ? -2.014  -5.515  -14.775 1.00 10.27 ? 82  THR B OG1 1 
ATOM   1410 C CG2 . THR B 1 82 ? -0.489  -6.924  -13.552 1.00 10.29 ? 82  THR B CG2 1 
ATOM   1411 N N   . GLU B 1 83 ? -0.124  -4.850  -17.433 1.00 11.28 ? 83  GLU B N   1 
ATOM   1412 C CA  . GLU B 1 83 ? -0.565  -4.148  -18.641 1.00 11.96 ? 83  GLU B CA  1 
ATOM   1413 C C   . GLU B 1 83 ? -1.865  -3.359  -18.421 1.00 11.69 ? 83  GLU B C   1 
ATOM   1414 O O   . GLU B 1 83 ? -2.045  -2.288  -18.991 1.00 11.89 ? 83  GLU B O   1 
ATOM   1415 C CB  . GLU B 1 83 ? -0.736  -5.136  -19.803 1.00 12.45 ? 83  GLU B CB  1 
ATOM   1416 C CG  . GLU B 1 83 ? -1.221  -4.517  -21.122 1.00 15.07 ? 83  GLU B CG  1 
ATOM   1417 C CD  . GLU B 1 83 ? -0.344  -3.351  -21.612 1.00 19.39 ? 83  GLU B CD  1 
ATOM   1418 O OE1 . GLU B 1 83 ? 0.909   -3.410  -21.451 1.00 20.72 ? 83  GLU B OE1 1 
ATOM   1419 O OE2 . GLU B 1 83 ? -0.916  -2.375  -22.159 1.00 21.04 ? 83  GLU B OE2 1 
ATOM   1420 N N   . LEU B 1 84 ? -2.765  -3.890  -17.597 1.00 11.44 ? 84  LEU B N   1 
ATOM   1421 C CA  . LEU B 1 84 ? -4.009  -3.194  -17.260 1.00 11.33 ? 84  LEU B CA  1 
ATOM   1422 C C   . LEU B 1 84 ? -3.763  -1.812  -16.651 1.00 11.10 ? 84  LEU B C   1 
ATOM   1423 O O   . LEU B 1 84 ? -4.464  -0.854  -16.969 1.00 11.31 ? 84  LEU B O   1 
ATOM   1424 C CB  . LEU B 1 84 ? -4.847  -4.037  -16.299 1.00 11.33 ? 84  LEU B CB  1 
ATOM   1425 C CG  . LEU B 1 84 ? -5.385  -5.338  -16.895 1.00 12.02 ? 84  LEU B CG  1 
ATOM   1426 C CD1 . LEU B 1 84 ? -5.990  -6.193  -15.795 1.00 12.69 ? 84  LEU B CD1 1 
ATOM   1427 C CD2 . LEU B 1 84 ? -6.404  -5.055  -18.008 1.00 11.35 ? 84  LEU B CD2 1 
ATOM   1428 N N   . ASP B 1 85 ? -2.762  -1.713  -15.783 1.00 10.80 ? 85  ASP B N   1 
ATOM   1429 C CA  . ASP B 1 85 ? -2.401  -0.437  -15.167 1.00 10.54 ? 85  ASP B CA  1 
ATOM   1430 C C   . ASP B 1 85 ? -1.796  0.542   -16.178 1.00 10.51 ? 85  ASP B C   1 
ATOM   1431 O O   . ASP B 1 85 ? -2.054  1.746   -16.115 1.00 10.65 ? 85  ASP B O   1 
ATOM   1432 C CB  . ASP B 1 85 ? -1.431  -0.667  -14.011 1.00 10.33 ? 85  ASP B CB  1 
ATOM   1433 C CG  . ASP B 1 85 ? -2.036  -1.525  -12.918 1.00 10.04 ? 85  ASP B CG  1 
ATOM   1434 O OD1 . ASP B 1 85 ? -3.108  -1.148  -12.404 1.00 9.65  ? 85  ASP B OD1 1 
ATOM   1435 O OD2 . ASP B 1 85 ? -1.458  -2.578  -12.591 1.00 8.45  ? 85  ASP B OD2 1 
ATOM   1436 N N   . ILE B 1 86 ? -0.993  0.024   -17.101 1.00 10.45 ? 86  ILE B N   1 
ATOM   1437 C CA  . ILE B 1 86 ? -0.435  0.844   -18.176 1.00 10.34 ? 86  ILE B CA  1 
ATOM   1438 C C   . ILE B 1 86 ? -1.567  1.382   -19.069 1.00 10.46 ? 86  ILE B C   1 
ATOM   1439 O O   . ILE B 1 86 ? -1.557  2.560   -19.445 1.00 10.28 ? 86  ILE B O   1 
ATOM   1440 C CB  . ILE B 1 86 ? 0.595   0.063   -19.036 1.00 10.43 ? 86  ILE B CB  1 
ATOM   1441 C CG1 . ILE B 1 86 ? 1.677   -0.614  -18.172 1.00 11.04 ? 86  ILE B CG1 1 
ATOM   1442 C CG2 . ILE B 1 86 ? 1.251   0.974   -20.053 1.00 9.86  ? 86  ILE B CG2 1 
ATOM   1443 C CD1 . ILE B 1 86 ? 2.189   0.218   -16.988 1.00 11.53 ? 86  ILE B CD1 1 
ATOM   1444 N N   . LYS B 1 87 ? -2.542  0.533   -19.391 1.00 10.49 ? 87  LYS B N   1 
ATOM   1445 C CA  . LYS B 1 87 ? -3.707  0.966   -20.183 1.00 10.96 ? 87  LYS B CA  1 
ATOM   1446 C C   . LYS B 1 87 ? -4.486  2.083   -19.497 1.00 10.60 ? 87  LYS B C   1 
ATOM   1447 O O   . LYS B 1 87 ? -4.835  3.073   -20.140 1.00 10.67 ? 87  LYS B O   1 
ATOM   1448 C CB  . LYS B 1 87 ? -4.651  -0.205  -20.480 1.00 11.19 ? 87  LYS B CB  1 
ATOM   1449 C CG  . LYS B 1 87 ? -4.070  -1.212  -21.458 1.00 12.75 ? 87  LYS B CG  1 
ATOM   1450 C CD  . LYS B 1 87 ? -4.947  -2.450  -21.609 1.00 14.64 ? 87  LYS B CD  1 
ATOM   1451 C CE  . LYS B 1 87 ? -5.549  -2.567  -22.991 1.00 16.57 ? 87  LYS B CE  1 
ATOM   1452 N NZ  . LYS B 1 87 ? -6.046  -3.953  -23.236 1.00 17.91 ? 87  LYS B NZ  1 
ATOM   1453 N N   . MET B 1 88 ? -4.755  1.924   -18.200 1.00 10.44 ? 88  MET B N   1 
ATOM   1454 C CA  . MET B 1 88 ? -5.485  2.941   -17.439 1.00 10.14 ? 88  MET B CA  1 
ATOM   1455 C C   . MET B 1 88 ? -4.680  4.234   -17.335 1.00 10.04 ? 88  MET B C   1 
ATOM   1456 O O   . MET B 1 88 ? -5.241  5.323   -17.462 1.00 9.88  ? 88  MET B O   1 
ATOM   1457 C CB  . MET B 1 88 ? -5.854  2.437   -16.033 1.00 10.33 ? 88  MET B CB  1 
ATOM   1458 C CG  . MET B 1 88 ? -6.577  3.474   -15.150 1.00 9.89  ? 88  MET B CG  1 
ATOM   1459 S SD  . MET B 1 88 ? -8.115  4.101   -15.870 1.00 11.11 ? 88  MET B SD  1 
ATOM   1460 C CE  . MET B 1 88 ? -9.184  2.678   -15.616 1.00 10.28 ? 88  MET B CE  1 
ATOM   1461 N N   . ALA B 1 89 ? -3.375  4.113   -17.091 1.00 9.76  ? 89  ALA B N   1 
ATOM   1462 C CA  . ALA B 1 89 ? -2.500  5.286   -17.000 1.00 9.65  ? 89  ALA B CA  1 
ATOM   1463 C C   . ALA B 1 89 ? -2.521  6.075   -18.300 1.00 9.52  ? 89  ALA B C   1 
ATOM   1464 O O   . ALA B 1 89 ? -2.638  7.308   -18.292 1.00 9.46  ? 89  ALA B O   1 
ATOM   1465 C CB  . ALA B 1 89 ? -1.071  4.872   -16.655 1.00 9.70  ? 89  ALA B CB  1 
ATOM   1466 N N   . ARG B 1 90 ? -2.413  5.361   -19.416 1.00 9.36  ? 90  ARG B N   1 
ATOM   1467 C CA  . ARG B 1 90 ? -2.474  5.988   -20.737 1.00 9.24  ? 90  ARG B CA  1 
ATOM   1468 C C   . ARG B 1 90 ? -3.818  6.650   -21.023 1.00 9.40  ? 90  ARG B C   1 
ATOM   1469 O O   . ARG B 1 90 ? -3.856  7.743   -21.577 1.00 9.31  ? 90  ARG B O   1 
ATOM   1470 C CB  . ARG B 1 90 ? -2.153  4.975   -21.833 1.00 9.12  ? 90  ARG B CB  1 
ATOM   1471 C CG  . ARG B 1 90 ? -0.677  4.689   -21.920 1.00 8.88  ? 90  ARG B CG  1 
ATOM   1472 C CD  . ARG B 1 90 ? -0.371  3.505   -22.802 1.00 8.96  ? 90  ARG B CD  1 
ATOM   1473 N NE  . ARG B 1 90 ? 1.003   3.570   -23.300 1.00 9.62  ? 90  ARG B NE  1 
ATOM   1474 C CZ  . ARG B 1 90 ? 1.666   2.552   -23.837 1.00 9.63  ? 90  ARG B CZ  1 
ATOM   1475 N NH1 . ARG B 1 90 ? 1.101   1.352   -23.956 1.00 8.84  ? 90  ARG B NH1 1 
ATOM   1476 N NH2 . ARG B 1 90 ? 2.908   2.743   -24.261 1.00 10.21 ? 90  ARG B NH2 1 
ATOM   1477 N N   . LYS B 1 91 ? -4.915  5.995   -20.650 1.00 9.55  ? 91  LYS B N   1 
ATOM   1478 C CA  . LYS B 1 91 ? -6.240  6.577   -20.861 1.00 9.97  ? 91  LYS B CA  1 
ATOM   1479 C C   . LYS B 1 91 ? -6.422  7.831   -20.010 1.00 9.91  ? 91  LYS B C   1 
ATOM   1480 O O   . LYS B 1 91 ? -6.977  8.823   -20.471 1.00 9.95  ? 91  LYS B O   1 
ATOM   1481 C CB  . LYS B 1 91 ? -7.347  5.576   -20.535 1.00 10.28 ? 91  LYS B CB  1 
ATOM   1482 C CG  . LYS B 1 91 ? -8.736  6.018   -21.004 1.00 11.35 ? 91  LYS B CG  1 
ATOM   1483 C CD  . LYS B 1 91 ? -8.859  5.963   -22.523 1.00 12.43 ? 91  LYS B CD  1 
ATOM   1484 C CE  . LYS B 1 91 ? -10.194 6.492   -22.989 1.00 13.96 ? 91  LYS B CE  1 
ATOM   1485 N NZ  . LYS B 1 91 ? -10.308 6.452   -24.480 1.00 15.18 ? 91  LYS B NZ  1 
ATOM   1486 N N   . MET B 1 92 ? -5.954  7.783   -18.768 1.00 9.94  ? 92  MET B N   1 
ATOM   1487 C CA  . MET B 1 92 ? -6.026  8.946   -17.895 1.00 10.05 ? 92  MET B CA  1 
ATOM   1488 C C   . MET B 1 92 ? -5.245  10.129  -18.473 1.00 10.02 ? 92  MET B C   1 
ATOM   1489 O O   . MET B 1 92 ? -5.747  11.250  -18.475 1.00 9.64  ? 92  MET B O   1 
ATOM   1490 C CB  . MET B 1 92 ? -5.554  8.600   -16.480 1.00 10.10 ? 92  MET B CB  1 
ATOM   1491 C CG  . MET B 1 92 ? -6.595  7.811   -15.694 1.00 10.27 ? 92  MET B CG  1 
ATOM   1492 S SD  . MET B 1 92 ? -6.047  7.334   -14.050 1.00 10.86 ? 92  MET B SD  1 
ATOM   1493 C CE  . MET B 1 92 ? -7.571  6.735   -13.324 1.00 12.22 ? 92  MET B CE  1 
ATOM   1494 N N   . ASN B 1 93 ? -4.038  9.871   -18.979 1.00 10.16 ? 93  ASN B N   1 
ATOM   1495 C CA  . ASN B 1 93 ? -3.242  10.917  -19.630 1.00 10.25 ? 93  ASN B CA  1 
ATOM   1496 C C   . ASN B 1 93 ? -3.947  11.486  -20.858 1.00 10.53 ? 93  ASN B C   1 
ATOM   1497 O O   . ASN B 1 93 ? -3.916  12.694  -21.080 1.00 10.84 ? 93  ASN B O   1 
ATOM   1498 C CB  . ASN B 1 93 ? -1.848  10.406  -20.022 1.00 10.16 ? 93  ASN B CB  1 
ATOM   1499 C CG  . ASN B 1 93 ? -0.874  10.372  -18.850 1.00 10.15 ? 93  ASN B CG  1 
ATOM   1500 O OD1 . ASN B 1 93 ? -1.272  10.376  -17.681 1.00 9.92  ? 93  ASN B OD1 1 
ATOM   1501 N ND2 . ASN B 1 93 ? 0.415   10.342  -19.162 1.00 9.79  ? 93  ASN B ND2 1 
ATOM   1502 N N   . ALA B 1 94 ? -4.584  10.620  -21.646 1.00 10.80 ? 94  ALA B N   1 
ATOM   1503 C CA  . ALA B 1 94 ? -5.346  11.052  -22.818 1.00 11.28 ? 94  ALA B CA  1 
ATOM   1504 C C   . ALA B 1 94 ? -6.532  11.948  -22.426 1.00 11.54 ? 94  ALA B C   1 
ATOM   1505 O O   . ALA B 1 94 ? -6.749  12.991  -23.033 1.00 11.24 ? 94  ALA B O   1 
ATOM   1506 C CB  . ALA B 1 94 ? -5.829  9.844   -23.619 1.00 11.16 ? 94  ALA B CB  1 
ATOM   1507 N N   . ILE B 1 95 ? -7.283  11.541  -21.402 1.00 12.20 ? 95  ILE B N   1 
ATOM   1508 C CA  . ILE B 1 95 ? -8.428  12.322  -20.913 1.00 12.68 ? 95  ILE B CA  1 
ATOM   1509 C C   . ILE B 1 95 ? -7.978  13.679  -20.360 1.00 13.36 ? 95  ILE B C   1 
ATOM   1510 O O   . ILE B 1 95 ? -8.572  14.715  -20.667 1.00 13.46 ? 95  ILE B O   1 
ATOM   1511 C CB  . ILE B 1 95 ? -9.200  11.571  -19.794 1.00 12.63 ? 95  ILE B CB  1 
ATOM   1512 C CG1 . ILE B 1 95 ? -9.861  10.306  -20.342 1.00 12.57 ? 95  ILE B CG1 1 
ATOM   1513 C CG2 . ILE B 1 95 ? -10.254 12.486  -19.158 1.00 12.39 ? 95  ILE B CG2 1 
ATOM   1514 C CD1 . ILE B 1 95 ? -10.116 9.234   -19.283 1.00 11.77 ? 95  ILE B CD1 1 
ATOM   1515 N N   . ALA B 1 96 ? -6.924  13.661  -19.550 1.00 14.09 ? 96  ALA B N   1 
ATOM   1516 C CA  . ALA B 1 96 ? -6.413  14.871  -18.898 1.00 14.89 ? 96  ALA B CA  1 
ATOM   1517 C C   . ALA B 1 96 ? -5.798  15.867  -19.878 1.00 15.73 ? 96  ALA B C   1 
ATOM   1518 O O   . ALA B 1 96 ? -5.831  17.069  -19.631 1.00 15.66 ? 96  ALA B O   1 
ATOM   1519 C CB  . ALA B 1 96 ? -5.394  14.502  -17.823 1.00 14.71 ? 96  ALA B CB  1 
ATOM   1520 N N   . GLY B 1 97 ? -5.222  15.364  -20.971 1.00 16.86 ? 97  GLY B N   1 
ATOM   1521 C CA  . GLY B 1 97 ? -4.626  16.218  -22.004 1.00 17.88 ? 97  GLY B CA  1 
ATOM   1522 C C   . GLY B 1 97 ? -3.288  16.803  -21.582 1.00 18.69 ? 97  GLY B C   1 
ATOM   1523 O O   . GLY B 1 97 ? -2.740  16.468  -20.522 1.00 19.37 ? 97  GLY B O   1 
ATOM   1524 O OXT . GLY B 1 97 ? -2.711  17.635  -22.291 1.00 19.55 ? 97  GLY B OXT 1 
HETATM 1525 C C1  . EDO C 2 .  ? 1.039   2.811   7.862   1.00 42.67 ? 98  EDO A C1  1 
HETATM 1526 O O1  . EDO C 2 .  ? 0.618   4.103   7.411   1.00 43.53 ? 98  EDO A O1  1 
HETATM 1527 C C2  . EDO C 2 .  ? 0.572   2.584   9.288   1.00 42.01 ? 98  EDO A C2  1 
HETATM 1528 O O2  . EDO C 2 .  ? -0.677  1.891   9.279   1.00 41.61 ? 98  EDO A O2  1 
HETATM 1529 C C1  . EDO D 2 .  ? -4.141  7.957   -4.801  1.00 29.76 ? 98  EDO B C1  1 
HETATM 1530 O O1  . EDO D 2 .  ? -2.731  8.145   -4.926  1.00 29.02 ? 98  EDO B O1  1 
HETATM 1531 C C2  . EDO D 2 .  ? -4.433  6.757   -3.925  1.00 29.96 ? 98  EDO B C2  1 
HETATM 1532 O O2  . EDO D 2 .  ? -4.471  7.153   -2.551  1.00 31.32 ? 98  EDO B O2  1 
HETATM 1533 O O   . HOH E 3 .  ? 10.280  -13.506 4.611   1.00 13.54 ? 99  HOH A O   1 
HETATM 1534 O O   . HOH E 3 .  ? 14.819  -13.858 14.801  1.00 41.52 ? 100 HOH A O   1 
HETATM 1535 O O   . HOH E 3 .  ? -7.466  -20.130 16.340  1.00 5.91  ? 101 HOH A O   1 
HETATM 1536 O O   . HOH E 3 .  ? -8.278  -9.644  8.771   1.00 7.84  ? 102 HOH A O   1 
HETATM 1537 O O   . HOH E 3 .  ? 2.478   -6.552  -0.089  1.00 13.12 ? 103 HOH A O   1 
HETATM 1538 O O   . HOH E 3 .  ? 12.575  -12.525 3.660   1.00 16.80 ? 104 HOH A O   1 
HETATM 1539 O O   . HOH E 3 .  ? -3.779  -0.541  21.791  1.00 13.81 ? 105 HOH A O   1 
HETATM 1540 O O   . HOH E 3 .  ? -0.759  -19.389 8.625   1.00 16.99 ? 106 HOH A O   1 
HETATM 1541 O O   . HOH E 3 .  ? 3.970   11.805  27.057  1.00 12.59 ? 107 HOH A O   1 
HETATM 1542 O O   . HOH E 3 .  ? 2.859   -11.618 21.413  1.00 13.60 ? 108 HOH A O   1 
HETATM 1543 O O   . HOH E 3 .  ? 8.427   -12.391 17.420  1.00 16.14 ? 109 HOH A O   1 
HETATM 1544 O O   . HOH E 3 .  ? -13.592 -18.058 12.229  1.00 22.52 ? 110 HOH A O   1 
HETATM 1545 O O   . HOH E 3 .  ? 0.255   -15.993 14.075  1.00 11.61 ? 111 HOH A O   1 
HETATM 1546 O O   . HOH E 3 .  ? 0.661   -12.303 1.183   1.00 7.89  ? 112 HOH A O   1 
HETATM 1547 O O   . HOH E 3 .  ? -4.639  0.083   11.544  1.00 23.65 ? 113 HOH A O   1 
HETATM 1548 O O   . HOH E 3 .  ? 14.199  -5.807  5.197   1.00 17.31 ? 114 HOH A O   1 
HETATM 1549 O O   . HOH E 3 .  ? -2.226  6.076   10.176  1.00 24.67 ? 115 HOH A O   1 
HETATM 1550 O O   . HOH E 3 .  ? 2.021   -18.466 9.758   1.00 20.77 ? 116 HOH A O   1 
HETATM 1551 O O   . HOH E 3 .  ? 7.082   -5.021  7.677   1.00 29.55 ? 117 HOH A O   1 
HETATM 1552 O O   . HOH E 3 .  ? 18.872  -2.981  9.175   1.00 26.86 ? 118 HOH A O   1 
HETATM 1553 O O   . HOH E 3 .  ? 10.657  1.619   9.427   1.00 5.78  ? 119 HOH A O   1 
HETATM 1554 O O   . HOH E 3 .  ? 3.279   -8.475  27.199  1.00 22.26 ? 120 HOH A O   1 
HETATM 1555 O O   . HOH E 3 .  ? -13.455 -17.486 15.510  1.00 2.46  ? 121 HOH A O   1 
HETATM 1556 O O   . HOH E 3 .  ? -0.214  -24.065 4.684   1.00 21.80 ? 122 HOH A O   1 
HETATM 1557 O O   . HOH E 3 .  ? 15.207  -9.700  7.028   1.00 18.64 ? 124 HOH A O   1 
HETATM 1558 O O   . HOH E 3 .  ? 13.068  -9.870  3.827   1.00 21.74 ? 125 HOH A O   1 
HETATM 1559 O O   . HOH E 3 .  ? 5.471   -18.858 6.732   1.00 16.17 ? 126 HOH A O   1 
HETATM 1560 O O   . HOH E 3 .  ? -8.272  -9.813  11.769  1.00 25.19 ? 127 HOH A O   1 
HETATM 1561 O O   . HOH E 3 .  ? -8.616  -12.320 8.807   1.00 27.31 ? 128 HOH A O   1 
HETATM 1562 O O   . HOH E 3 .  ? -9.730  -9.661  1.713   1.00 31.63 ? 129 HOH A O   1 
HETATM 1563 O O   . HOH E 3 .  ? 4.345   -13.406 22.294  1.00 30.43 ? 130 HOH A O   1 
HETATM 1564 O O   . HOH E 3 .  ? 0.763   -14.674 18.565  1.00 15.47 ? 131 HOH A O   1 
HETATM 1565 O O   . HOH E 3 .  ? 0.726   -12.158 19.804  1.00 27.20 ? 132 HOH A O   1 
HETATM 1566 O O   . HOH E 3 .  ? 14.340  -13.998 10.855  1.00 29.37 ? 133 HOH A O   1 
HETATM 1567 O O   . HOH E 3 .  ? 4.452   4.202   30.462  1.00 25.04 ? 134 HOH A O   1 
HETATM 1568 O O   . HOH E 3 .  ? 10.037  -5.118  3.899   1.00 29.25 ? 135 HOH A O   1 
HETATM 1569 O O   . HOH E 3 .  ? -2.154  0.231   5.523   1.00 24.84 ? 136 HOH A O   1 
HETATM 1570 O O   . HOH E 3 .  ? 8.406   -4.764  10.369  1.00 31.72 ? 137 HOH A O   1 
HETATM 1571 O O   . HOH E 3 .  ? -7.501  -1.768  6.358   1.00 23.60 ? 138 HOH A O   1 
HETATM 1572 O O   . HOH E 3 .  ? 4.430   -0.335  25.272  1.00 26.27 ? 139 HOH A O   1 
HETATM 1573 O O   . HOH E 3 .  ? 6.430   -3.056  6.553   1.00 30.42 ? 140 HOH A O   1 
HETATM 1574 O O   . HOH E 3 .  ? -6.638  -10.705 14.637  1.00 4.82  ? 141 HOH A O   1 
HETATM 1575 O O   . HOH E 3 .  ? -2.875  -5.561  -3.091  1.00 20.94 ? 142 HOH A O   1 
HETATM 1576 O O   . HOH E 3 .  ? 19.668  -5.009  10.696  1.00 18.71 ? 143 HOH A O   1 
HETATM 1577 O O   . HOH E 3 .  ? -6.268  -2.073  14.971  1.00 14.62 ? 144 HOH A O   1 
HETATM 1578 O O   . HOH E 3 .  ? -0.939  -14.196 -1.209  1.00 26.09 ? 145 HOH A O   1 
HETATM 1579 O O   . HOH E 3 .  ? -9.975  -16.400 10.952  1.00 12.82 ? 146 HOH A O   1 
HETATM 1580 O O   . HOH E 3 .  ? 5.727   1.613   26.190  1.00 20.19 ? 147 HOH A O   1 
HETATM 1581 O O   . HOH E 3 .  ? -7.992  -9.166  16.524  1.00 9.40  ? 148 HOH A O   1 
HETATM 1582 O O   . HOH E 3 .  ? -6.583  -0.059  2.459   1.00 13.31 ? 149 HOH A O   1 
HETATM 1583 O O   . HOH E 3 .  ? 12.355  -7.638  5.317   1.00 20.31 ? 150 HOH A O   1 
HETATM 1584 O O   . HOH E 3 .  ? -0.656  -4.862  -1.433  1.00 19.99 ? 151 HOH A O   1 
HETATM 1585 O O   . HOH E 3 .  ? 13.147  -11.947 20.030  1.00 18.19 ? 152 HOH A O   1 
HETATM 1586 O O   . HOH E 3 .  ? -3.142  -18.164 14.467  1.00 30.46 ? 153 HOH A O   1 
HETATM 1587 O O   . HOH E 3 .  ? 1.665   -16.102 16.467  1.00 13.03 ? 154 HOH A O   1 
HETATM 1588 O O   . HOH E 3 .  ? 15.485  -11.760 9.825   1.00 15.10 ? 155 HOH A O   1 
HETATM 1589 O O   . HOH E 3 .  ? 9.584   -0.195  5.181   1.00 25.27 ? 156 HOH A O   1 
HETATM 1590 O O   . HOH E 3 .  ? 12.273  -5.336  21.125  1.00 12.26 ? 157 HOH A O   1 
HETATM 1591 O O   . HOH E 3 .  ? 8.763   -15.105 17.366  1.00 28.17 ? 158 HOH A O   1 
HETATM 1592 O O   . HOH E 3 .  ? -8.504  -21.951 12.490  1.00 28.73 ? 159 HOH A O   1 
HETATM 1593 O O   . HOH E 3 .  ? 12.489  -17.422 12.614  1.00 34.03 ? 160 HOH A O   1 
HETATM 1594 O O   . HOH E 3 .  ? 16.608  -10.003 21.803  1.00 27.13 ? 161 HOH A O   1 
HETATM 1595 O O   . HOH E 3 .  ? 10.301  -19.556 11.604  1.00 33.70 ? 162 HOH A O   1 
HETATM 1596 O O   . HOH E 3 .  ? 13.367  -22.118 4.895   1.00 21.67 ? 163 HOH A O   1 
HETATM 1597 O O   . HOH E 3 .  ? 21.992  -1.002  13.334  1.00 9.00  ? 164 HOH A O   1 
HETATM 1598 O O   . HOH E 3 .  ? 1.201   -10.799 23.520  1.00 18.36 ? 165 HOH A O   1 
HETATM 1599 O O   . HOH E 3 .  ? 13.629  -8.677  23.885  1.00 25.48 ? 166 HOH A O   1 
HETATM 1600 O O   . HOH E 3 .  ? -5.603  -14.500 19.671  1.00 11.15 ? 167 HOH A O   1 
HETATM 1601 O O   . HOH E 3 .  ? 4.306   -20.726 4.959   1.00 14.91 ? 168 HOH A O   1 
HETATM 1602 O O   . HOH E 3 .  ? 9.072   -4.966  27.340  1.00 21.55 ? 169 HOH A O   1 
HETATM 1603 O O   . HOH E 3 .  ? -0.603  2.815   27.799  1.00 11.39 ? 170 HOH A O   1 
HETATM 1604 O O   . HOH E 3 .  ? -4.132  7.479   13.823  1.00 27.34 ? 171 HOH A O   1 
HETATM 1605 O O   . HOH E 3 .  ? -8.293  -11.388 19.297  1.00 16.08 ? 172 HOH A O   1 
HETATM 1606 O O   . HOH E 3 .  ? 4.086   -17.808 13.100  1.00 12.77 ? 173 HOH A O   1 
HETATM 1607 O O   . HOH E 3 .  ? 11.016  -12.409 20.815  1.00 30.62 ? 174 HOH A O   1 
HETATM 1608 O O   . HOH E 3 .  ? 12.825  -12.918 0.901   1.00 21.91 ? 175 HOH A O   1 
HETATM 1609 O O   . HOH E 3 .  ? 7.093   -15.632 -1.664  1.00 11.25 ? 176 HOH A O   1 
HETATM 1610 O O   . HOH E 3 .  ? 8.488   10.015  30.012  1.00 5.63  ? 177 HOH A O   1 
HETATM 1611 O O   . HOH E 3 .  ? 13.172  -13.936 -2.723  1.00 27.64 ? 178 HOH A O   1 
HETATM 1612 O O   . HOH E 3 .  ? 14.123  -9.646  20.889  1.00 19.04 ? 179 HOH A O   1 
HETATM 1613 O O   . HOH E 3 .  ? 12.051  -7.390  2.262   1.00 13.74 ? 180 HOH A O   1 
HETATM 1614 O O   . HOH E 3 .  ? -0.858  -6.205  22.736  1.00 22.91 ? 181 HOH A O   1 
HETATM 1615 O O   . HOH E 3 .  ? 2.199   -0.801  26.706  1.00 23.84 ? 182 HOH A O   1 
HETATM 1616 O O   . HOH E 3 .  ? -8.487  -11.666 4.441   1.00 39.12 ? 183 HOH A O   1 
HETATM 1617 O O   . HOH E 3 .  ? 4.306   7.763   31.030  1.00 19.44 ? 184 HOH A O   1 
HETATM 1618 O O   . HOH E 3 .  ? 7.168   -16.858 5.615   1.00 12.93 ? 185 HOH A O   1 
HETATM 1619 O O   . HOH E 3 .  ? -1.890  -11.794 20.379  1.00 19.31 ? 186 HOH A O   1 
HETATM 1620 O O   . HOH E 3 .  ? 8.940   -20.749 9.057   1.00 36.77 ? 187 HOH A O   1 
HETATM 1621 O O   . HOH E 3 .  ? -9.404  -17.974 5.276   1.00 23.05 ? 188 HOH A O   1 
HETATM 1622 O O   . HOH E 3 .  ? 16.035  -18.559 9.820   1.00 31.60 ? 189 HOH A O   1 
HETATM 1623 O O   . HOH E 3 .  ? 13.145  -13.327 17.387  1.00 22.48 ? 190 HOH A O   1 
HETATM 1624 O O   . HOH E 3 .  ? 8.467   -12.324 20.068  1.00 23.23 ? 191 HOH A O   1 
HETATM 1625 O O   . HOH E 3 .  ? 1.971   2.600   5.020   1.00 29.57 ? 192 HOH A O   1 
HETATM 1626 O O   . HOH E 3 .  ? 1.433   -17.945 12.387  1.00 13.10 ? 193 HOH A O   1 
HETATM 1627 O O   . HOH E 3 .  ? -3.249  -4.721  23.822  1.00 30.35 ? 194 HOH A O   1 
HETATM 1628 O O   . HOH E 3 .  ? 3.697   -4.242  -3.597  1.00 10.73 ? 195 HOH A O   1 
HETATM 1629 O O   . HOH E 3 .  ? -5.504  -2.473  18.582  1.00 25.11 ? 196 HOH A O   1 
HETATM 1630 O O   . HOH E 3 .  ? 0.383   -11.911 -2.720  1.00 47.30 ? 197 HOH A O   1 
HETATM 1631 O O   . HOH E 3 .  ? -8.670  -18.754 9.629   1.00 19.88 ? 198 HOH A O   1 
HETATM 1632 O O   . HOH E 3 .  ? -9.119  -7.022  15.316  1.00 24.77 ? 199 HOH A O   1 
HETATM 1633 O O   . HOH E 3 .  ? 8.706   1.089   26.754  1.00 17.81 ? 200 HOH A O   1 
HETATM 1634 O O   . HOH E 3 .  ? -1.077  -19.708 11.862  1.00 29.34 ? 201 HOH A O   1 
HETATM 1635 O O   . HOH E 3 .  ? -3.381  -21.780 1.813   1.00 13.14 ? 202 HOH A O   1 
HETATM 1636 O O   . HOH E 3 .  ? 1.466   -0.899  2.678   1.00 25.77 ? 203 HOH A O   1 
HETATM 1637 O O   . HOH E 3 .  ? -9.046  -6.449  4.856   1.00 27.64 ? 204 HOH A O   1 
HETATM 1638 O O   . HOH E 3 .  ? 4.235   -17.451 8.732   1.00 18.67 ? 205 HOH A O   1 
HETATM 1639 O O   . HOH F 3 .  ? -2.144  17.674  -13.784 1.00 15.28 ? 99  HOH B O   1 
HETATM 1640 O O   . HOH F 3 .  ? -7.551  1.142   -12.733 1.00 18.57 ? 100 HOH B O   1 
HETATM 1641 O O   . HOH F 3 .  ? -1.555  6.642   -1.200  1.00 32.02 ? 101 HOH B O   1 
HETATM 1642 O O   . HOH F 3 .  ? -1.980  -4.100  -5.069  1.00 8.19  ? 102 HOH B O   1 
HETATM 1643 O O   . HOH F 3 .  ? -4.336  -3.833  -6.254  1.00 22.18 ? 103 HOH B O   1 
HETATM 1644 O O   . HOH F 3 .  ? -5.545  -0.080  -10.953 1.00 22.03 ? 104 HOH B O   1 
HETATM 1645 O O   . HOH F 3 .  ? 2.187   7.241   -3.451  1.00 29.15 ? 105 HOH B O   1 
HETATM 1646 O O   . HOH F 3 .  ? 3.683   10.945  -9.731  1.00 14.94 ? 106 HOH B O   1 
HETATM 1647 O O   . HOH F 3 .  ? 2.251   13.242  -9.943  1.00 13.06 ? 107 HOH B O   1 
HETATM 1648 O O   . HOH F 3 .  ? -5.535  2.756   -22.627 1.00 9.77  ? 108 HOH B O   1 
HETATM 1649 O O   . HOH F 3 .  ? -10.823 -3.760  -10.181 1.00 19.63 ? 109 HOH B O   1 
HETATM 1650 O O   . HOH F 3 .  ? -0.114  3.225   -2.167  1.00 4.12  ? 110 HOH B O   1 
HETATM 1651 O O   . HOH F 3 .  ? 6.346   13.884  -23.432 1.00 35.83 ? 111 HOH B O   1 
HETATM 1652 O O   . HOH F 3 .  ? -8.103  -6.003  -12.769 1.00 28.65 ? 112 HOH B O   1 
HETATM 1653 O O   . HOH F 3 .  ? -13.965 17.238  -4.115  1.00 7.49  ? 113 HOH B O   1 
HETATM 1654 O O   . HOH F 3 .  ? -5.349  0.486   -8.454  1.00 20.89 ? 114 HOH B O   1 
HETATM 1655 O O   . HOH F 3 .  ? 5.407   7.530   -3.653  1.00 21.78 ? 115 HOH B O   1 
HETATM 1656 O O   . HOH F 3 .  ? 0.002   5.627   -3.387  1.00 16.90 ? 116 HOH B O   1 
HETATM 1657 O O   . HOH F 3 .  ? 10.163  2.517   -22.634 1.00 11.68 ? 117 HOH B O   1 
HETATM 1658 O O   . HOH F 3 .  ? -9.789  3.042   -25.474 1.00 20.78 ? 118 HOH B O   1 
HETATM 1659 O O   . HOH F 3 .  ? 0.612   10.938  -6.567  1.00 19.72 ? 119 HOH B O   1 
HETATM 1660 O O   . HOH F 3 .  ? -8.728  -0.349  -24.207 1.00 19.99 ? 120 HOH B O   1 
HETATM 1661 O O   . HOH F 3 .  ? -16.487 23.409  -10.804 1.00 17.91 ? 121 HOH B O   1 
HETATM 1662 O O   . HOH F 3 .  ? -21.434 -1.802  -15.079 1.00 9.84  ? 122 HOH B O   1 
HETATM 1663 O O   . HOH F 3 .  ? -15.741 25.393  -18.379 1.00 28.07 ? 123 HOH B O   1 
HETATM 1664 O O   . HOH F 3 .  ? 7.486   8.988   -15.820 1.00 15.56 ? 124 HOH B O   1 
HETATM 1665 O O   . HOH F 3 .  ? -8.012  21.939  -16.046 1.00 14.17 ? 125 HOH B O   1 
HETATM 1666 O O   . HOH F 3 .  ? -1.402  0.285   -22.826 1.00 9.92  ? 126 HOH B O   1 
HETATM 1667 O O   . HOH F 3 .  ? 0.622   15.715  -12.913 1.00 21.37 ? 127 HOH B O   1 
HETATM 1668 O O   . HOH F 3 .  ? 5.130   -4.583  -10.418 1.00 11.56 ? 128 HOH B O   1 
HETATM 1669 O O   . HOH F 3 .  ? -11.735 16.720  -17.713 1.00 22.77 ? 129 HOH B O   1 
HETATM 1670 O O   . HOH F 3 .  ? -8.636  -2.951  -23.713 1.00 31.52 ? 130 HOH B O   1 
HETATM 1671 O O   . HOH F 3 .  ? -3.188  16.690  -7.413  1.00 30.95 ? 131 HOH B O   1 
HETATM 1672 O O   . HOH F 3 .  ? -6.982  -4.720  -9.544  1.00 19.47 ? 132 HOH B O   1 
HETATM 1673 O O   . HOH F 3 .  ? -10.489 -5.992  -11.483 1.00 15.91 ? 133 HOH B O   1 
HETATM 1674 O O   . HOH F 3 .  ? 10.962  1.462   -11.028 1.00 23.91 ? 134 HOH B O   1 
HETATM 1675 O O   . HOH F 3 .  ? 12.757  1.987   -22.306 1.00 27.68 ? 135 HOH B O   1 
HETATM 1676 O O   . HOH F 3 .  ? 9.442   6.208   -10.630 1.00 17.82 ? 136 HOH B O   1 
HETATM 1677 O O   . HOH F 3 .  ? 10.178  2.314   -4.630  1.00 23.39 ? 137 HOH B O   1 
HETATM 1678 O O   . HOH F 3 .  ? -0.480  18.073  -9.461  1.00 30.47 ? 138 HOH B O   1 
HETATM 1679 O O   . HOH F 3 .  ? -3.698  11.591  -1.966  1.00 18.29 ? 139 HOH B O   1 
HETATM 1680 O O   . HOH F 3 .  ? -6.912  -8.374  -12.811 1.00 19.73 ? 140 HOH B O   1 
HETATM 1681 O O   . HOH F 3 .  ? 0.716   8.575   -22.544 1.00 26.71 ? 141 HOH B O   1 
HETATM 1682 O O   . HOH F 3 .  ? -6.876  -8.605  -10.073 1.00 18.01 ? 142 HOH B O   1 
HETATM 1683 O O   . HOH F 3 .  ? -2.555  2.968   -26.523 1.00 21.02 ? 143 HOH B O   1 
HETATM 1684 O O   . HOH F 3 .  ? 2.565   5.940   -23.503 1.00 9.58  ? 144 HOH B O   1 
HETATM 1685 O O   . HOH F 3 .  ? 8.269   -2.184  -4.375  1.00 28.58 ? 145 HOH B O   1 
HETATM 1686 O O   . HOH F 3 .  ? 14.276  -6.220  -13.799 1.00 11.39 ? 146 HOH B O   1 
HETATM 1687 O O   . HOH F 3 .  ? 3.019   -1.646  -22.371 1.00 27.93 ? 147 HOH B O   1 
HETATM 1688 O O   . HOH F 3 .  ? 6.249   -9.177  -16.207 1.00 12.85 ? 148 HOH B O   1 
HETATM 1689 O O   . HOH F 3 .  ? -15.161 24.309  -9.022  1.00 27.66 ? 149 HOH B O   1 
HETATM 1690 O O   . HOH F 3 .  ? -3.078  -8.073  -3.742  1.00 25.75 ? 150 HOH B O   1 
HETATM 1691 O O   . HOH F 3 .  ? 12.840  -4.094  -24.052 1.00 24.09 ? 151 HOH B O   1 
HETATM 1692 O O   . HOH F 3 .  ? -16.444 -4.514  -15.487 1.00 19.77 ? 152 HOH B O   1 
HETATM 1693 O O   . HOH F 3 .  ? 7.681   9.688   -18.502 1.00 26.79 ? 153 HOH B O   1 
HETATM 1694 O O   . HOH F 3 .  ? -1.677  14.223  -19.305 1.00 29.47 ? 154 HOH B O   1 
HETATM 1695 O O   . HOH F 3 .  ? -12.354 4.061   -24.216 1.00 21.28 ? 155 HOH B O   1 
HETATM 1696 O O   . HOH F 3 .  ? -3.425  1.473   -24.158 1.00 12.76 ? 156 HOH B O   1 
HETATM 1697 O O   . HOH F 3 .  ? 7.953   -1.766  1.461   1.00 23.32 ? 157 HOH B O   1 
HETATM 1698 O O   . HOH F 3 .  ? 1.797   3.069   -0.316  1.00 18.63 ? 158 HOH B O   1 
HETATM 1699 O O   . HOH F 3 .  ? 11.669  4.976   -15.682 1.00 28.39 ? 159 HOH B O   1 
HETATM 1700 O O   . HOH F 3 .  ? -9.977  -6.026  -19.324 1.00 16.26 ? 160 HOH B O   1 
HETATM 1701 O O   . HOH F 3 .  ? -1.924  8.326   -23.299 1.00 15.54 ? 161 HOH B O   1 
HETATM 1702 O O   . HOH F 3 .  ? 0.105   -12.020 -6.057  1.00 28.96 ? 162 HOH B O   1 
HETATM 1703 O O   . HOH F 3 .  ? -9.807  -7.089  -15.627 1.00 19.92 ? 163 HOH B O   1 
HETATM 1704 O O   . HOH F 3 .  ? -8.097  18.465  -18.273 1.00 21.86 ? 164 HOH B O   1 
HETATM 1705 O O   . HOH F 3 .  ? 12.623  -6.969  -10.868 1.00 21.67 ? 165 HOH B O   1 
HETATM 1706 O O   . HOH F 3 .  ? 4.494   5.121   -0.388  1.00 17.24 ? 166 HOH B O   1 
HETATM 1707 O O   . HOH F 3 .  ? 12.500  -4.551  -19.360 1.00 25.44 ? 167 HOH B O   1 
HETATM 1708 O O   . HOH F 3 .  ? -3.168  -8.046  -15.933 1.00 26.58 ? 168 HOH B O   1 
HETATM 1709 O O   . HOH F 3 .  ? -3.761  17.666  -15.832 1.00 20.30 ? 169 HOH B O   1 
HETATM 1710 O O   . HOH F 3 .  ? 15.690  -0.625  -15.467 1.00 21.50 ? 170 HOH B O   1 
HETATM 1711 O O   . HOH F 3 .  ? -15.220 24.177  -16.170 1.00 30.52 ? 171 HOH B O   1 
HETATM 1712 O O   . HOH F 3 .  ? -15.757 -4.604  -21.372 1.00 21.23 ? 172 HOH B O   1 
HETATM 1713 O O   . HOH F 3 .  ? 14.504  -0.704  -18.022 1.00 19.55 ? 173 HOH B O   1 
HETATM 1714 O O   . HOH F 3 .  ? -2.244  3.445   -0.765  1.00 11.93 ? 174 HOH B O   1 
HETATM 1715 O O   . HOH F 3 .  ? -5.934  -1.325  -6.668  1.00 28.58 ? 175 HOH B O   1 
HETATM 1716 O O   . HOH F 3 .  ? -13.046 -5.867  -10.765 1.00 45.54 ? 176 HOH B O   1 
HETATM 1717 O O   . HOH F 3 .  ? -4.702  0.130   -0.890  1.00 25.29 ? 177 HOH B O   1 
HETATM 1718 O O   . HOH F 3 .  ? 0.539   -3.296  -5.192  1.00 8.93  ? 178 HOH B O   1 
HETATM 1719 O O   . HOH F 3 .  ? -1.458  16.911  -18.312 1.00 32.15 ? 179 HOH B O   1 
HETATM 1720 O O   . HOH F 3 .  ? 13.692  1.589   -19.162 1.00 25.03 ? 180 HOH B O   1 
HETATM 1721 O O   . HOH F 3 .  ? 8.997   -3.858  -10.217 1.00 22.83 ? 181 HOH B O   1 
HETATM 1722 O O   . HOH F 3 .  ? 8.926   -6.106  -5.425  1.00 32.97 ? 185 HOH B O   1 
HETATM 1723 O O   . HOH F 3 .  ? -7.263  -2.395  -10.244 1.00 32.92 ? 186 HOH B O   1 
HETATM 1724 O O   . HOH F 3 .  ? 1.971   -14.151 -11.530 1.00 32.33 ? 188 HOH B O   1 
HETATM 1725 O O   . HOH F 3 .  ? 12.503  -7.871  -17.261 1.00 23.09 ? 190 HOH B O   1 
HETATM 1726 O O   . HOH F 3 .  ? -4.195  4.186   -2.393  1.00 20.99 ? 193 HOH B O   1 
HETATM 1727 O O   . HOH F 3 .  ? 2.951   9.678   -21.744 1.00 23.32 ? 195 HOH B O   1 
HETATM 1728 O O   . HOH F 3 .  ? 0.873   -7.426  -17.649 1.00 21.62 ? 196 HOH B O   1 
# 
loop_
_pdbx_poly_seq_scheme.asym_id 
_pdbx_poly_seq_scheme.entity_id 
_pdbx_poly_seq_scheme.seq_id 
_pdbx_poly_seq_scheme.mon_id 
_pdbx_poly_seq_scheme.ndb_seq_num 
_pdbx_poly_seq_scheme.pdb_seq_num 
_pdbx_poly_seq_scheme.auth_seq_num 
_pdbx_poly_seq_scheme.pdb_mon_id 
_pdbx_poly_seq_scheme.auth_mon_id 
_pdbx_poly_seq_scheme.pdb_strand_id 
_pdbx_poly_seq_scheme.pdb_ins_code 
_pdbx_poly_seq_scheme.hetero 
A 1 1  MET 1  1  1  MET MET A . n 
A 1 2  ALA 2  2  2  ALA ALA A . n 
A 1 3  ARG 3  3  3  ARG ARG A . n 
A 1 4  ASN 4  4  4  ASN ASN A . n 
A 1 5  ARG 5  5  5  ARG ARG A . n 
A 1 6  LEU 6  6  6  LEU LEU A . n 
A 1 7  THR 7  7  7  THR THR A . n 
A 1 8  GLU 8  8  8  GLU GLU A . n 
A 1 9  SER 9  9  9  SER SER A . n 
A 1 10 GLU 10 10 10 GLU GLU A . n 
A 1 11 MET 11 11 11 MET MET A . n 
A 1 12 ASN 12 12 12 ASN ASN A . n 
A 1 13 GLU 13 13 13 GLU GLU A . n 
A 1 14 ALA 14 14 14 ALA ALA A . n 
A 1 15 LEU 15 15 15 LEU LEU A . n 
A 1 16 ARG 16 16 16 ARG ARG A . n 
A 1 17 ALA 17 17 17 ALA ALA A . n 
A 1 18 LEU 18 18 18 LEU LEU A . n 
A 1 19 ASP 19 19 19 ASP ASP A . n 
A 1 20 GLY 20 20 20 GLY GLY A . n 
A 1 21 TRP 21 21 21 TRP TRP A . n 
A 1 22 GLN 22 22 22 GLN GLN A . n 
A 1 23 LYS 23 23 23 LYS LYS A . n 
A 1 24 VAL 24 24 24 VAL VAL A . n 
A 1 25 ASP 25 25 25 ASP ASP A . n 
A 1 26 GLY 26 26 26 GLY GLY A . n 
A 1 27 ARG 27 27 27 ARG ARG A . n 
A 1 28 GLU 28 28 28 GLU GLU A . n 
A 1 29 ALA 29 29 29 ALA ALA A . n 
A 1 30 ILE 30 30 30 ILE ILE A . n 
A 1 31 THR 31 31 31 THR THR A . n 
A 1 32 ARG 32 32 32 ARG ARG A . n 
A 1 33 SER 33 33 33 SER SER A . n 
A 1 34 PHE 34 34 34 PHE PHE A . n 
A 1 35 LYS 35 35 35 LYS LYS A . n 
A 1 36 PHE 36 36 36 PHE PHE A . n 
A 1 37 LYS 37 37 37 LYS LYS A . n 
A 1 38 ASP 38 38 38 ASP ASP A . n 
A 1 39 PHE 39 39 39 PHE PHE A . n 
A 1 40 SER 40 40 40 SER SER A . n 
A 1 41 THR 41 41 41 THR THR A . n 
A 1 42 ALA 42 42 42 ALA ALA A . n 
A 1 43 PHE 43 43 43 PHE PHE A . n 
A 1 44 GLY 44 44 44 GLY GLY A . n 
A 1 45 PHE 45 45 45 PHE PHE A . n 
A 1 46 MET 46 46 46 MET MET A . n 
A 1 47 ALA 47 47 47 ALA ALA A . n 
A 1 48 GLN 48 48 48 GLN GLN A . n 
A 1 49 ALA 49 49 49 ALA ALA A . n 
A 1 50 ALA 50 50 50 ALA ALA A . n 
A 1 51 LEU 51 51 51 LEU LEU A . n 
A 1 52 TYR 52 52 52 TYR TYR A . n 
A 1 53 ALA 53 53 53 ALA ALA A . n 
A 1 54 GLU 54 54 54 GLU GLU A . n 
A 1 55 LYS 55 55 55 LYS LYS A . n 
A 1 56 LEU 56 56 56 LEU LEU A . n 
A 1 57 ASP 57 57 57 ASP ASP A . n 
A 1 58 HIS 58 58 58 HIS HIS A . n 
A 1 59 HIS 59 59 59 HIS HIS A . n 
A 1 60 PRO 60 60 60 PRO PRO A . n 
A 1 61 GLU 61 61 61 GLU GLU A . n 
A 1 62 TRP 62 62 62 TRP TRP A . n 
A 1 63 PHE 63 63 63 PHE PHE A . n 
A 1 64 ASN 64 64 64 ASN ASN A . n 
A 1 65 ALA 65 65 65 ALA ALA A . n 
A 1 66 TYR 66 66 66 TYR TYR A . n 
A 1 67 ASN 67 67 67 ASN ASN A . n 
A 1 68 ARG 68 68 68 ARG ARG A . n 
A 1 69 VAL 69 69 69 VAL VAL A . n 
A 1 70 ASP 70 70 70 ASP ASP A . n 
A 1 71 VAL 71 71 71 VAL VAL A . n 
A 1 72 THR 72 72 72 THR THR A . n 
A 1 73 LEU 73 73 73 LEU LEU A . n 
A 1 74 ALA 74 74 74 ALA ALA A . n 
A 1 75 THR 75 75 75 THR THR A . n 
A 1 76 HIS 76 76 76 HIS HIS A . n 
A 1 77 SER 77 77 77 SER SER A . n 
A 1 78 GLU 78 78 78 GLU GLU A . n 
A 1 79 ASN 79 79 79 ASN ASN A . n 
A 1 80 GLY 80 80 80 GLY GLY A . n 
A 1 81 VAL 81 81 81 VAL VAL A . n 
A 1 82 THR 82 82 82 THR THR A . n 
A 1 83 GLU 83 83 83 GLU GLU A . n 
A 1 84 LEU 84 84 84 LEU LEU A . n 
A 1 85 ASP 85 85 85 ASP ASP A . n 
A 1 86 ILE 86 86 86 ILE ILE A . n 
A 1 87 LYS 87 87 87 LYS LYS A . n 
A 1 88 MET 88 88 88 MET MET A . n 
A 1 89 ALA 89 89 89 ALA ALA A . n 
A 1 90 ARG 90 90 90 ARG ARG A . n 
A 1 91 LYS 91 91 91 LYS LYS A . n 
A 1 92 MET 92 92 92 MET MET A . n 
A 1 93 ASN 93 93 93 ASN ASN A . n 
A 1 94 ALA 94 94 94 ALA ALA A . n 
A 1 95 ILE 95 95 95 ILE ILE A . n 
A 1 96 ALA 96 96 96 ALA ALA A . n 
A 1 97 GLY 97 97 97 GLY GLY A . n 
B 1 1  MET 1  1  ?  ?   ?   B . n 
B 1 2  ALA 2  2  ?  ?   ?   B . n 
B 1 3  ARG 3  3  ?  ?   ?   B . n 
B 1 4  ASN 4  4  4  ASN ASN B . n 
B 1 5  ARG 5  5  5  ARG ARG B . n 
B 1 6  LEU 6  6  6  LEU LEU B . n 
B 1 7  THR 7  7  7  THR THR B . n 
B 1 8  GLU 8  8  8  GLU GLU B . n 
B 1 9  SER 9  9  9  SER SER B . n 
B 1 10 GLU 10 10 10 GLU GLU B . n 
B 1 11 MET 11 11 11 MET MET B . n 
B 1 12 ASN 12 12 12 ASN ASN B . n 
B 1 13 GLU 13 13 13 GLU GLU B . n 
B 1 14 ALA 14 14 14 ALA ALA B . n 
B 1 15 LEU 15 15 15 LEU LEU B . n 
B 1 16 ARG 16 16 16 ARG ARG B . n 
B 1 17 ALA 17 17 17 ALA ALA B . n 
B 1 18 LEU 18 18 18 LEU LEU B . n 
B 1 19 ASP 19 19 19 ASP ASP B . n 
B 1 20 GLY 20 20 20 GLY GLY B . n 
B 1 21 TRP 21 21 21 TRP TRP B . n 
B 1 22 GLN 22 22 22 GLN GLN B . n 
B 1 23 LYS 23 23 23 LYS LYS B . n 
B 1 24 VAL 24 24 24 VAL VAL B . n 
B 1 25 ASP 25 25 25 ASP ASP B . n 
B 1 26 GLY 26 26 26 GLY GLY B . n 
B 1 27 ARG 27 27 27 ARG ARG B . n 
B 1 28 GLU 28 28 28 GLU GLU B . n 
B 1 29 ALA 29 29 29 ALA ALA B . n 
B 1 30 ILE 30 30 30 ILE ILE B . n 
B 1 31 THR 31 31 31 THR THR B . n 
B 1 32 ARG 32 32 32 ARG ARG B . n 
B 1 33 SER 33 33 33 SER SER B . n 
B 1 34 PHE 34 34 34 PHE PHE B . n 
B 1 35 LYS 35 35 35 LYS LYS B . n 
B 1 36 PHE 36 36 36 PHE PHE B . n 
B 1 37 LYS 37 37 37 LYS LYS B . n 
B 1 38 ASP 38 38 38 ASP ASP B . n 
B 1 39 PHE 39 39 39 PHE PHE B . n 
B 1 40 SER 40 40 40 SER SER B . n 
B 1 41 THR 41 41 41 THR THR B . n 
B 1 42 ALA 42 42 42 ALA ALA B . n 
B 1 43 PHE 43 43 43 PHE PHE B . n 
B 1 44 GLY 44 44 44 GLY GLY B . n 
B 1 45 PHE 45 45 45 PHE PHE B . n 
B 1 46 MET 46 46 46 MET MET B . n 
B 1 47 ALA 47 47 47 ALA ALA B . n 
B 1 48 GLN 48 48 48 GLN GLN B . n 
B 1 49 ALA 49 49 49 ALA ALA B . n 
B 1 50 ALA 50 50 50 ALA ALA B . n 
B 1 51 LEU 51 51 51 LEU LEU B . n 
B 1 52 TYR 52 52 52 TYR TYR B . n 
B 1 53 ALA 53 53 53 ALA ALA B . n 
B 1 54 GLU 54 54 54 GLU GLU B . n 
B 1 55 LYS 55 55 55 LYS LYS B . n 
B 1 56 LEU 56 56 56 LEU LEU B . n 
B 1 57 ASP 57 57 57 ASP ASP B . n 
B 1 58 HIS 58 58 58 HIS HIS B . n 
B 1 59 HIS 59 59 59 HIS HIS B . n 
B 1 60 PRO 60 60 60 PRO PRO B . n 
B 1 61 GLU 61 61 61 GLU GLU B . n 
B 1 62 TRP 62 62 62 TRP TRP B . n 
B 1 63 PHE 63 63 63 PHE PHE B . n 
B 1 64 ASN 64 64 64 ASN ASN B . n 
B 1 65 ALA 65 65 65 ALA ALA B . n 
B 1 66 TYR 66 66 66 TYR TYR B . n 
B 1 67 ASN 67 67 67 ASN ASN B . n 
B 1 68 ARG 68 68 68 ARG ARG B . n 
B 1 69 VAL 69 69 69 VAL VAL B . n 
B 1 70 ASP 70 70 70 ASP ASP B . n 
B 1 71 VAL 71 71 71 VAL VAL B . n 
B 1 72 THR 72 72 72 THR THR B . n 
B 1 73 LEU 73 73 73 LEU LEU B . n 
B 1 74 ALA 74 74 74 ALA ALA B . n 
B 1 75 THR 75 75 75 THR THR B . n 
B 1 76 HIS 76 76 76 HIS HIS B . n 
B 1 77 SER 77 77 77 SER SER B . n 
B 1 78 GLU 78 78 78 GLU GLU B . n 
B 1 79 ASN 79 79 79 ASN ASN B . n 
B 1 80 GLY 80 80 80 GLY GLY B . n 
B 1 81 VAL 81 81 81 VAL VAL B . n 
B 1 82 THR 82 82 82 THR THR B . n 
B 1 83 GLU 83 83 83 GLU GLU B . n 
B 1 84 LEU 84 84 84 LEU LEU B . n 
B 1 85 ASP 85 85 85 ASP ASP B . n 
B 1 86 ILE 86 86 86 ILE ILE B . n 
B 1 87 LYS 87 87 87 LYS LYS B . n 
B 1 88 MET 88 88 88 MET MET B . n 
B 1 89 ALA 89 89 89 ALA ALA B . n 
B 1 90 ARG 90 90 90 ARG ARG B . n 
B 1 91 LYS 91 91 91 LYS LYS B . n 
B 1 92 MET 92 92 92 MET MET B . n 
B 1 93 ASN 93 93 93 ASN ASN B . n 
B 1 94 ALA 94 94 94 ALA ALA B . n 
B 1 95 ILE 95 95 95 ILE ILE B . n 
B 1 96 ALA 96 96 96 ALA ALA B . n 
B 1 97 GLY 97 97 97 GLY GLY B . n 
# 
_pdbx_SG_project.id                    1 
_pdbx_SG_project.project_name          ? 
_pdbx_SG_project.full_name_of_center   'Seattle Structural Genomics Center for Infectious Disease' 
_pdbx_SG_project.initial_of_center     SSGCID 
# 
loop_
_pdbx_nonpoly_scheme.asym_id 
_pdbx_nonpoly_scheme.entity_id 
_pdbx_nonpoly_scheme.mon_id 
_pdbx_nonpoly_scheme.ndb_seq_num 
_pdbx_nonpoly_scheme.pdb_seq_num 
_pdbx_nonpoly_scheme.auth_seq_num 
_pdbx_nonpoly_scheme.pdb_mon_id 
_pdbx_nonpoly_scheme.auth_mon_id 
_pdbx_nonpoly_scheme.pdb_strand_id 
_pdbx_nonpoly_scheme.pdb_ins_code 
C 2 EDO 1   98  1   EDO EDO A . 
D 2 EDO 1   98  1   EDO EDO B . 
E 3 HOH 1   99  99  HOH HOH A . 
E 3 HOH 2   100 100 HOH HOH A . 
E 3 HOH 3   101 2   HOH HOH A . 
E 3 HOH 4   102 3   HOH HOH A . 
E 3 HOH 5   103 4   HOH HOH A . 
E 3 HOH 6   104 104 HOH HOH A . 
E 3 HOH 7   105 7   HOH HOH A . 
E 3 HOH 8   106 9   HOH HOH A . 
E 3 HOH 9   107 107 HOH HOH A . 
E 3 HOH 10  108 108 HOH HOH A . 
E 3 HOH 11  109 10  HOH HOH A . 
E 3 HOH 12  110 110 HOH HOH A . 
E 3 HOH 13  111 12  HOH HOH A . 
E 3 HOH 14  112 13  HOH HOH A . 
E 3 HOH 15  113 113 HOH HOH A . 
E 3 HOH 16  114 114 HOH HOH A . 
E 3 HOH 17  115 115 HOH HOH A . 
E 3 HOH 18  116 116 HOH HOH A . 
E 3 HOH 19  117 117 HOH HOH A . 
E 3 HOH 20  118 118 HOH HOH A . 
E 3 HOH 21  119 15  HOH HOH A . 
E 3 HOH 22  120 120 HOH HOH A . 
E 3 HOH 23  121 17  HOH HOH A . 
E 3 HOH 24  122 122 HOH HOH A . 
E 3 HOH 25  124 18  HOH HOH A . 
E 3 HOH 26  125 125 HOH HOH A . 
E 3 HOH 27  126 126 HOH HOH A . 
E 3 HOH 28  127 127 HOH HOH A . 
E 3 HOH 29  128 128 HOH HOH A . 
E 3 HOH 30  129 129 HOH HOH A . 
E 3 HOH 31  130 130 HOH HOH A . 
E 3 HOH 32  131 19  HOH HOH A . 
E 3 HOH 33  132 132 HOH HOH A . 
E 3 HOH 34  133 133 HOH HOH A . 
E 3 HOH 35  134 134 HOH HOH A . 
E 3 HOH 36  135 135 HOH HOH A . 
E 3 HOH 37  136 136 HOH HOH A . 
E 3 HOH 38  137 20  HOH HOH A . 
E 3 HOH 39  138 21  HOH HOH A . 
E 3 HOH 40  139 139 HOH HOH A . 
E 3 HOH 41  140 23  HOH HOH A . 
E 3 HOH 42  141 25  HOH HOH A . 
E 3 HOH 43  142 142 HOH HOH A . 
E 3 HOH 44  143 143 HOH HOH A . 
E 3 HOH 45  144 26  HOH HOH A . 
E 3 HOH 46  145 28  HOH HOH A . 
E 3 HOH 47  146 31  HOH HOH A . 
E 3 HOH 48  147 147 HOH HOH A . 
E 3 HOH 49  148 32  HOH HOH A . 
E 3 HOH 50  149 34  HOH HOH A . 
E 3 HOH 51  150 38  HOH HOH A . 
E 3 HOH 52  151 151 HOH HOH A . 
E 3 HOH 53  152 41  HOH HOH A . 
E 3 HOH 54  153 153 HOH HOH A . 
E 3 HOH 55  154 42  HOH HOH A . 
E 3 HOH 56  155 43  HOH HOH A . 
E 3 HOH 57  156 156 HOH HOH A . 
E 3 HOH 58  157 48  HOH HOH A . 
E 3 HOH 59  158 158 HOH HOH A . 
E 3 HOH 60  159 159 HOH HOH A . 
E 3 HOH 61  160 160 HOH HOH A . 
E 3 HOH 62  161 161 HOH HOH A . 
E 3 HOH 63  162 162 HOH HOH A . 
E 3 HOH 64  163 163 HOH HOH A . 
E 3 HOH 65  164 49  HOH HOH A . 
E 3 HOH 66  165 51  HOH HOH A . 
E 3 HOH 67  166 166 HOH HOH A . 
E 3 HOH 68  167 53  HOH HOH A . 
E 3 HOH 69  168 55  HOH HOH A . 
E 3 HOH 70  169 169 HOH HOH A . 
E 3 HOH 71  170 56  HOH HOH A . 
E 3 HOH 72  171 171 HOH HOH A . 
E 3 HOH 73  172 57  HOH HOH A . 
E 3 HOH 74  173 58  HOH HOH A . 
E 3 HOH 75  174 174 HOH HOH A . 
E 3 HOH 76  175 175 HOH HOH A . 
E 3 HOH 77  176 60  HOH HOH A . 
E 3 HOH 78  177 62  HOH HOH A . 
E 3 HOH 79  178 178 HOH HOH A . 
E 3 HOH 80  179 63  HOH HOH A . 
E 3 HOH 81  180 64  HOH HOH A . 
E 3 HOH 82  181 65  HOH HOH A . 
E 3 HOH 83  182 182 HOH HOH A . 
E 3 HOH 84  183 183 HOH HOH A . 
E 3 HOH 85  184 184 HOH HOH A . 
E 3 HOH 86  185 66  HOH HOH A . 
E 3 HOH 87  186 67  HOH HOH A . 
E 3 HOH 88  187 187 HOH HOH A . 
E 3 HOH 89  188 70  HOH HOH A . 
E 3 HOH 90  189 189 HOH HOH A . 
E 3 HOH 91  190 72  HOH HOH A . 
E 3 HOH 92  191 191 HOH HOH A . 
E 3 HOH 93  192 192 HOH HOH A . 
E 3 HOH 94  193 73  HOH HOH A . 
E 3 HOH 95  194 194 HOH HOH A . 
E 3 HOH 96  195 76  HOH HOH A . 
E 3 HOH 97  196 77  HOH HOH A . 
E 3 HOH 98  197 78  HOH HOH A . 
E 3 HOH 99  198 81  HOH HOH A . 
E 3 HOH 100 199 82  HOH HOH A . 
E 3 HOH 101 200 83  HOH HOH A . 
E 3 HOH 102 201 89  HOH HOH A . 
E 3 HOH 103 202 91  HOH HOH A . 
E 3 HOH 104 203 92  HOH HOH A . 
E 3 HOH 105 204 97  HOH HOH A . 
E 3 HOH 106 205 98  HOH HOH A . 
F 3 HOH 1   99  1   HOH HOH B . 
F 3 HOH 2   100 5   HOH HOH B . 
F 3 HOH 3   101 101 HOH HOH B . 
F 3 HOH 4   102 102 HOH HOH B . 
F 3 HOH 5   103 103 HOH HOH B . 
F 3 HOH 6   104 6   HOH HOH B . 
F 3 HOH 7   105 105 HOH HOH B . 
F 3 HOH 8   106 106 HOH HOH B . 
F 3 HOH 9   107 8   HOH HOH B . 
F 3 HOH 10  108 11  HOH HOH B . 
F 3 HOH 11  109 109 HOH HOH B . 
F 3 HOH 12  110 14  HOH HOH B . 
F 3 HOH 13  111 111 HOH HOH B . 
F 3 HOH 14  112 112 HOH HOH B . 
F 3 HOH 15  113 16  HOH HOH B . 
F 3 HOH 16  114 22  HOH HOH B . 
F 3 HOH 17  115 24  HOH HOH B . 
F 3 HOH 18  116 27  HOH HOH B . 
F 3 HOH 19  117 29  HOH HOH B . 
F 3 HOH 20  118 30  HOH HOH B . 
F 3 HOH 21  119 119 HOH HOH B . 
F 3 HOH 22  120 33  HOH HOH B . 
F 3 HOH 23  121 121 HOH HOH B . 
F 3 HOH 24  122 35  HOH HOH B . 
F 3 HOH 25  123 123 HOH HOH B . 
F 3 HOH 26  124 124 HOH HOH B . 
F 3 HOH 27  125 37  HOH HOH B . 
F 3 HOH 28  126 39  HOH HOH B . 
F 3 HOH 29  127 40  HOH HOH B . 
F 3 HOH 30  128 44  HOH HOH B . 
F 3 HOH 31  129 45  HOH HOH B . 
F 3 HOH 32  130 46  HOH HOH B . 
F 3 HOH 33  131 131 HOH HOH B . 
F 3 HOH 34  132 47  HOH HOH B . 
F 3 HOH 35  133 50  HOH HOH B . 
F 3 HOH 36  134 52  HOH HOH B . 
F 3 HOH 37  135 54  HOH HOH B . 
F 3 HOH 38  136 59  HOH HOH B . 
F 3 HOH 39  137 137 HOH HOH B . 
F 3 HOH 40  138 138 HOH HOH B . 
F 3 HOH 41  139 61  HOH HOH B . 
F 3 HOH 42  140 140 HOH HOH B . 
F 3 HOH 43  141 141 HOH HOH B . 
F 3 HOH 44  142 68  HOH HOH B . 
F 3 HOH 45  143 69  HOH HOH B . 
F 3 HOH 46  144 144 HOH HOH B . 
F 3 HOH 47  145 145 HOH HOH B . 
F 3 HOH 48  146 146 HOH HOH B . 
F 3 HOH 49  147 71  HOH HOH B . 
F 3 HOH 50  148 148 HOH HOH B . 
F 3 HOH 51  149 149 HOH HOH B . 
F 3 HOH 52  150 150 HOH HOH B . 
F 3 HOH 53  151 74  HOH HOH B . 
F 3 HOH 54  152 152 HOH HOH B . 
F 3 HOH 55  153 75  HOH HOH B . 
F 3 HOH 56  154 154 HOH HOH B . 
F 3 HOH 57  155 155 HOH HOH B . 
F 3 HOH 58  156 79  HOH HOH B . 
F 3 HOH 59  157 157 HOH HOH B . 
F 3 HOH 60  158 80  HOH HOH B . 
F 3 HOH 61  159 84  HOH HOH B . 
F 3 HOH 62  160 85  HOH HOH B . 
F 3 HOH 63  161 86  HOH HOH B . 
F 3 HOH 64  162 87  HOH HOH B . 
F 3 HOH 65  163 88  HOH HOH B . 
F 3 HOH 66  164 164 HOH HOH B . 
F 3 HOH 67  165 165 HOH HOH B . 
F 3 HOH 68  166 90  HOH HOH B . 
F 3 HOH 69  167 167 HOH HOH B . 
F 3 HOH 70  168 168 HOH HOH B . 
F 3 HOH 71  169 93  HOH HOH B . 
F 3 HOH 72  170 170 HOH HOH B . 
F 3 HOH 73  171 94  HOH HOH B . 
F 3 HOH 74  172 172 HOH HOH B . 
F 3 HOH 75  173 173 HOH HOH B . 
F 3 HOH 76  174 95  HOH HOH B . 
F 3 HOH 77  175 96  HOH HOH B . 
F 3 HOH 78  176 176 HOH HOH B . 
F 3 HOH 79  177 177 HOH HOH B . 
F 3 HOH 80  178 36  HOH HOH B . 
F 3 HOH 81  179 179 HOH HOH B . 
F 3 HOH 82  180 180 HOH HOH B . 
F 3 HOH 83  181 181 HOH HOH B . 
F 3 HOH 84  185 185 HOH HOH B . 
F 3 HOH 85  186 186 HOH HOH B . 
F 3 HOH 86  188 188 HOH HOH B . 
F 3 HOH 87  190 190 HOH HOH B . 
F 3 HOH 88  193 193 HOH HOH B . 
F 3 HOH 89  195 195 HOH HOH B . 
F 3 HOH 90  196 196 HOH HOH B . 
# 
loop_
_pdbx_struct_assembly.id 
_pdbx_struct_assembly.details 
_pdbx_struct_assembly.method_details 
_pdbx_struct_assembly.oligomeric_details 
_pdbx_struct_assembly.oligomeric_count 
1 author_and_software_defined_assembly PISA monomeric 1 
2 author_and_software_defined_assembly PISA monomeric 1 
# 
loop_
_pdbx_struct_assembly_gen.assembly_id 
_pdbx_struct_assembly_gen.oper_expression 
_pdbx_struct_assembly_gen.asym_id_list 
1 1 A,C,E 
2 1 B,D,F 
# 
_pdbx_struct_oper_list.id                   1 
_pdbx_struct_oper_list.type                 'identity operation' 
_pdbx_struct_oper_list.name                 1_555 
_pdbx_struct_oper_list.symmetry_operation   x,y,z 
_pdbx_struct_oper_list.matrix[1][1]         1.0000000000 
_pdbx_struct_oper_list.matrix[1][2]         0.0000000000 
_pdbx_struct_oper_list.matrix[1][3]         0.0000000000 
_pdbx_struct_oper_list.vector[1]            0.0000000000 
_pdbx_struct_oper_list.matrix[2][1]         0.0000000000 
_pdbx_struct_oper_list.matrix[2][2]         1.0000000000 
_pdbx_struct_oper_list.matrix[2][3]         0.0000000000 
_pdbx_struct_oper_list.vector[2]            0.0000000000 
_pdbx_struct_oper_list.matrix[3][1]         0.0000000000 
_pdbx_struct_oper_list.matrix[3][2]         0.0000000000 
_pdbx_struct_oper_list.matrix[3][3]         1.0000000000 
_pdbx_struct_oper_list.vector[3]            0.0000000000 
# 
loop_
_pdbx_audit_revision_history.ordinal 
_pdbx_audit_revision_history.data_content_type 
_pdbx_audit_revision_history.major_revision 
_pdbx_audit_revision_history.minor_revision 
_pdbx_audit_revision_history.revision_date 
1 'Structure model' 1 0 2009-09-22 
2 'Structure model' 1 1 2011-07-13 
3 'Structure model' 1 2 2023-09-06 
# 
_pdbx_audit_revision_details.ordinal             1 
_pdbx_audit_revision_details.revision_ordinal    1 
_pdbx_audit_revision_details.data_content_type   'Structure model' 
_pdbx_audit_revision_details.provider            repository 
_pdbx_audit_revision_details.type                'Initial release' 
_pdbx_audit_revision_details.description         ? 
_pdbx_audit_revision_details.details             ? 
# 
loop_
_pdbx_audit_revision_group.ordinal 
_pdbx_audit_revision_group.revision_ordinal 
_pdbx_audit_revision_group.data_content_type 
_pdbx_audit_revision_group.group 
1 2 'Structure model' Advisory                    
2 2 'Structure model' 'Version format compliance' 
3 3 'Structure model' 'Data collection'           
4 3 'Structure model' 'Database references'       
5 3 'Structure model' 'Derived calculations'      
6 3 'Structure model' 'Refinement description'    
# 
loop_
_pdbx_audit_revision_category.ordinal 
_pdbx_audit_revision_category.revision_ordinal 
_pdbx_audit_revision_category.data_content_type 
_pdbx_audit_revision_category.category 
1 3 'Structure model' chem_comp_atom                
2 3 'Structure model' chem_comp_bond                
3 3 'Structure model' database_2                    
4 3 'Structure model' pdbx_initial_refinement_model 
5 3 'Structure model' struct_site                   
# 
loop_
_pdbx_audit_revision_item.ordinal 
_pdbx_audit_revision_item.revision_ordinal 
_pdbx_audit_revision_item.data_content_type 
_pdbx_audit_revision_item.item 
1 3 'Structure model' '_database_2.pdbx_DOI'                
2 3 'Structure model' '_database_2.pdbx_database_accession' 
3 3 'Structure model' '_struct_site.pdbx_auth_asym_id'      
4 3 'Structure model' '_struct_site.pdbx_auth_comp_id'      
5 3 'Structure model' '_struct_site.pdbx_auth_seq_id'       
# 
loop_
_pdbx_refine_tls.pdbx_refine_id 
_pdbx_refine_tls.id 
_pdbx_refine_tls.details 
_pdbx_refine_tls.method 
_pdbx_refine_tls.origin_x 
_pdbx_refine_tls.origin_y 
_pdbx_refine_tls.origin_z 
_pdbx_refine_tls.T[1][1] 
_pdbx_refine_tls.T[2][2] 
_pdbx_refine_tls.T[3][3] 
_pdbx_refine_tls.T[1][2] 
_pdbx_refine_tls.T[1][3] 
_pdbx_refine_tls.T[2][3] 
_pdbx_refine_tls.L[1][1] 
_pdbx_refine_tls.L[2][2] 
_pdbx_refine_tls.L[3][3] 
_pdbx_refine_tls.L[1][2] 
_pdbx_refine_tls.L[1][3] 
_pdbx_refine_tls.L[2][3] 
_pdbx_refine_tls.S[1][1] 
_pdbx_refine_tls.S[1][2] 
_pdbx_refine_tls.S[1][3] 
_pdbx_refine_tls.S[2][1] 
_pdbx_refine_tls.S[2][2] 
_pdbx_refine_tls.S[2][3] 
_pdbx_refine_tls.S[3][1] 
_pdbx_refine_tls.S[3][2] 
_pdbx_refine_tls.S[3][3] 
'X-RAY DIFFRACTION' 1 ? refined 3.1532  -5.4046 12.6595  0.0229 0.0108 0.0163 0.0038  0.0057  0.0144 1.3871 1.9648 1.2771 0.4716  0.4091  1.0071 0.0351 0.0164  0.0326 0.0353  -0.0322 0.0348  0.0286  -0.0164 -0.0029 
'X-RAY DIFFRACTION' 2 ? refined -3.3284 5.6973  -13.0559 0.0105 0.0280 0.0059 -0.0122 -0.0009 0.0042 2.3890 1.7480 1.3036 -0.8373 -0.3592 0.3824 0.0129 -0.0632 0.0661 -0.0370 0.0363  -0.0825 -0.0336 0.1041  -0.0491 
# 
loop_
_pdbx_refine_tls_group.pdbx_refine_id 
_pdbx_refine_tls_group.id 
_pdbx_refine_tls_group.refine_tls_id 
_pdbx_refine_tls_group.beg_auth_asym_id 
_pdbx_refine_tls_group.beg_auth_seq_id 
_pdbx_refine_tls_group.beg_label_asym_id 
_pdbx_refine_tls_group.beg_label_seq_id 
_pdbx_refine_tls_group.end_auth_asym_id 
_pdbx_refine_tls_group.end_auth_seq_id 
_pdbx_refine_tls_group.end_label_asym_id 
_pdbx_refine_tls_group.end_label_seq_id 
_pdbx_refine_tls_group.selection 
_pdbx_refine_tls_group.selection_details 
'X-RAY DIFFRACTION' 1 1 A 1 ? ? A 97 ? ? ? ? 
'X-RAY DIFFRACTION' 2 2 B 5 ? ? B 97 ? ? ? ? 
# 
loop_
_software.name 
_software.classification 
_software.version 
_software.citation_id 
_software.pdbx_ordinal 
StructureStudio 'data collection' .        ? 1 
PHASER          phasing           .        ? 2 
REFMAC          refinement        5.5.0102 ? 3 
HKL-2000        'data reduction'  .        ? 4 
HKL-2000        'data scaling'    .        ? 5 
# 
loop_
_pdbx_validate_torsion.id 
_pdbx_validate_torsion.PDB_model_num 
_pdbx_validate_torsion.auth_comp_id 
_pdbx_validate_torsion.auth_asym_id 
_pdbx_validate_torsion.auth_seq_id 
_pdbx_validate_torsion.PDB_ins_code 
_pdbx_validate_torsion.label_alt_id 
_pdbx_validate_torsion.phi 
_pdbx_validate_torsion.psi 
1 1 TYR A 66 ? ? 52.22 -106.32 
2 1 TYR B 66 ? ? 54.63 -111.18 
# 
loop_
_pdbx_unobs_or_zero_occ_atoms.id 
_pdbx_unobs_or_zero_occ_atoms.PDB_model_num 
_pdbx_unobs_or_zero_occ_atoms.polymer_flag 
_pdbx_unobs_or_zero_occ_atoms.occupancy_flag 
_pdbx_unobs_or_zero_occ_atoms.auth_asym_id 
_pdbx_unobs_or_zero_occ_atoms.auth_comp_id 
_pdbx_unobs_or_zero_occ_atoms.auth_seq_id 
_pdbx_unobs_or_zero_occ_atoms.PDB_ins_code 
_pdbx_unobs_or_zero_occ_atoms.auth_atom_id 
_pdbx_unobs_or_zero_occ_atoms.label_alt_id 
_pdbx_unobs_or_zero_occ_atoms.label_asym_id 
_pdbx_unobs_or_zero_occ_atoms.label_comp_id 
_pdbx_unobs_or_zero_occ_atoms.label_seq_id 
_pdbx_unobs_or_zero_occ_atoms.label_atom_id 
1 1 Y 1 A ARG 3 ? CG  ? A ARG 3 CG  
2 1 Y 1 A ARG 3 ? CD  ? A ARG 3 CD  
3 1 Y 1 A ARG 3 ? NE  ? A ARG 3 NE  
4 1 Y 1 A ARG 3 ? CZ  ? A ARG 3 CZ  
5 1 Y 1 A ARG 3 ? NH1 ? A ARG 3 NH1 
6 1 Y 1 A ARG 3 ? NH2 ? A ARG 3 NH2 
# 
loop_
_pdbx_unobs_or_zero_occ_residues.id 
_pdbx_unobs_or_zero_occ_residues.PDB_model_num 
_pdbx_unobs_or_zero_occ_residues.polymer_flag 
_pdbx_unobs_or_zero_occ_residues.occupancy_flag 
_pdbx_unobs_or_zero_occ_residues.auth_asym_id 
_pdbx_unobs_or_zero_occ_residues.auth_comp_id 
_pdbx_unobs_or_zero_occ_residues.auth_seq_id 
_pdbx_unobs_or_zero_occ_residues.PDB_ins_code 
_pdbx_unobs_or_zero_occ_residues.label_asym_id 
_pdbx_unobs_or_zero_occ_residues.label_comp_id 
_pdbx_unobs_or_zero_occ_residues.label_seq_id 
1 1 Y 1 B MET 1 ? B MET 1 
2 1 Y 1 B ALA 2 ? B ALA 2 
3 1 Y 1 B ARG 3 ? B ARG 3 
# 
loop_
_chem_comp_atom.comp_id 
_chem_comp_atom.atom_id 
_chem_comp_atom.type_symbol 
_chem_comp_atom.pdbx_aromatic_flag 
_chem_comp_atom.pdbx_stereo_config 
_chem_comp_atom.pdbx_ordinal 
ALA N    N N N 1   
ALA CA   C N S 2   
ALA C    C N N 3   
ALA O    O N N 4   
ALA CB   C N N 5   
ALA OXT  O N N 6   
ALA H    H N N 7   
ALA H2   H N N 8   
ALA HA   H N N 9   
ALA HB1  H N N 10  
ALA HB2  H N N 11  
ALA HB3  H N N 12  
ALA HXT  H N N 13  
ARG N    N N N 14  
ARG CA   C N S 15  
ARG C    C N N 16  
ARG O    O N N 17  
ARG CB   C N N 18  
ARG CG   C N N 19  
ARG CD   C N N 20  
ARG NE   N N N 21  
ARG CZ   C N N 22  
ARG NH1  N N N 23  
ARG NH2  N N N 24  
ARG OXT  O N N 25  
ARG H    H N N 26  
ARG H2   H N N 27  
ARG HA   H N N 28  
ARG HB2  H N N 29  
ARG HB3  H N N 30  
ARG HG2  H N N 31  
ARG HG3  H N N 32  
ARG HD2  H N N 33  
ARG HD3  H N N 34  
ARG HE   H N N 35  
ARG HH11 H N N 36  
ARG HH12 H N N 37  
ARG HH21 H N N 38  
ARG HH22 H N N 39  
ARG HXT  H N N 40  
ASN N    N N N 41  
ASN CA   C N S 42  
ASN C    C N N 43  
ASN O    O N N 44  
ASN CB   C N N 45  
ASN CG   C N N 46  
ASN OD1  O N N 47  
ASN ND2  N N N 48  
ASN OXT  O N N 49  
ASN H    H N N 50  
ASN H2   H N N 51  
ASN HA   H N N 52  
ASN HB2  H N N 53  
ASN HB3  H N N 54  
ASN HD21 H N N 55  
ASN HD22 H N N 56  
ASN HXT  H N N 57  
ASP N    N N N 58  
ASP CA   C N S 59  
ASP C    C N N 60  
ASP O    O N N 61  
ASP CB   C N N 62  
ASP CG   C N N 63  
ASP OD1  O N N 64  
ASP OD2  O N N 65  
ASP OXT  O N N 66  
ASP H    H N N 67  
ASP H2   H N N 68  
ASP HA   H N N 69  
ASP HB2  H N N 70  
ASP HB3  H N N 71  
ASP HD2  H N N 72  
ASP HXT  H N N 73  
EDO C1   C N N 74  
EDO O1   O N N 75  
EDO C2   C N N 76  
EDO O2   O N N 77  
EDO H11  H N N 78  
EDO H12  H N N 79  
EDO HO1  H N N 80  
EDO H21  H N N 81  
EDO H22  H N N 82  
EDO HO2  H N N 83  
GLN N    N N N 84  
GLN CA   C N S 85  
GLN C    C N N 86  
GLN O    O N N 87  
GLN CB   C N N 88  
GLN CG   C N N 89  
GLN CD   C N N 90  
GLN OE1  O N N 91  
GLN NE2  N N N 92  
GLN OXT  O N N 93  
GLN H    H N N 94  
GLN H2   H N N 95  
GLN HA   H N N 96  
GLN HB2  H N N 97  
GLN HB3  H N N 98  
GLN HG2  H N N 99  
GLN HG3  H N N 100 
GLN HE21 H N N 101 
GLN HE22 H N N 102 
GLN HXT  H N N 103 
GLU N    N N N 104 
GLU CA   C N S 105 
GLU C    C N N 106 
GLU O    O N N 107 
GLU CB   C N N 108 
GLU CG   C N N 109 
GLU CD   C N N 110 
GLU OE1  O N N 111 
GLU OE2  O N N 112 
GLU OXT  O N N 113 
GLU H    H N N 114 
GLU H2   H N N 115 
GLU HA   H N N 116 
GLU HB2  H N N 117 
GLU HB3  H N N 118 
GLU HG2  H N N 119 
GLU HG3  H N N 120 
GLU HE2  H N N 121 
GLU HXT  H N N 122 
GLY N    N N N 123 
GLY CA   C N N 124 
GLY C    C N N 125 
GLY O    O N N 126 
GLY OXT  O N N 127 
GLY H    H N N 128 
GLY H2   H N N 129 
GLY HA2  H N N 130 
GLY HA3  H N N 131 
GLY HXT  H N N 132 
HIS N    N N N 133 
HIS CA   C N S 134 
HIS C    C N N 135 
HIS O    O N N 136 
HIS CB   C N N 137 
HIS CG   C Y N 138 
HIS ND1  N Y N 139 
HIS CD2  C Y N 140 
HIS CE1  C Y N 141 
HIS NE2  N Y N 142 
HIS OXT  O N N 143 
HIS H    H N N 144 
HIS H2   H N N 145 
HIS HA   H N N 146 
HIS HB2  H N N 147 
HIS HB3  H N N 148 
HIS HD1  H N N 149 
HIS HD2  H N N 150 
HIS HE1  H N N 151 
HIS HE2  H N N 152 
HIS HXT  H N N 153 
HOH O    O N N 154 
HOH H1   H N N 155 
HOH H2   H N N 156 
ILE N    N N N 157 
ILE CA   C N S 158 
ILE C    C N N 159 
ILE O    O N N 160 
ILE CB   C N S 161 
ILE CG1  C N N 162 
ILE CG2  C N N 163 
ILE CD1  C N N 164 
ILE OXT  O N N 165 
ILE H    H N N 166 
ILE H2   H N N 167 
ILE HA   H N N 168 
ILE HB   H N N 169 
ILE HG12 H N N 170 
ILE HG13 H N N 171 
ILE HG21 H N N 172 
ILE HG22 H N N 173 
ILE HG23 H N N 174 
ILE HD11 H N N 175 
ILE HD12 H N N 176 
ILE HD13 H N N 177 
ILE HXT  H N N 178 
LEU N    N N N 179 
LEU CA   C N S 180 
LEU C    C N N 181 
LEU O    O N N 182 
LEU CB   C N N 183 
LEU CG   C N N 184 
LEU CD1  C N N 185 
LEU CD2  C N N 186 
LEU OXT  O N N 187 
LEU H    H N N 188 
LEU H2   H N N 189 
LEU HA   H N N 190 
LEU HB2  H N N 191 
LEU HB3  H N N 192 
LEU HG   H N N 193 
LEU HD11 H N N 194 
LEU HD12 H N N 195 
LEU HD13 H N N 196 
LEU HD21 H N N 197 
LEU HD22 H N N 198 
LEU HD23 H N N 199 
LEU HXT  H N N 200 
LYS N    N N N 201 
LYS CA   C N S 202 
LYS C    C N N 203 
LYS O    O N N 204 
LYS CB   C N N 205 
LYS CG   C N N 206 
LYS CD   C N N 207 
LYS CE   C N N 208 
LYS NZ   N N N 209 
LYS OXT  O N N 210 
LYS H    H N N 211 
LYS H2   H N N 212 
LYS HA   H N N 213 
LYS HB2  H N N 214 
LYS HB3  H N N 215 
LYS HG2  H N N 216 
LYS HG3  H N N 217 
LYS HD2  H N N 218 
LYS HD3  H N N 219 
LYS HE2  H N N 220 
LYS HE3  H N N 221 
LYS HZ1  H N N 222 
LYS HZ2  H N N 223 
LYS HZ3  H N N 224 
LYS HXT  H N N 225 
MET N    N N N 226 
MET CA   C N S 227 
MET C    C N N 228 
MET O    O N N 229 
MET CB   C N N 230 
MET CG   C N N 231 
MET SD   S N N 232 
MET CE   C N N 233 
MET OXT  O N N 234 
MET H    H N N 235 
MET H2   H N N 236 
MET HA   H N N 237 
MET HB2  H N N 238 
MET HB3  H N N 239 
MET HG2  H N N 240 
MET HG3  H N N 241 
MET HE1  H N N 242 
MET HE2  H N N 243 
MET HE3  H N N 244 
MET HXT  H N N 245 
PHE N    N N N 246 
PHE CA   C N S 247 
PHE C    C N N 248 
PHE O    O N N 249 
PHE CB   C N N 250 
PHE CG   C Y N 251 
PHE CD1  C Y N 252 
PHE CD2  C Y N 253 
PHE CE1  C Y N 254 
PHE CE2  C Y N 255 
PHE CZ   C Y N 256 
PHE OXT  O N N 257 
PHE H    H N N 258 
PHE H2   H N N 259 
PHE HA   H N N 260 
PHE HB2  H N N 261 
PHE HB3  H N N 262 
PHE HD1  H N N 263 
PHE HD2  H N N 264 
PHE HE1  H N N 265 
PHE HE2  H N N 266 
PHE HZ   H N N 267 
PHE HXT  H N N 268 
PRO N    N N N 269 
PRO CA   C N S 270 
PRO C    C N N 271 
PRO O    O N N 272 
PRO CB   C N N 273 
PRO CG   C N N 274 
PRO CD   C N N 275 
PRO OXT  O N N 276 
PRO H    H N N 277 
PRO HA   H N N 278 
PRO HB2  H N N 279 
PRO HB3  H N N 280 
PRO HG2  H N N 281 
PRO HG3  H N N 282 
PRO HD2  H N N 283 
PRO HD3  H N N 284 
PRO HXT  H N N 285 
SER N    N N N 286 
SER CA   C N S 287 
SER C    C N N 288 
SER O    O N N 289 
SER CB   C N N 290 
SER OG   O N N 291 
SER OXT  O N N 292 
SER H    H N N 293 
SER H2   H N N 294 
SER HA   H N N 295 
SER HB2  H N N 296 
SER HB3  H N N 297 
SER HG   H N N 298 
SER HXT  H N N 299 
THR N    N N N 300 
THR CA   C N S 301 
THR C    C N N 302 
THR O    O N N 303 
THR CB   C N R 304 
THR OG1  O N N 305 
THR CG2  C N N 306 
THR OXT  O N N 307 
THR H    H N N 308 
THR H2   H N N 309 
THR HA   H N N 310 
THR HB   H N N 311 
THR HG1  H N N 312 
THR HG21 H N N 313 
THR HG22 H N N 314 
THR HG23 H N N 315 
THR HXT  H N N 316 
TRP N    N N N 317 
TRP CA   C N S 318 
TRP C    C N N 319 
TRP O    O N N 320 
TRP CB   C N N 321 
TRP CG   C Y N 322 
TRP CD1  C Y N 323 
TRP CD2  C Y N 324 
TRP NE1  N Y N 325 
TRP CE2  C Y N 326 
TRP CE3  C Y N 327 
TRP CZ2  C Y N 328 
TRP CZ3  C Y N 329 
TRP CH2  C Y N 330 
TRP OXT  O N N 331 
TRP H    H N N 332 
TRP H2   H N N 333 
TRP HA   H N N 334 
TRP HB2  H N N 335 
TRP HB3  H N N 336 
TRP HD1  H N N 337 
TRP HE1  H N N 338 
TRP HE3  H N N 339 
TRP HZ2  H N N 340 
TRP HZ3  H N N 341 
TRP HH2  H N N 342 
TRP HXT  H N N 343 
TYR N    N N N 344 
TYR CA   C N S 345 
TYR C    C N N 346 
TYR O    O N N 347 
TYR CB   C N N 348 
TYR CG   C Y N 349 
TYR CD1  C Y N 350 
TYR CD2  C Y N 351 
TYR CE1  C Y N 352 
TYR CE2  C Y N 353 
TYR CZ   C Y N 354 
TYR OH   O N N 355 
TYR OXT  O N N 356 
TYR H    H N N 357 
TYR H2   H N N 358 
TYR HA   H N N 359 
TYR HB2  H N N 360 
TYR HB3  H N N 361 
TYR HD1  H N N 362 
TYR HD2  H N N 363 
TYR HE1  H N N 364 
TYR HE2  H N N 365 
TYR HH   H N N 366 
TYR HXT  H N N 367 
VAL N    N N N 368 
VAL CA   C N S 369 
VAL C    C N N 370 
VAL O    O N N 371 
VAL CB   C N N 372 
VAL CG1  C N N 373 
VAL CG2  C N N 374 
VAL OXT  O N N 375 
VAL H    H N N 376 
VAL H2   H N N 377 
VAL HA   H N N 378 
VAL HB   H N N 379 
VAL HG11 H N N 380 
VAL HG12 H N N 381 
VAL HG13 H N N 382 
VAL HG21 H N N 383 
VAL HG22 H N N 384 
VAL HG23 H N N 385 
VAL HXT  H N N 386 
# 
loop_
_chem_comp_bond.comp_id 
_chem_comp_bond.atom_id_1 
_chem_comp_bond.atom_id_2 
_chem_comp_bond.value_order 
_chem_comp_bond.pdbx_aromatic_flag 
_chem_comp_bond.pdbx_stereo_config 
_chem_comp_bond.pdbx_ordinal 
ALA N   CA   sing N N 1   
ALA N   H    sing N N 2   
ALA N   H2   sing N N 3   
ALA CA  C    sing N N 4   
ALA CA  CB   sing N N 5   
ALA CA  HA   sing N N 6   
ALA C   O    doub N N 7   
ALA C   OXT  sing N N 8   
ALA CB  HB1  sing N N 9   
ALA CB  HB2  sing N N 10  
ALA CB  HB3  sing N N 11  
ALA OXT HXT  sing N N 12  
ARG N   CA   sing N N 13  
ARG N   H    sing N N 14  
ARG N   H2   sing N N 15  
ARG CA  C    sing N N 16  
ARG CA  CB   sing N N 17  
ARG CA  HA   sing N N 18  
ARG C   O    doub N N 19  
ARG C   OXT  sing N N 20  
ARG CB  CG   sing N N 21  
ARG CB  HB2  sing N N 22  
ARG CB  HB3  sing N N 23  
ARG CG  CD   sing N N 24  
ARG CG  HG2  sing N N 25  
ARG CG  HG3  sing N N 26  
ARG CD  NE   sing N N 27  
ARG CD  HD2  sing N N 28  
ARG CD  HD3  sing N N 29  
ARG NE  CZ   sing N N 30  
ARG NE  HE   sing N N 31  
ARG CZ  NH1  sing N N 32  
ARG CZ  NH2  doub N N 33  
ARG NH1 HH11 sing N N 34  
ARG NH1 HH12 sing N N 35  
ARG NH2 HH21 sing N N 36  
ARG NH2 HH22 sing N N 37  
ARG OXT HXT  sing N N 38  
ASN N   CA   sing N N 39  
ASN N   H    sing N N 40  
ASN N   H2   sing N N 41  
ASN CA  C    sing N N 42  
ASN CA  CB   sing N N 43  
ASN CA  HA   sing N N 44  
ASN C   O    doub N N 45  
ASN C   OXT  sing N N 46  
ASN CB  CG   sing N N 47  
ASN CB  HB2  sing N N 48  
ASN CB  HB3  sing N N 49  
ASN CG  OD1  doub N N 50  
ASN CG  ND2  sing N N 51  
ASN ND2 HD21 sing N N 52  
ASN ND2 HD22 sing N N 53  
ASN OXT HXT  sing N N 54  
ASP N   CA   sing N N 55  
ASP N   H    sing N N 56  
ASP N   H2   sing N N 57  
ASP CA  C    sing N N 58  
ASP CA  CB   sing N N 59  
ASP CA  HA   sing N N 60  
ASP C   O    doub N N 61  
ASP C   OXT  sing N N 62  
ASP CB  CG   sing N N 63  
ASP CB  HB2  sing N N 64  
ASP CB  HB3  sing N N 65  
ASP CG  OD1  doub N N 66  
ASP CG  OD2  sing N N 67  
ASP OD2 HD2  sing N N 68  
ASP OXT HXT  sing N N 69  
EDO C1  O1   sing N N 70  
EDO C1  C2   sing N N 71  
EDO C1  H11  sing N N 72  
EDO C1  H12  sing N N 73  
EDO O1  HO1  sing N N 74  
EDO C2  O2   sing N N 75  
EDO C2  H21  sing N N 76  
EDO C2  H22  sing N N 77  
EDO O2  HO2  sing N N 78  
GLN N   CA   sing N N 79  
GLN N   H    sing N N 80  
GLN N   H2   sing N N 81  
GLN CA  C    sing N N 82  
GLN CA  CB   sing N N 83  
GLN CA  HA   sing N N 84  
GLN C   O    doub N N 85  
GLN C   OXT  sing N N 86  
GLN CB  CG   sing N N 87  
GLN CB  HB2  sing N N 88  
GLN CB  HB3  sing N N 89  
GLN CG  CD   sing N N 90  
GLN CG  HG2  sing N N 91  
GLN CG  HG3  sing N N 92  
GLN CD  OE1  doub N N 93  
GLN CD  NE2  sing N N 94  
GLN NE2 HE21 sing N N 95  
GLN NE2 HE22 sing N N 96  
GLN OXT HXT  sing N N 97  
GLU N   CA   sing N N 98  
GLU N   H    sing N N 99  
GLU N   H2   sing N N 100 
GLU CA  C    sing N N 101 
GLU CA  CB   sing N N 102 
GLU CA  HA   sing N N 103 
GLU C   O    doub N N 104 
GLU C   OXT  sing N N 105 
GLU CB  CG   sing N N 106 
GLU CB  HB2  sing N N 107 
GLU CB  HB3  sing N N 108 
GLU CG  CD   sing N N 109 
GLU CG  HG2  sing N N 110 
GLU CG  HG3  sing N N 111 
GLU CD  OE1  doub N N 112 
GLU CD  OE2  sing N N 113 
GLU OE2 HE2  sing N N 114 
GLU OXT HXT  sing N N 115 
GLY N   CA   sing N N 116 
GLY N   H    sing N N 117 
GLY N   H2   sing N N 118 
GLY CA  C    sing N N 119 
GLY CA  HA2  sing N N 120 
GLY CA  HA3  sing N N 121 
GLY C   O    doub N N 122 
GLY C   OXT  sing N N 123 
GLY OXT HXT  sing N N 124 
HIS N   CA   sing N N 125 
HIS N   H    sing N N 126 
HIS N   H2   sing N N 127 
HIS CA  C    sing N N 128 
HIS CA  CB   sing N N 129 
HIS CA  HA   sing N N 130 
HIS C   O    doub N N 131 
HIS C   OXT  sing N N 132 
HIS CB  CG   sing N N 133 
HIS CB  HB2  sing N N 134 
HIS CB  HB3  sing N N 135 
HIS CG  ND1  sing Y N 136 
HIS CG  CD2  doub Y N 137 
HIS ND1 CE1  doub Y N 138 
HIS ND1 HD1  sing N N 139 
HIS CD2 NE2  sing Y N 140 
HIS CD2 HD2  sing N N 141 
HIS CE1 NE2  sing Y N 142 
HIS CE1 HE1  sing N N 143 
HIS NE2 HE2  sing N N 144 
HIS OXT HXT  sing N N 145 
HOH O   H1   sing N N 146 
HOH O   H2   sing N N 147 
ILE N   CA   sing N N 148 
ILE N   H    sing N N 149 
ILE N   H2   sing N N 150 
ILE CA  C    sing N N 151 
ILE CA  CB   sing N N 152 
ILE CA  HA   sing N N 153 
ILE C   O    doub N N 154 
ILE C   OXT  sing N N 155 
ILE CB  CG1  sing N N 156 
ILE CB  CG2  sing N N 157 
ILE CB  HB   sing N N 158 
ILE CG1 CD1  sing N N 159 
ILE CG1 HG12 sing N N 160 
ILE CG1 HG13 sing N N 161 
ILE CG2 HG21 sing N N 162 
ILE CG2 HG22 sing N N 163 
ILE CG2 HG23 sing N N 164 
ILE CD1 HD11 sing N N 165 
ILE CD1 HD12 sing N N 166 
ILE CD1 HD13 sing N N 167 
ILE OXT HXT  sing N N 168 
LEU N   CA   sing N N 169 
LEU N   H    sing N N 170 
LEU N   H2   sing N N 171 
LEU CA  C    sing N N 172 
LEU CA  CB   sing N N 173 
LEU CA  HA   sing N N 174 
LEU C   O    doub N N 175 
LEU C   OXT  sing N N 176 
LEU CB  CG   sing N N 177 
LEU CB  HB2  sing N N 178 
LEU CB  HB3  sing N N 179 
LEU CG  CD1  sing N N 180 
LEU CG  CD2  sing N N 181 
LEU CG  HG   sing N N 182 
LEU CD1 HD11 sing N N 183 
LEU CD1 HD12 sing N N 184 
LEU CD1 HD13 sing N N 185 
LEU CD2 HD21 sing N N 186 
LEU CD2 HD22 sing N N 187 
LEU CD2 HD23 sing N N 188 
LEU OXT HXT  sing N N 189 
LYS N   CA   sing N N 190 
LYS N   H    sing N N 191 
LYS N   H2   sing N N 192 
LYS CA  C    sing N N 193 
LYS CA  CB   sing N N 194 
LYS CA  HA   sing N N 195 
LYS C   O    doub N N 196 
LYS C   OXT  sing N N 197 
LYS CB  CG   sing N N 198 
LYS CB  HB2  sing N N 199 
LYS CB  HB3  sing N N 200 
LYS CG  CD   sing N N 201 
LYS CG  HG2  sing N N 202 
LYS CG  HG3  sing N N 203 
LYS CD  CE   sing N N 204 
LYS CD  HD2  sing N N 205 
LYS CD  HD3  sing N N 206 
LYS CE  NZ   sing N N 207 
LYS CE  HE2  sing N N 208 
LYS CE  HE3  sing N N 209 
LYS NZ  HZ1  sing N N 210 
LYS NZ  HZ2  sing N N 211 
LYS NZ  HZ3  sing N N 212 
LYS OXT HXT  sing N N 213 
MET N   CA   sing N N 214 
MET N   H    sing N N 215 
MET N   H2   sing N N 216 
MET CA  C    sing N N 217 
MET CA  CB   sing N N 218 
MET CA  HA   sing N N 219 
MET C   O    doub N N 220 
MET C   OXT  sing N N 221 
MET CB  CG   sing N N 222 
MET CB  HB2  sing N N 223 
MET CB  HB3  sing N N 224 
MET CG  SD   sing N N 225 
MET CG  HG2  sing N N 226 
MET CG  HG3  sing N N 227 
MET SD  CE   sing N N 228 
MET CE  HE1  sing N N 229 
MET CE  HE2  sing N N 230 
MET CE  HE3  sing N N 231 
MET OXT HXT  sing N N 232 
PHE N   CA   sing N N 233 
PHE N   H    sing N N 234 
PHE N   H2   sing N N 235 
PHE CA  C    sing N N 236 
PHE CA  CB   sing N N 237 
PHE CA  HA   sing N N 238 
PHE C   O    doub N N 239 
PHE C   OXT  sing N N 240 
PHE CB  CG   sing N N 241 
PHE CB  HB2  sing N N 242 
PHE CB  HB3  sing N N 243 
PHE CG  CD1  doub Y N 244 
PHE CG  CD2  sing Y N 245 
PHE CD1 CE1  sing Y N 246 
PHE CD1 HD1  sing N N 247 
PHE CD2 CE2  doub Y N 248 
PHE CD2 HD2  sing N N 249 
PHE CE1 CZ   doub Y N 250 
PHE CE1 HE1  sing N N 251 
PHE CE2 CZ   sing Y N 252 
PHE CE2 HE2  sing N N 253 
PHE CZ  HZ   sing N N 254 
PHE OXT HXT  sing N N 255 
PRO N   CA   sing N N 256 
PRO N   CD   sing N N 257 
PRO N   H    sing N N 258 
PRO CA  C    sing N N 259 
PRO CA  CB   sing N N 260 
PRO CA  HA   sing N N 261 
PRO C   O    doub N N 262 
PRO C   OXT  sing N N 263 
PRO CB  CG   sing N N 264 
PRO CB  HB2  sing N N 265 
PRO CB  HB3  sing N N 266 
PRO CG  CD   sing N N 267 
PRO CG  HG2  sing N N 268 
PRO CG  HG3  sing N N 269 
PRO CD  HD2  sing N N 270 
PRO CD  HD3  sing N N 271 
PRO OXT HXT  sing N N 272 
SER N   CA   sing N N 273 
SER N   H    sing N N 274 
SER N   H2   sing N N 275 
SER CA  C    sing N N 276 
SER CA  CB   sing N N 277 
SER CA  HA   sing N N 278 
SER C   O    doub N N 279 
SER C   OXT  sing N N 280 
SER CB  OG   sing N N 281 
SER CB  HB2  sing N N 282 
SER CB  HB3  sing N N 283 
SER OG  HG   sing N N 284 
SER OXT HXT  sing N N 285 
THR N   CA   sing N N 286 
THR N   H    sing N N 287 
THR N   H2   sing N N 288 
THR CA  C    sing N N 289 
THR CA  CB   sing N N 290 
THR CA  HA   sing N N 291 
THR C   O    doub N N 292 
THR C   OXT  sing N N 293 
THR CB  OG1  sing N N 294 
THR CB  CG2  sing N N 295 
THR CB  HB   sing N N 296 
THR OG1 HG1  sing N N 297 
THR CG2 HG21 sing N N 298 
THR CG2 HG22 sing N N 299 
THR CG2 HG23 sing N N 300 
THR OXT HXT  sing N N 301 
TRP N   CA   sing N N 302 
TRP N   H    sing N N 303 
TRP N   H2   sing N N 304 
TRP CA  C    sing N N 305 
TRP CA  CB   sing N N 306 
TRP CA  HA   sing N N 307 
TRP C   O    doub N N 308 
TRP C   OXT  sing N N 309 
TRP CB  CG   sing N N 310 
TRP CB  HB2  sing N N 311 
TRP CB  HB3  sing N N 312 
TRP CG  CD1  doub Y N 313 
TRP CG  CD2  sing Y N 314 
TRP CD1 NE1  sing Y N 315 
TRP CD1 HD1  sing N N 316 
TRP CD2 CE2  doub Y N 317 
TRP CD2 CE3  sing Y N 318 
TRP NE1 CE2  sing Y N 319 
TRP NE1 HE1  sing N N 320 
TRP CE2 CZ2  sing Y N 321 
TRP CE3 CZ3  doub Y N 322 
TRP CE3 HE3  sing N N 323 
TRP CZ2 CH2  doub Y N 324 
TRP CZ2 HZ2  sing N N 325 
TRP CZ3 CH2  sing Y N 326 
TRP CZ3 HZ3  sing N N 327 
TRP CH2 HH2  sing N N 328 
TRP OXT HXT  sing N N 329 
TYR N   CA   sing N N 330 
TYR N   H    sing N N 331 
TYR N   H2   sing N N 332 
TYR CA  C    sing N N 333 
TYR CA  CB   sing N N 334 
TYR CA  HA   sing N N 335 
TYR C   O    doub N N 336 
TYR C   OXT  sing N N 337 
TYR CB  CG   sing N N 338 
TYR CB  HB2  sing N N 339 
TYR CB  HB3  sing N N 340 
TYR CG  CD1  doub Y N 341 
TYR CG  CD2  sing Y N 342 
TYR CD1 CE1  sing Y N 343 
TYR CD1 HD1  sing N N 344 
TYR CD2 CE2  doub Y N 345 
TYR CD2 HD2  sing N N 346 
TYR CE1 CZ   doub Y N 347 
TYR CE1 HE1  sing N N 348 
TYR CE2 CZ   sing Y N 349 
TYR CE2 HE2  sing N N 350 
TYR CZ  OH   sing N N 351 
TYR OH  HH   sing N N 352 
TYR OXT HXT  sing N N 353 
VAL N   CA   sing N N 354 
VAL N   H    sing N N 355 
VAL N   H2   sing N N 356 
VAL CA  C    sing N N 357 
VAL CA  CB   sing N N 358 
VAL CA  HA   sing N N 359 
VAL C   O    doub N N 360 
VAL C   OXT  sing N N 361 
VAL CB  CG1  sing N N 362 
VAL CB  CG2  sing N N 363 
VAL CB  HB   sing N N 364 
VAL CG1 HG11 sing N N 365 
VAL CG1 HG12 sing N N 366 
VAL CG1 HG13 sing N N 367 
VAL CG2 HG21 sing N N 368 
VAL CG2 HG22 sing N N 369 
VAL CG2 HG23 sing N N 370 
VAL OXT HXT  sing N N 371 
# 
loop_
_pdbx_entity_nonpoly.entity_id 
_pdbx_entity_nonpoly.name 
_pdbx_entity_nonpoly.comp_id 
2 1,2-ETHANEDIOL EDO 
3 water          HOH 
# 
_pdbx_initial_refinement_model.id               1 
_pdbx_initial_refinement_model.entity_id_list   ? 
_pdbx_initial_refinement_model.type             'experimental model' 
_pdbx_initial_refinement_model.source_name      PDB 
_pdbx_initial_refinement_model.accession_code   1DCH 
_pdbx_initial_refinement_model.details          'pdb entry 1DCH' 
# 
